data_1FP0
# 
_entry.id   1FP0 
# 
_audit_conform.dict_name       mmcif_pdbx.dic 
_audit_conform.dict_version    5.392 
_audit_conform.dict_location   http://mmcif.pdb.org/dictionaries/ascii/mmcif_pdbx.dic 
# 
loop_
_database_2.database_id 
_database_2.database_code 
_database_2.pdbx_database_accession 
_database_2.pdbx_DOI 
PDB   1FP0         pdb_00001fp0 10.2210/pdb1fp0/pdb 
RCSB  RCSB011783   ?            ?                   
WWPDB D_1000011783 ?            ?                   
# 
loop_
_pdbx_audit_revision_history.ordinal 
_pdbx_audit_revision_history.data_content_type 
_pdbx_audit_revision_history.major_revision 
_pdbx_audit_revision_history.minor_revision 
_pdbx_audit_revision_history.revision_date 
1 'Structure model' 1 0 2001-01-24 
2 'Structure model' 1 1 2008-04-27 
3 'Structure model' 1 2 2011-07-13 
4 'Structure model' 1 3 2022-02-23 
5 'Structure model' 1 4 2024-05-22 
# 
_pdbx_audit_revision_details.ordinal             1 
_pdbx_audit_revision_details.revision_ordinal    1 
_pdbx_audit_revision_details.data_content_type   'Structure model' 
_pdbx_audit_revision_details.provider            repository 
_pdbx_audit_revision_details.type                'Initial release' 
_pdbx_audit_revision_details.description         ? 
_pdbx_audit_revision_details.details             ? 
# 
loop_
_pdbx_audit_revision_group.ordinal 
_pdbx_audit_revision_group.revision_ordinal 
_pdbx_audit_revision_group.data_content_type 
_pdbx_audit_revision_group.group 
1 2 'Structure model' 'Version format compliance' 
2 3 'Structure model' 'Version format compliance' 
3 4 'Structure model' 'Database references'       
4 4 'Structure model' 'Derived calculations'      
5 5 'Structure model' 'Data collection'           
# 
loop_
_pdbx_audit_revision_category.ordinal 
_pdbx_audit_revision_category.revision_ordinal 
_pdbx_audit_revision_category.data_content_type 
_pdbx_audit_revision_category.category 
1 4 'Structure model' database_2             
2 4 'Structure model' pdbx_struct_assembly   
3 4 'Structure model' pdbx_struct_conn_angle 
4 4 'Structure model' pdbx_struct_oper_list  
5 4 'Structure model' struct_conn            
6 4 'Structure model' struct_ref_seq_dif     
7 4 'Structure model' struct_site            
8 5 'Structure model' chem_comp_atom         
9 5 'Structure model' chem_comp_bond         
# 
loop_
_pdbx_audit_revision_item.ordinal 
_pdbx_audit_revision_item.revision_ordinal 
_pdbx_audit_revision_item.data_content_type 
_pdbx_audit_revision_item.item 
1  4 'Structure model' '_database_2.pdbx_DOI'                        
2  4 'Structure model' '_database_2.pdbx_database_accession'         
3  4 'Structure model' '_pdbx_struct_conn_angle.ptnr1_auth_comp_id'  
4  4 'Structure model' '_pdbx_struct_conn_angle.ptnr1_auth_seq_id'   
5  4 'Structure model' '_pdbx_struct_conn_angle.ptnr1_label_atom_id' 
6  4 'Structure model' '_pdbx_struct_conn_angle.ptnr1_label_comp_id' 
7  4 'Structure model' '_pdbx_struct_conn_angle.ptnr1_label_seq_id'  
8  4 'Structure model' '_pdbx_struct_conn_angle.ptnr2_auth_seq_id'   
9  4 'Structure model' '_pdbx_struct_conn_angle.ptnr2_label_asym_id' 
10 4 'Structure model' '_pdbx_struct_conn_angle.ptnr3_auth_comp_id'  
11 4 'Structure model' '_pdbx_struct_conn_angle.ptnr3_auth_seq_id'   
12 4 'Structure model' '_pdbx_struct_conn_angle.ptnr3_label_atom_id' 
13 4 'Structure model' '_pdbx_struct_conn_angle.ptnr3_label_comp_id' 
14 4 'Structure model' '_pdbx_struct_conn_angle.ptnr3_label_seq_id'  
15 4 'Structure model' '_pdbx_struct_conn_angle.value'               
16 4 'Structure model' '_struct_conn.pdbx_dist_value'                
17 4 'Structure model' '_struct_conn.ptnr1_auth_comp_id'             
18 4 'Structure model' '_struct_conn.ptnr1_auth_seq_id'              
19 4 'Structure model' '_struct_conn.ptnr1_label_asym_id'            
20 4 'Structure model' '_struct_conn.ptnr1_label_atom_id'            
21 4 'Structure model' '_struct_conn.ptnr1_label_comp_id'            
22 4 'Structure model' '_struct_conn.ptnr1_label_seq_id'             
23 4 'Structure model' '_struct_conn.ptnr2_auth_comp_id'             
24 4 'Structure model' '_struct_conn.ptnr2_auth_seq_id'              
25 4 'Structure model' '_struct_conn.ptnr2_label_asym_id'            
26 4 'Structure model' '_struct_conn.ptnr2_label_atom_id'            
27 4 'Structure model' '_struct_conn.ptnr2_label_comp_id'            
28 4 'Structure model' '_struct_conn.ptnr2_label_seq_id'             
29 4 'Structure model' '_struct_ref_seq_dif.details'                 
30 4 'Structure model' '_struct_site.pdbx_auth_asym_id'              
31 4 'Structure model' '_struct_site.pdbx_auth_comp_id'              
32 4 'Structure model' '_struct_site.pdbx_auth_seq_id'               
# 
_pdbx_database_status.status_code                     REL 
_pdbx_database_status.entry_id                        1FP0 
_pdbx_database_status.recvd_initial_deposition_date   2000-08-29 
_pdbx_database_status.deposit_site                    RCSB 
_pdbx_database_status.process_site                    RCSB 
_pdbx_database_status.SG_entry                        . 
_pdbx_database_status.pdb_format_compatible           Y 
_pdbx_database_status.status_code_mr                  ? 
_pdbx_database_status.status_code_sf                  ? 
_pdbx_database_status.status_code_cs                  ? 
_pdbx_database_status.status_code_nmr_data            ? 
_pdbx_database_status.methods_development_category    ? 
# 
loop_
_audit_author.name 
_audit_author.pdbx_ordinal 
'Capili, A.D.'       1 
'Schultz, D.C.'      2 
'Rauscher III, F.J.' 3 
'Borden, K.L.B.'     4 
# 
_citation.id                        primary 
_citation.title                     
;Solution structure of the PHD domain from the KAP-1 corepressor: structural determinants for PHD, RING and LIM zinc-binding domains.
;
_citation.journal_abbrev            'EMBO J.' 
_citation.journal_volume            20 
_citation.page_first                165 
_citation.page_last                 177 
_citation.year                      2001 
_citation.journal_id_ASTM           EMJODG 
_citation.country                   UK 
_citation.journal_id_ISSN           0261-4189 
_citation.journal_id_CSD            0897 
_citation.book_publisher            ? 
_citation.pdbx_database_id_PubMed   11226167 
_citation.pdbx_database_id_DOI      10.1093/emboj/20.1.165 
# 
loop_
_citation_author.citation_id 
_citation_author.name 
_citation_author.ordinal 
_citation_author.identifier_ORCID 
primary 'Capili, A.D.'      1 ? 
primary 'Schultz, D.C.'     2 ? 
primary 'RauscherIII, F.J.' 3 ? 
primary 'Borden, K.L.'      4 ? 
# 
loop_
_entity.id 
_entity.type 
_entity.src_method 
_entity.pdbx_description 
_entity.formula_weight 
_entity.pdbx_number_of_molecules 
_entity.pdbx_ec 
_entity.pdbx_mutation 
_entity.pdbx_fragment 
_entity.details 
1 polymer     man 'KAP-1 COREPRESSOR' 9939.204 1 ? ? 'PHD DOMAIN' ? 
2 non-polymer syn 'ZINC ION'          65.409   2 ? ? ?            ? 
# 
_entity_name_com.entity_id   1 
_entity_name_com.name        'TRANSCRIPTION INTERMEDIARY FACTOR 1-BETA, NUCLEAR COREPRESSOR, KAP-1, KRAB-ASSOCIATED PROTEIN 1' 
# 
_entity_poly.entity_id                      1 
_entity_poly.type                           'polypeptide(L)' 
_entity_poly.nstd_linkage                   no 
_entity_poly.nstd_monomer                   no 
_entity_poly.pdbx_seq_one_letter_code       
;MRGSHHHHHHGSDIIDEFGTLDDSATICRVCQKPGDLVMCNQCEFCFHLDCHLPALQDVPGEEWSCSLCHVLPDLKEEDV
DLQACKLN
;
_entity_poly.pdbx_seq_one_letter_code_can   
;MRGSHHHHHHGSDIIDEFGTLDDSATICRVCQKPGDLVMCNQCEFCFHLDCHLPALQDVPGEEWSCSLCHVLPDLKEEDV
DLQACKLN
;
_entity_poly.pdbx_strand_id                 A 
_entity_poly.pdbx_target_identifier         ? 
# 
_pdbx_entity_nonpoly.entity_id   2 
_pdbx_entity_nonpoly.name        'ZINC ION' 
_pdbx_entity_nonpoly.comp_id     ZN 
# 
loop_
_entity_poly_seq.entity_id 
_entity_poly_seq.num 
_entity_poly_seq.mon_id 
_entity_poly_seq.hetero 
1 1  MET n 
1 2  ARG n 
1 3  GLY n 
1 4  SER n 
1 5  HIS n 
1 6  HIS n 
1 7  HIS n 
1 8  HIS n 
1 9  HIS n 
1 10 HIS n 
1 11 GLY n 
1 12 SER n 
1 13 ASP n 
1 14 ILE n 
1 15 ILE n 
1 16 ASP n 
1 17 GLU n 
1 18 PHE n 
1 19 GLY n 
1 20 THR n 
1 21 LEU n 
1 22 ASP n 
1 23 ASP n 
1 24 SER n 
1 25 ALA n 
1 26 THR n 
1 27 ILE n 
1 28 CYS n 
1 29 ARG n 
1 30 VAL n 
1 31 CYS n 
1 32 GLN n 
1 33 LYS n 
1 34 PRO n 
1 35 GLY n 
1 36 ASP n 
1 37 LEU n 
1 38 VAL n 
1 39 MET n 
1 40 CYS n 
1 41 ASN n 
1 42 GLN n 
1 43 CYS n 
1 44 GLU n 
1 45 PHE n 
1 46 CYS n 
1 47 PHE n 
1 48 HIS n 
1 49 LEU n 
1 50 ASP n 
1 51 CYS n 
1 52 HIS n 
1 53 LEU n 
1 54 PRO n 
1 55 ALA n 
1 56 LEU n 
1 57 GLN n 
1 58 ASP n 
1 59 VAL n 
1 60 PRO n 
1 61 GLY n 
1 62 GLU n 
1 63 GLU n 
1 64 TRP n 
1 65 SER n 
1 66 CYS n 
1 67 SER n 
1 68 LEU n 
1 69 CYS n 
1 70 HIS n 
1 71 VAL n 
1 72 LEU n 
1 73 PRO n 
1 74 ASP n 
1 75 LEU n 
1 76 LYS n 
1 77 GLU n 
1 78 GLU n 
1 79 ASP n 
1 80 VAL n 
1 81 ASP n 
1 82 LEU n 
1 83 GLN n 
1 84 ALA n 
1 85 CYS n 
1 86 LYS n 
1 87 LEU n 
1 88 ASN n 
# 
_entity_src_gen.entity_id                          1 
_entity_src_gen.pdbx_src_id                        1 
_entity_src_gen.pdbx_alt_source_flag               sample 
_entity_src_gen.pdbx_seq_type                      ? 
_entity_src_gen.pdbx_beg_seq_num                   ? 
_entity_src_gen.pdbx_end_seq_num                   ? 
_entity_src_gen.gene_src_common_name               human 
_entity_src_gen.gene_src_genus                     Homo 
_entity_src_gen.pdbx_gene_src_gene                 ? 
_entity_src_gen.gene_src_species                   ? 
_entity_src_gen.gene_src_strain                    ? 
_entity_src_gen.gene_src_tissue                    ? 
_entity_src_gen.gene_src_tissue_fraction           ? 
_entity_src_gen.gene_src_details                   ? 
_entity_src_gen.pdbx_gene_src_fragment             ? 
_entity_src_gen.pdbx_gene_src_scientific_name      'Homo sapiens' 
_entity_src_gen.pdbx_gene_src_ncbi_taxonomy_id     9606 
_entity_src_gen.pdbx_gene_src_variant              ? 
_entity_src_gen.pdbx_gene_src_cell_line            ? 
_entity_src_gen.pdbx_gene_src_atcc                 ? 
_entity_src_gen.pdbx_gene_src_organ                ? 
_entity_src_gen.pdbx_gene_src_organelle            ? 
_entity_src_gen.pdbx_gene_src_cell                 ? 
_entity_src_gen.pdbx_gene_src_cellular_location    ? 
_entity_src_gen.host_org_common_name               ? 
_entity_src_gen.pdbx_host_org_scientific_name      'Escherichia coli' 
_entity_src_gen.pdbx_host_org_ncbi_taxonomy_id     562 
_entity_src_gen.host_org_genus                     Escherichia 
_entity_src_gen.pdbx_host_org_gene                 ? 
_entity_src_gen.pdbx_host_org_organ                ? 
_entity_src_gen.host_org_species                   ? 
_entity_src_gen.pdbx_host_org_tissue               ? 
_entity_src_gen.pdbx_host_org_tissue_fraction      ? 
_entity_src_gen.pdbx_host_org_strain               ? 
_entity_src_gen.pdbx_host_org_variant              ? 
_entity_src_gen.pdbx_host_org_cell_line            ? 
_entity_src_gen.pdbx_host_org_atcc                 ? 
_entity_src_gen.pdbx_host_org_culture_collection   ? 
_entity_src_gen.pdbx_host_org_cell                 ? 
_entity_src_gen.pdbx_host_org_organelle            ? 
_entity_src_gen.pdbx_host_org_cellular_location    ? 
_entity_src_gen.pdbx_host_org_vector_type          PLASMID 
_entity_src_gen.pdbx_host_org_vector               ? 
_entity_src_gen.host_org_details                   ? 
_entity_src_gen.expression_system_id               ? 
_entity_src_gen.plasmid_name                       PQE50 
_entity_src_gen.plasmid_details                    ? 
_entity_src_gen.pdbx_description                   ? 
# 
loop_
_chem_comp.id 
_chem_comp.type 
_chem_comp.mon_nstd_flag 
_chem_comp.name 
_chem_comp.pdbx_synonyms 
_chem_comp.formula 
_chem_comp.formula_weight 
ALA 'L-peptide linking' y ALANINE         ? 'C3 H7 N O2'     89.093  
ARG 'L-peptide linking' y ARGININE        ? 'C6 H15 N4 O2 1' 175.209 
ASN 'L-peptide linking' y ASPARAGINE      ? 'C4 H8 N2 O3'    132.118 
ASP 'L-peptide linking' y 'ASPARTIC ACID' ? 'C4 H7 N O4'     133.103 
CYS 'L-peptide linking' y CYSTEINE        ? 'C3 H7 N O2 S'   121.158 
GLN 'L-peptide linking' y GLUTAMINE       ? 'C5 H10 N2 O3'   146.144 
GLU 'L-peptide linking' y 'GLUTAMIC ACID' ? 'C5 H9 N O4'     147.129 
GLY 'peptide linking'   y GLYCINE         ? 'C2 H5 N O2'     75.067  
HIS 'L-peptide linking' y HISTIDINE       ? 'C6 H10 N3 O2 1' 156.162 
ILE 'L-peptide linking' y ISOLEUCINE      ? 'C6 H13 N O2'    131.173 
LEU 'L-peptide linking' y LEUCINE         ? 'C6 H13 N O2'    131.173 
LYS 'L-peptide linking' y LYSINE          ? 'C6 H15 N2 O2 1' 147.195 
MET 'L-peptide linking' y METHIONINE      ? 'C5 H11 N O2 S'  149.211 
PHE 'L-peptide linking' y PHENYLALANINE   ? 'C9 H11 N O2'    165.189 
PRO 'L-peptide linking' y PROLINE         ? 'C5 H9 N O2'     115.130 
SER 'L-peptide linking' y SERINE          ? 'C3 H7 N O3'     105.093 
THR 'L-peptide linking' y THREONINE       ? 'C4 H9 N O3'     119.119 
TRP 'L-peptide linking' y TRYPTOPHAN      ? 'C11 H12 N2 O2'  204.225 
VAL 'L-peptide linking' y VALINE          ? 'C5 H11 N O2'    117.146 
ZN  non-polymer         . 'ZINC ION'      ? 'Zn 2'           65.409  
# 
loop_
_pdbx_poly_seq_scheme.asym_id 
_pdbx_poly_seq_scheme.entity_id 
_pdbx_poly_seq_scheme.seq_id 
_pdbx_poly_seq_scheme.mon_id 
_pdbx_poly_seq_scheme.ndb_seq_num 
_pdbx_poly_seq_scheme.pdb_seq_num 
_pdbx_poly_seq_scheme.auth_seq_num 
_pdbx_poly_seq_scheme.pdb_mon_id 
_pdbx_poly_seq_scheme.auth_mon_id 
_pdbx_poly_seq_scheme.pdb_strand_id 
_pdbx_poly_seq_scheme.pdb_ins_code 
_pdbx_poly_seq_scheme.hetero 
A 1 1  MET 1  1  1  MET MET A . n 
A 1 2  ARG 2  2  2  ARG ARG A . n 
A 1 3  GLY 3  3  3  GLY GLY A . n 
A 1 4  SER 4  4  4  SER SER A . n 
A 1 5  HIS 5  5  5  HIS HIS A . n 
A 1 6  HIS 6  6  6  HIS HIS A . n 
A 1 7  HIS 7  7  7  HIS HIS A . n 
A 1 8  HIS 8  8  8  HIS HIS A . n 
A 1 9  HIS 9  9  9  HIS HIS A . n 
A 1 10 HIS 10 10 10 HIS HIS A . n 
A 1 11 GLY 11 11 11 GLY GLY A . n 
A 1 12 SER 12 12 12 SER SER A . n 
A 1 13 ASP 13 13 13 ASP ASP A . n 
A 1 14 ILE 14 14 14 ILE ILE A . n 
A 1 15 ILE 15 15 15 ILE ILE A . n 
A 1 16 ASP 16 16 16 ASP ASP A . n 
A 1 17 GLU 17 17 17 GLU GLU A . n 
A 1 18 PHE 18 18 18 PHE PHE A . n 
A 1 19 GLY 19 19 19 GLY GLY A . n 
A 1 20 THR 20 20 20 THR THR A . n 
A 1 21 LEU 21 21 21 LEU LEU A . n 
A 1 22 ASP 22 22 22 ASP ASP A . n 
A 1 23 ASP 23 23 23 ASP ASP A . n 
A 1 24 SER 24 24 24 SER SER A . n 
A 1 25 ALA 25 25 25 ALA ALA A . n 
A 1 26 THR 26 26 26 THR THR A . n 
A 1 27 ILE 27 27 27 ILE ILE A . n 
A 1 28 CYS 28 28 28 CYS CYS A . n 
A 1 29 ARG 29 29 29 ARG ARG A . n 
A 1 30 VAL 30 30 30 VAL VAL A . n 
A 1 31 CYS 31 31 31 CYS CYS A . n 
A 1 32 GLN 32 32 32 GLN GLN A . n 
A 1 33 LYS 33 33 33 LYS LYS A . n 
A 1 34 PRO 34 34 34 PRO PRO A . n 
A 1 35 GLY 35 35 35 GLY GLY A . n 
A 1 36 ASP 36 36 36 ASP ASP A . n 
A 1 37 LEU 37 37 37 LEU LEU A . n 
A 1 38 VAL 38 38 38 VAL VAL A . n 
A 1 39 MET 39 39 39 MET MET A . n 
A 1 40 CYS 40 40 40 CYS CYS A . n 
A 1 41 ASN 41 41 41 ASN ASN A . n 
A 1 42 GLN 42 42 42 GLN GLN A . n 
A 1 43 CYS 43 43 43 CYS CYS A . n 
A 1 44 GLU 44 44 44 GLU GLU A . n 
A 1 45 PHE 45 45 45 PHE PHE A . n 
A 1 46 CYS 46 46 46 CYS CYS A . n 
A 1 47 PHE 47 47 47 PHE PHE A . n 
A 1 48 HIS 48 48 48 HIS HIS A . n 
A 1 49 LEU 49 49 49 LEU LEU A . n 
A 1 50 ASP 50 50 50 ASP ASP A . n 
A 1 51 CYS 51 51 51 CYS CYS A . n 
A 1 52 HIS 52 52 52 HIS HIS A . n 
A 1 53 LEU 53 53 53 LEU LEU A . n 
A 1 54 PRO 54 54 54 PRO PRO A . n 
A 1 55 ALA 55 55 55 ALA ALA A . n 
A 1 56 LEU 56 56 56 LEU LEU A . n 
A 1 57 GLN 57 57 57 GLN GLN A . n 
A 1 58 ASP 58 58 58 ASP ASP A . n 
A 1 59 VAL 59 59 59 VAL VAL A . n 
A 1 60 PRO 60 60 60 PRO PRO A . n 
A 1 61 GLY 61 61 61 GLY GLY A . n 
A 1 62 GLU 62 62 62 GLU GLU A . n 
A 1 63 GLU 63 63 63 GLU GLU A . n 
A 1 64 TRP 64 64 64 TRP TRP A . n 
A 1 65 SER 65 65 65 SER SER A . n 
A 1 66 CYS 66 66 66 CYS CYS A . n 
A 1 67 SER 67 67 67 SER SER A . n 
A 1 68 LEU 68 68 68 LEU LEU A . n 
A 1 69 CYS 69 69 69 CYS CYS A . n 
A 1 70 HIS 70 70 70 HIS HIS A . n 
A 1 71 VAL 71 71 71 VAL VAL A . n 
A 1 72 LEU 72 72 72 LEU LEU A . n 
A 1 73 PRO 73 73 73 PRO PRO A . n 
A 1 74 ASP 74 74 74 ASP ASP A . n 
A 1 75 LEU 75 75 75 LEU LEU A . n 
A 1 76 LYS 76 76 76 LYS LYS A . n 
A 1 77 GLU 77 77 77 GLU GLU A . n 
A 1 78 GLU 78 78 78 GLU GLU A . n 
A 1 79 ASP 79 79 79 ASP ASP A . n 
A 1 80 VAL 80 80 80 VAL VAL A . n 
A 1 81 ASP 81 81 81 ASP ASP A . n 
A 1 82 LEU 82 82 82 LEU LEU A . n 
A 1 83 GLN 83 83 83 GLN GLN A . n 
A 1 84 ALA 84 84 84 ALA ALA A . n 
A 1 85 CYS 85 85 85 CYS CYS A . n 
A 1 86 LYS 86 86 86 LYS LYS A . n 
A 1 87 LEU 87 87 87 LEU LEU A . n 
A 1 88 ASN 88 88 88 ASN ASN A . n 
# 
loop_
_pdbx_nonpoly_scheme.asym_id 
_pdbx_nonpoly_scheme.entity_id 
_pdbx_nonpoly_scheme.mon_id 
_pdbx_nonpoly_scheme.ndb_seq_num 
_pdbx_nonpoly_scheme.pdb_seq_num 
_pdbx_nonpoly_scheme.auth_seq_num 
_pdbx_nonpoly_scheme.pdb_mon_id 
_pdbx_nonpoly_scheme.auth_mon_id 
_pdbx_nonpoly_scheme.pdb_strand_id 
_pdbx_nonpoly_scheme.pdb_ins_code 
B 2 ZN 1 89 89 ZN ZN A . 
C 2 ZN 1 90 90 ZN ZN A . 
# 
_cell.entry_id           1FP0 
_cell.length_a           1.000 
_cell.length_b           1.000 
_cell.length_c           1.000 
_cell.angle_alpha        90.00 
_cell.angle_beta         90.00 
_cell.angle_gamma        90.00 
_cell.Z_PDB              1 
_cell.pdbx_unique_axis   ? 
# 
_symmetry.entry_id                         1FP0 
_symmetry.space_group_name_H-M             'P 1' 
_symmetry.pdbx_full_space_group_name_H-M   ? 
_symmetry.cell_setting                     ? 
_symmetry.Int_Tables_number                1 
# 
_exptl.entry_id          1FP0 
_exptl.method            'SOLUTION NMR' 
_exptl.crystals_number   ? 
# 
_struct.entry_id                  1FP0 
_struct.title                     'SOLUTION STRUCTURE OF THE PHD DOMAIN FROM THE KAP-1 COREPRESSOR' 
_struct.pdbx_model_details        ? 
_struct.pdbx_CASP_flag            ? 
_struct.pdbx_model_type_details   ? 
# 
_struct_keywords.entry_id        1FP0 
_struct_keywords.pdbx_keywords   TRANSCRIPTION 
_struct_keywords.text            'PHD domain, C3HC4 type zinc binding domain, NMR-structure, TRANSCRIPTION' 
# 
loop_
_struct_asym.id 
_struct_asym.pdbx_blank_PDB_chainid_flag 
_struct_asym.pdbx_modified 
_struct_asym.entity_id 
_struct_asym.details 
A N N 1 ? 
B N N 2 ? 
C N N 2 ? 
# 
_struct_ref.id                         1 
_struct_ref.entity_id                  1 
_struct_ref.db_name                    UNP 
_struct_ref.db_code                    TIF1B_HUMAN 
_struct_ref.pdbx_db_accession          Q13263 
_struct_ref.pdbx_align_begin           619 
_struct_ref.pdbx_seq_one_letter_code   GTLDDSATICRVCQKPGDLVMCNQCEFCFHLDCHLPALQDVPGEEWSCSLCHVLPDLKEED 
_struct_ref.pdbx_db_isoform            ? 
# 
_struct_ref_seq.align_id                      1 
_struct_ref_seq.ref_id                        1 
_struct_ref_seq.pdbx_PDB_id_code              1FP0 
_struct_ref_seq.pdbx_strand_id                A 
_struct_ref_seq.seq_align_beg                 19 
_struct_ref_seq.pdbx_seq_align_beg_ins_code   ? 
_struct_ref_seq.seq_align_end                 79 
_struct_ref_seq.pdbx_seq_align_end_ins_code   ? 
_struct_ref_seq.pdbx_db_accession             Q13263 
_struct_ref_seq.db_align_beg                  619 
_struct_ref_seq.pdbx_db_align_beg_ins_code    ? 
_struct_ref_seq.db_align_end                  679 
_struct_ref_seq.pdbx_db_align_end_ins_code    ? 
_struct_ref_seq.pdbx_auth_seq_align_beg       19 
_struct_ref_seq.pdbx_auth_seq_align_end       79 
# 
loop_
_struct_ref_seq_dif.align_id 
_struct_ref_seq_dif.pdbx_pdb_id_code 
_struct_ref_seq_dif.mon_id 
_struct_ref_seq_dif.pdbx_pdb_strand_id 
_struct_ref_seq_dif.seq_num 
_struct_ref_seq_dif.pdbx_pdb_ins_code 
_struct_ref_seq_dif.pdbx_seq_db_name 
_struct_ref_seq_dif.pdbx_seq_db_accession_code 
_struct_ref_seq_dif.db_mon_id 
_struct_ref_seq_dif.pdbx_seq_db_seq_num 
_struct_ref_seq_dif.details 
_struct_ref_seq_dif.pdbx_auth_seq_num 
_struct_ref_seq_dif.pdbx_ordinal 
1 1FP0 MET A 1  ? UNP Q13263 ? ? 'expression tag'   1  1  
1 1FP0 ARG A 2  ? UNP Q13263 ? ? 'expression tag'   2  2  
1 1FP0 GLY A 3  ? UNP Q13263 ? ? 'expression tag'   3  3  
1 1FP0 SER A 4  ? UNP Q13263 ? ? 'expression tag'   4  4  
1 1FP0 HIS A 5  ? UNP Q13263 ? ? 'expression tag'   5  5  
1 1FP0 HIS A 6  ? UNP Q13263 ? ? 'expression tag'   6  6  
1 1FP0 HIS A 7  ? UNP Q13263 ? ? 'expression tag'   7  7  
1 1FP0 HIS A 8  ? UNP Q13263 ? ? 'expression tag'   8  8  
1 1FP0 HIS A 9  ? UNP Q13263 ? ? 'expression tag'   9  9  
1 1FP0 HIS A 10 ? UNP Q13263 ? ? 'expression tag'   10 10 
1 1FP0 GLY A 11 ? UNP Q13263 ? ? 'expression tag'   11 11 
1 1FP0 SER A 12 ? UNP Q13263 ? ? 'expression tag'   12 12 
1 1FP0 ASP A 13 ? UNP Q13263 ? ? 'expression tag'   13 13 
1 1FP0 ILE A 14 ? UNP Q13263 ? ? 'expression tag'   14 14 
1 1FP0 ILE A 15 ? UNP Q13263 ? ? 'expression tag'   15 15 
1 1FP0 ASP A 16 ? UNP Q13263 ? ? 'expression tag'   16 16 
1 1FP0 GLU A 17 ? UNP Q13263 ? ? 'expression tag'   17 17 
1 1FP0 PHE A 18 ? UNP Q13263 ? ? 'expression tag'   18 18 
1 1FP0 VAL A 80 ? UNP Q13263 ? ? 'cloning artifact' 80 19 
1 1FP0 ASP A 81 ? UNP Q13263 ? ? 'cloning artifact' 81 20 
1 1FP0 LEU A 82 ? UNP Q13263 ? ? 'cloning artifact' 82 21 
1 1FP0 GLN A 83 ? UNP Q13263 ? ? 'cloning artifact' 83 22 
1 1FP0 ALA A 84 ? UNP Q13263 ? ? 'cloning artifact' 84 23 
1 1FP0 CYS A 85 ? UNP Q13263 ? ? 'cloning artifact' 85 24 
1 1FP0 LYS A 86 ? UNP Q13263 ? ? 'cloning artifact' 86 25 
1 1FP0 LEU A 87 ? UNP Q13263 ? ? 'cloning artifact' 87 26 
1 1FP0 ASN A 88 ? UNP Q13263 ? ? 'cloning artifact' 88 27 
# 
_pdbx_struct_assembly.id                   1 
_pdbx_struct_assembly.details              author_defined_assembly 
_pdbx_struct_assembly.method_details       ? 
_pdbx_struct_assembly.oligomeric_details   monomeric 
_pdbx_struct_assembly.oligomeric_count     1 
# 
_pdbx_struct_assembly_gen.assembly_id       1 
_pdbx_struct_assembly_gen.oper_expression   1 
_pdbx_struct_assembly_gen.asym_id_list      A,B,C 
# 
_pdbx_struct_oper_list.id                   1 
_pdbx_struct_oper_list.type                 'identity operation' 
_pdbx_struct_oper_list.name                 1_555 
_pdbx_struct_oper_list.symmetry_operation   x,y,z 
_pdbx_struct_oper_list.matrix[1][1]         1.0000000000 
_pdbx_struct_oper_list.matrix[1][2]         0.0000000000 
_pdbx_struct_oper_list.matrix[1][3]         0.0000000000 
_pdbx_struct_oper_list.vector[1]            0.0000000000 
_pdbx_struct_oper_list.matrix[2][1]         0.0000000000 
_pdbx_struct_oper_list.matrix[2][2]         1.0000000000 
_pdbx_struct_oper_list.matrix[2][3]         0.0000000000 
_pdbx_struct_oper_list.vector[2]            0.0000000000 
_pdbx_struct_oper_list.matrix[3][1]         0.0000000000 
_pdbx_struct_oper_list.matrix[3][2]         0.0000000000 
_pdbx_struct_oper_list.matrix[3][3]         1.0000000000 
_pdbx_struct_oper_list.vector[3]            0.0000000000 
# 
_struct_biol.id   1 
# 
loop_
_struct_conn.id 
_struct_conn.conn_type_id 
_struct_conn.pdbx_leaving_atom_flag 
_struct_conn.pdbx_PDB_id 
_struct_conn.ptnr1_label_asym_id 
_struct_conn.ptnr1_label_comp_id 
_struct_conn.ptnr1_label_seq_id 
_struct_conn.ptnr1_label_atom_id 
_struct_conn.pdbx_ptnr1_label_alt_id 
_struct_conn.pdbx_ptnr1_PDB_ins_code 
_struct_conn.pdbx_ptnr1_standard_comp_id 
_struct_conn.ptnr1_symmetry 
_struct_conn.ptnr2_label_asym_id 
_struct_conn.ptnr2_label_comp_id 
_struct_conn.ptnr2_label_seq_id 
_struct_conn.ptnr2_label_atom_id 
_struct_conn.pdbx_ptnr2_label_alt_id 
_struct_conn.pdbx_ptnr2_PDB_ins_code 
_struct_conn.ptnr1_auth_asym_id 
_struct_conn.ptnr1_auth_comp_id 
_struct_conn.ptnr1_auth_seq_id 
_struct_conn.ptnr2_auth_asym_id 
_struct_conn.ptnr2_auth_comp_id 
_struct_conn.ptnr2_auth_seq_id 
_struct_conn.ptnr2_symmetry 
_struct_conn.pdbx_ptnr3_label_atom_id 
_struct_conn.pdbx_ptnr3_label_seq_id 
_struct_conn.pdbx_ptnr3_label_comp_id 
_struct_conn.pdbx_ptnr3_label_asym_id 
_struct_conn.pdbx_ptnr3_label_alt_id 
_struct_conn.pdbx_ptnr3_PDB_ins_code 
_struct_conn.details 
_struct_conn.pdbx_dist_value 
_struct_conn.pdbx_value_order 
_struct_conn.pdbx_role 
metalc1 metalc ? ? A CYS 28 SG  ? ? ? 1_555 C ZN . ZN ? ? A CYS 28 A ZN 90 1_555 ? ? ? ? ? ? ? 2.344 ? ? 
metalc2 metalc ? ? A CYS 31 SG  ? ? ? 1_555 C ZN . ZN ? ? A CYS 31 A ZN 90 1_555 ? ? ? ? ? ? ? 2.312 ? ? 
metalc3 metalc ? ? A CYS 40 SG  ? ? ? 1_555 B ZN . ZN ? ? A CYS 40 A ZN 89 1_555 ? ? ? ? ? ? ? 2.276 ? ? 
metalc4 metalc ? ? A CYS 43 SG  ? ? ? 1_555 B ZN . ZN ? ? A CYS 43 A ZN 89 1_555 ? ? ? ? ? ? ? 2.297 ? ? 
metalc5 metalc ? ? A HIS 48 ND1 ? ? ? 1_555 C ZN . ZN ? ? A HIS 48 A ZN 90 1_555 ? ? ? ? ? ? ? 1.977 ? ? 
metalc6 metalc ? ? A CYS 51 SG  ? ? ? 1_555 C ZN . ZN ? ? A CYS 51 A ZN 90 1_555 ? ? ? ? ? ? ? 2.293 ? ? 
metalc7 metalc ? ? A CYS 66 SG  ? ? ? 1_555 B ZN . ZN ? ? A CYS 66 A ZN 89 1_555 ? ? ? ? ? ? ? 2.317 ? ? 
metalc8 metalc ? ? A CYS 69 SG  ? ? ? 1_555 B ZN . ZN ? ? A CYS 69 A ZN 89 1_555 ? ? ? ? ? ? ? 2.299 ? ? 
# 
_struct_conn_type.id          metalc 
_struct_conn_type.criteria    ? 
_struct_conn_type.reference   ? 
# 
loop_
_pdbx_struct_conn_angle.id 
_pdbx_struct_conn_angle.ptnr1_label_atom_id 
_pdbx_struct_conn_angle.ptnr1_label_alt_id 
_pdbx_struct_conn_angle.ptnr1_label_asym_id 
_pdbx_struct_conn_angle.ptnr1_label_comp_id 
_pdbx_struct_conn_angle.ptnr1_label_seq_id 
_pdbx_struct_conn_angle.ptnr1_auth_atom_id 
_pdbx_struct_conn_angle.ptnr1_auth_asym_id 
_pdbx_struct_conn_angle.ptnr1_auth_comp_id 
_pdbx_struct_conn_angle.ptnr1_auth_seq_id 
_pdbx_struct_conn_angle.ptnr1_PDB_ins_code 
_pdbx_struct_conn_angle.ptnr1_symmetry 
_pdbx_struct_conn_angle.ptnr2_label_atom_id 
_pdbx_struct_conn_angle.ptnr2_label_alt_id 
_pdbx_struct_conn_angle.ptnr2_label_asym_id 
_pdbx_struct_conn_angle.ptnr2_label_comp_id 
_pdbx_struct_conn_angle.ptnr2_label_seq_id 
_pdbx_struct_conn_angle.ptnr2_auth_atom_id 
_pdbx_struct_conn_angle.ptnr2_auth_asym_id 
_pdbx_struct_conn_angle.ptnr2_auth_comp_id 
_pdbx_struct_conn_angle.ptnr2_auth_seq_id 
_pdbx_struct_conn_angle.ptnr2_PDB_ins_code 
_pdbx_struct_conn_angle.ptnr2_symmetry 
_pdbx_struct_conn_angle.ptnr3_label_atom_id 
_pdbx_struct_conn_angle.ptnr3_label_alt_id 
_pdbx_struct_conn_angle.ptnr3_label_asym_id 
_pdbx_struct_conn_angle.ptnr3_label_comp_id 
_pdbx_struct_conn_angle.ptnr3_label_seq_id 
_pdbx_struct_conn_angle.ptnr3_auth_atom_id 
_pdbx_struct_conn_angle.ptnr3_auth_asym_id 
_pdbx_struct_conn_angle.ptnr3_auth_comp_id 
_pdbx_struct_conn_angle.ptnr3_auth_seq_id 
_pdbx_struct_conn_angle.ptnr3_PDB_ins_code 
_pdbx_struct_conn_angle.ptnr3_symmetry 
_pdbx_struct_conn_angle.value 
_pdbx_struct_conn_angle.value_esd 
1  SG  ? A CYS 28 ? A CYS 28 ? 1_555 ZN ? C ZN . ? A ZN 90 ? 1_555 SG  ? A CYS 31 ? A CYS 31 ? 1_555 112.0 ? 
2  SG  ? A CYS 28 ? A CYS 28 ? 1_555 ZN ? C ZN . ? A ZN 90 ? 1_555 ND1 ? A HIS 48 ? A HIS 48 ? 1_555 109.9 ? 
3  SG  ? A CYS 31 ? A CYS 31 ? 1_555 ZN ? C ZN . ? A ZN 90 ? 1_555 ND1 ? A HIS 48 ? A HIS 48 ? 1_555 108.3 ? 
4  SG  ? A CYS 28 ? A CYS 28 ? 1_555 ZN ? C ZN . ? A ZN 90 ? 1_555 SG  ? A CYS 51 ? A CYS 51 ? 1_555 110.9 ? 
5  SG  ? A CYS 31 ? A CYS 31 ? 1_555 ZN ? C ZN . ? A ZN 90 ? 1_555 SG  ? A CYS 51 ? A CYS 51 ? 1_555 108.6 ? 
6  ND1 ? A HIS 48 ? A HIS 48 ? 1_555 ZN ? C ZN . ? A ZN 90 ? 1_555 SG  ? A CYS 51 ? A CYS 51 ? 1_555 107.0 ? 
7  SG  ? A CYS 40 ? A CYS 40 ? 1_555 ZN ? B ZN . ? A ZN 89 ? 1_555 SG  ? A CYS 43 ? A CYS 43 ? 1_555 106.4 ? 
8  SG  ? A CYS 40 ? A CYS 40 ? 1_555 ZN ? B ZN . ? A ZN 89 ? 1_555 SG  ? A CYS 66 ? A CYS 66 ? 1_555 111.0 ? 
9  SG  ? A CYS 43 ? A CYS 43 ? 1_555 ZN ? B ZN . ? A ZN 89 ? 1_555 SG  ? A CYS 66 ? A CYS 66 ? 1_555 110.2 ? 
10 SG  ? A CYS 40 ? A CYS 40 ? 1_555 ZN ? B ZN . ? A ZN 89 ? 1_555 SG  ? A CYS 69 ? A CYS 69 ? 1_555 109.5 ? 
11 SG  ? A CYS 43 ? A CYS 43 ? 1_555 ZN ? B ZN . ? A ZN 89 ? 1_555 SG  ? A CYS 69 ? A CYS 69 ? 1_555 109.1 ? 
12 SG  ? A CYS 66 ? A CYS 66 ? 1_555 ZN ? B ZN . ? A ZN 89 ? 1_555 SG  ? A CYS 69 ? A CYS 69 ? 1_555 110.6 ? 
# 
_struct_sheet.id               A 
_struct_sheet.type             ? 
_struct_sheet.number_strands   3 
_struct_sheet.details          ? 
# 
_struct_sheet_order.sheet_id     A 
_struct_sheet_order.range_id_1   1 
_struct_sheet_order.range_id_2   2 
_struct_sheet_order.offset       ? 
_struct_sheet_order.sense        anti-parallel 
# 
loop_
_struct_sheet_range.sheet_id 
_struct_sheet_range.id 
_struct_sheet_range.beg_label_comp_id 
_struct_sheet_range.beg_label_asym_id 
_struct_sheet_range.beg_label_seq_id 
_struct_sheet_range.pdbx_beg_PDB_ins_code 
_struct_sheet_range.end_label_comp_id 
_struct_sheet_range.end_label_asym_id 
_struct_sheet_range.end_label_seq_id 
_struct_sheet_range.pdbx_end_PDB_ins_code 
_struct_sheet_range.beg_auth_comp_id 
_struct_sheet_range.beg_auth_asym_id 
_struct_sheet_range.beg_auth_seq_id 
_struct_sheet_range.end_auth_comp_id 
_struct_sheet_range.end_auth_asym_id 
_struct_sheet_range.end_auth_seq_id 
A 1 VAL A 38 ? CYS A 40 ? VAL A 38 CYS A 40 
A 2 PHE A 45 ? PHE A 47 ? PHE A 45 PHE A 47 
A 3 TRP A 64 ? SER A 67 ? TRP A 64 SER A 67 
# 
_pdbx_struct_sheet_hbond.sheet_id                A 
_pdbx_struct_sheet_hbond.range_id_1              1 
_pdbx_struct_sheet_hbond.range_id_2              2 
_pdbx_struct_sheet_hbond.range_1_label_atom_id   O 
_pdbx_struct_sheet_hbond.range_1_label_comp_id   VAL 
_pdbx_struct_sheet_hbond.range_1_label_asym_id   A 
_pdbx_struct_sheet_hbond.range_1_label_seq_id    38 
_pdbx_struct_sheet_hbond.range_1_PDB_ins_code    ? 
_pdbx_struct_sheet_hbond.range_1_auth_atom_id    O 
_pdbx_struct_sheet_hbond.range_1_auth_comp_id    VAL 
_pdbx_struct_sheet_hbond.range_1_auth_asym_id    A 
_pdbx_struct_sheet_hbond.range_1_auth_seq_id     38 
_pdbx_struct_sheet_hbond.range_2_label_atom_id   N 
_pdbx_struct_sheet_hbond.range_2_label_comp_id   PHE 
_pdbx_struct_sheet_hbond.range_2_label_asym_id   A 
_pdbx_struct_sheet_hbond.range_2_label_seq_id    47 
_pdbx_struct_sheet_hbond.range_2_PDB_ins_code    ? 
_pdbx_struct_sheet_hbond.range_2_auth_atom_id    N 
_pdbx_struct_sheet_hbond.range_2_auth_comp_id    PHE 
_pdbx_struct_sheet_hbond.range_2_auth_asym_id    A 
_pdbx_struct_sheet_hbond.range_2_auth_seq_id     47 
# 
loop_
_struct_site.id 
_struct_site.pdbx_evidence_code 
_struct_site.pdbx_auth_asym_id 
_struct_site.pdbx_auth_comp_id 
_struct_site.pdbx_auth_seq_id 
_struct_site.pdbx_auth_ins_code 
_struct_site.pdbx_num_residues 
_struct_site.details 
AC1 Software A ZN 89 ? 5 'BINDING SITE FOR RESIDUE ZN A 89' 
AC2 Software A ZN 90 ? 6 'BINDING SITE FOR RESIDUE ZN A 90' 
# 
loop_
_struct_site_gen.id 
_struct_site_gen.site_id 
_struct_site_gen.pdbx_num_res 
_struct_site_gen.label_comp_id 
_struct_site_gen.label_asym_id 
_struct_site_gen.label_seq_id 
_struct_site_gen.pdbx_auth_ins_code 
_struct_site_gen.auth_comp_id 
_struct_site_gen.auth_asym_id 
_struct_site_gen.auth_seq_id 
_struct_site_gen.label_atom_id 
_struct_site_gen.label_alt_id 
_struct_site_gen.symmetry 
_struct_site_gen.details 
1  AC1 5 CYS A 40 ? CYS A 40 . ? 1_555 ? 
2  AC1 5 GLN A 42 ? GLN A 42 . ? 1_555 ? 
3  AC1 5 CYS A 43 ? CYS A 43 . ? 1_555 ? 
4  AC1 5 CYS A 66 ? CYS A 66 . ? 1_555 ? 
5  AC1 5 CYS A 69 ? CYS A 69 . ? 1_555 ? 
6  AC2 6 CYS A 28 ? CYS A 28 . ? 1_555 ? 
7  AC2 6 VAL A 30 ? VAL A 30 . ? 1_555 ? 
8  AC2 6 CYS A 31 ? CYS A 31 . ? 1_555 ? 
9  AC2 6 PHE A 47 ? PHE A 47 . ? 1_555 ? 
10 AC2 6 HIS A 48 ? HIS A 48 . ? 1_555 ? 
11 AC2 6 CYS A 51 ? CYS A 51 . ? 1_555 ? 
# 
_pdbx_validate_close_contact.id               1 
_pdbx_validate_close_contact.PDB_model_num    1 
_pdbx_validate_close_contact.auth_atom_id_1   O 
_pdbx_validate_close_contact.auth_asym_id_1   A 
_pdbx_validate_close_contact.auth_comp_id_1   LEU 
_pdbx_validate_close_contact.auth_seq_id_1    53 
_pdbx_validate_close_contact.PDB_ins_code_1   ? 
_pdbx_validate_close_contact.label_alt_id_1   ? 
_pdbx_validate_close_contact.auth_atom_id_2   H 
_pdbx_validate_close_contact.auth_asym_id_2   A 
_pdbx_validate_close_contact.auth_comp_id_2   ALA 
_pdbx_validate_close_contact.auth_seq_id_2    55 
_pdbx_validate_close_contact.PDB_ins_code_2   ? 
_pdbx_validate_close_contact.label_alt_id_2   ? 
_pdbx_validate_close_contact.dist             1.53 
# 
loop_
_pdbx_validate_torsion.id 
_pdbx_validate_torsion.PDB_model_num 
_pdbx_validate_torsion.auth_comp_id 
_pdbx_validate_torsion.auth_asym_id 
_pdbx_validate_torsion.auth_seq_id 
_pdbx_validate_torsion.PDB_ins_code 
_pdbx_validate_torsion.label_alt_id 
_pdbx_validate_torsion.phi 
_pdbx_validate_torsion.psi 
1  1 SER A 4  ? ? -163.05 30.42   
2  1 HIS A 8  ? ? 55.89   175.68  
3  1 HIS A 9  ? ? -146.37 -143.53 
4  1 HIS A 10 ? ? -41.93  -82.44  
5  1 ASP A 13 ? ? 178.08  -50.47  
6  1 ILE A 14 ? ? 80.02   -24.91  
7  1 ILE A 15 ? ? 57.47   121.06  
8  1 THR A 20 ? ? 38.56   34.63   
9  1 LEU A 21 ? ? -139.57 -71.38  
10 1 ASP A 22 ? ? -81.86  -150.67 
11 1 ASP A 23 ? ? 55.51   19.81   
12 1 SER A 24 ? ? 178.03  178.38  
13 1 ALA A 25 ? ? 70.64   -135.38 
14 1 THR A 26 ? ? -39.89  170.30  
15 1 CYS A 31 ? ? -160.21 -41.12  
16 1 LYS A 33 ? ? -140.88 -66.55  
17 1 ASP A 36 ? ? 44.28   104.18  
18 1 LEU A 37 ? ? -168.35 105.86  
19 1 ASN A 41 ? ? -69.34  5.58    
20 1 CYS A 43 ? ? -153.92 -84.51  
21 1 GLU A 44 ? ? -175.95 33.37   
22 1 PHE A 47 ? ? -139.06 -157.40 
23 1 LEU A 49 ? ? -69.49  9.08    
24 1 HIS A 52 ? ? -88.79  -87.31  
25 1 PRO A 54 ? ? -63.22  63.90   
26 1 ALA A 55 ? ? 177.18  42.52   
27 1 GLU A 62 ? ? 58.73   -108.90 
28 1 GLU A 63 ? ? -99.66  -151.36 
29 1 TRP A 64 ? ? -74.91  -102.24 
30 1 SER A 65 ? ? 172.62  37.42   
31 1 CYS A 66 ? ? 57.50   163.62  
32 1 SER A 67 ? ? -135.06 -141.70 
33 1 VAL A 71 ? ? -111.23 52.71   
34 1 CYS A 85 ? ? -59.14  -144.70 
# 
loop_
_pdbx_validate_planes.id 
_pdbx_validate_planes.PDB_model_num 
_pdbx_validate_planes.auth_comp_id 
_pdbx_validate_planes.auth_asym_id 
_pdbx_validate_planes.auth_seq_id 
_pdbx_validate_planes.PDB_ins_code 
_pdbx_validate_planes.label_alt_id 
_pdbx_validate_planes.rmsd 
_pdbx_validate_planes.type 
1 1 ARG A 2  ? ? 0.279 'SIDE CHAIN' 
2 1 ARG A 29 ? ? 0.317 'SIDE CHAIN' 
# 
_pdbx_nmr_ensemble.entry_id                             1FP0 
_pdbx_nmr_ensemble.conformers_calculated_total_number   ? 
_pdbx_nmr_ensemble.conformers_submitted_total_number    1 
_pdbx_nmr_ensemble.conformer_selection_criteria         ? 
# 
_pdbx_nmr_representative.entry_id             1FP0 
_pdbx_nmr_representative.conformer_id         1 
_pdbx_nmr_representative.selection_criteria   'closest to the average' 
# 
loop_
_pdbx_nmr_sample_details.solution_id 
_pdbx_nmr_sample_details.contents 
_pdbx_nmr_sample_details.solvent_system 
1 
;1.5-3.0 mM 15N-labelled or unlabelled KAP-1 PHD,  
20 mM NaH2PO4, 500 mM NaCl, 5 mM DTT, pH 7.5
;
'90% H2O/10% D2O' 
2 '1.5-3.0 mM unlabelled KAP-1 PHD, 20 mM NaH2PO4, 500 mM NaCl, 5 mM DTT, pH 7.5'                   '100% D2O'        
# 
_pdbx_nmr_exptl_sample_conditions.conditions_id       1 
_pdbx_nmr_exptl_sample_conditions.temperature         303 
_pdbx_nmr_exptl_sample_conditions.pressure            AMBIENT 
_pdbx_nmr_exptl_sample_conditions.pH                  7.50 
_pdbx_nmr_exptl_sample_conditions.ionic_strength      ? 
_pdbx_nmr_exptl_sample_conditions.pressure_units      ? 
_pdbx_nmr_exptl_sample_conditions.temperature_units   K 
# 
_pdbx_nmr_details.entry_id   1FP0 
_pdbx_nmr_details.text       
;First 17 residues (MRGSHHHHHHGSDIIDE) and last 9 residues (VDLQACKLN)
do not belong to the natural protein molecule, residues 618 to 679
corresponds to KAP-1, structured region corresponds to residues
627-670 which contain the PHD domain
;
# 
_pdbx_nmr_refine.entry_id           1FP0 
_pdbx_nmr_refine.method             'distance geometry and simulated annealing' 
_pdbx_nmr_refine.details            ? 
_pdbx_nmr_refine.software_ordinal   1 
# 
_pdbx_nmr_software.name             X-PLOR 
_pdbx_nmr_software.version          3.851 
_pdbx_nmr_software.classification   refinement 
_pdbx_nmr_software.authors          Brunger 
_pdbx_nmr_software.ordinal          1 
# 
loop_
_chem_comp_atom.comp_id 
_chem_comp_atom.atom_id 
_chem_comp_atom.type_symbol 
_chem_comp_atom.pdbx_aromatic_flag 
_chem_comp_atom.pdbx_stereo_config 
_chem_comp_atom.pdbx_ordinal 
ALA N    N  N N 1   
ALA CA   C  N S 2   
ALA C    C  N N 3   
ALA O    O  N N 4   
ALA CB   C  N N 5   
ALA OXT  O  N N 6   
ALA H    H  N N 7   
ALA H2   H  N N 8   
ALA HA   H  N N 9   
ALA HB1  H  N N 10  
ALA HB2  H  N N 11  
ALA HB3  H  N N 12  
ALA HXT  H  N N 13  
ARG N    N  N N 14  
ARG CA   C  N S 15  
ARG C    C  N N 16  
ARG O    O  N N 17  
ARG CB   C  N N 18  
ARG CG   C  N N 19  
ARG CD   C  N N 20  
ARG NE   N  N N 21  
ARG CZ   C  N N 22  
ARG NH1  N  N N 23  
ARG NH2  N  N N 24  
ARG OXT  O  N N 25  
ARG H    H  N N 26  
ARG H2   H  N N 27  
ARG HA   H  N N 28  
ARG HB2  H  N N 29  
ARG HB3  H  N N 30  
ARG HG2  H  N N 31  
ARG HG3  H  N N 32  
ARG HD2  H  N N 33  
ARG HD3  H  N N 34  
ARG HE   H  N N 35  
ARG HH11 H  N N 36  
ARG HH12 H  N N 37  
ARG HH21 H  N N 38  
ARG HH22 H  N N 39  
ARG HXT  H  N N 40  
ASN N    N  N N 41  
ASN CA   C  N S 42  
ASN C    C  N N 43  
ASN O    O  N N 44  
ASN CB   C  N N 45  
ASN CG   C  N N 46  
ASN OD1  O  N N 47  
ASN ND2  N  N N 48  
ASN OXT  O  N N 49  
ASN H    H  N N 50  
ASN H2   H  N N 51  
ASN HA   H  N N 52  
ASN HB2  H  N N 53  
ASN HB3  H  N N 54  
ASN HD21 H  N N 55  
ASN HD22 H  N N 56  
ASN HXT  H  N N 57  
ASP N    N  N N 58  
ASP CA   C  N S 59  
ASP C    C  N N 60  
ASP O    O  N N 61  
ASP CB   C  N N 62  
ASP CG   C  N N 63  
ASP OD1  O  N N 64  
ASP OD2  O  N N 65  
ASP OXT  O  N N 66  
ASP H    H  N N 67  
ASP H2   H  N N 68  
ASP HA   H  N N 69  
ASP HB2  H  N N 70  
ASP HB3  H  N N 71  
ASP HD2  H  N N 72  
ASP HXT  H  N N 73  
CYS N    N  N N 74  
CYS CA   C  N R 75  
CYS C    C  N N 76  
CYS O    O  N N 77  
CYS CB   C  N N 78  
CYS SG   S  N N 79  
CYS OXT  O  N N 80  
CYS H    H  N N 81  
CYS H2   H  N N 82  
CYS HA   H  N N 83  
CYS HB2  H  N N 84  
CYS HB3  H  N N 85  
CYS HG   H  N N 86  
CYS HXT  H  N N 87  
GLN N    N  N N 88  
GLN CA   C  N S 89  
GLN C    C  N N 90  
GLN O    O  N N 91  
GLN CB   C  N N 92  
GLN CG   C  N N 93  
GLN CD   C  N N 94  
GLN OE1  O  N N 95  
GLN NE2  N  N N 96  
GLN OXT  O  N N 97  
GLN H    H  N N 98  
GLN H2   H  N N 99  
GLN HA   H  N N 100 
GLN HB2  H  N N 101 
GLN HB3  H  N N 102 
GLN HG2  H  N N 103 
GLN HG3  H  N N 104 
GLN HE21 H  N N 105 
GLN HE22 H  N N 106 
GLN HXT  H  N N 107 
GLU N    N  N N 108 
GLU CA   C  N S 109 
GLU C    C  N N 110 
GLU O    O  N N 111 
GLU CB   C  N N 112 
GLU CG   C  N N 113 
GLU CD   C  N N 114 
GLU OE1  O  N N 115 
GLU OE2  O  N N 116 
GLU OXT  O  N N 117 
GLU H    H  N N 118 
GLU H2   H  N N 119 
GLU HA   H  N N 120 
GLU HB2  H  N N 121 
GLU HB3  H  N N 122 
GLU HG2  H  N N 123 
GLU HG3  H  N N 124 
GLU HE2  H  N N 125 
GLU HXT  H  N N 126 
GLY N    N  N N 127 
GLY CA   C  N N 128 
GLY C    C  N N 129 
GLY O    O  N N 130 
GLY OXT  O  N N 131 
GLY H    H  N N 132 
GLY H2   H  N N 133 
GLY HA2  H  N N 134 
GLY HA3  H  N N 135 
GLY HXT  H  N N 136 
HIS N    N  N N 137 
HIS CA   C  N S 138 
HIS C    C  N N 139 
HIS O    O  N N 140 
HIS CB   C  N N 141 
HIS CG   C  Y N 142 
HIS ND1  N  Y N 143 
HIS CD2  C  Y N 144 
HIS CE1  C  Y N 145 
HIS NE2  N  Y N 146 
HIS OXT  O  N N 147 
HIS H    H  N N 148 
HIS H2   H  N N 149 
HIS HA   H  N N 150 
HIS HB2  H  N N 151 
HIS HB3  H  N N 152 
HIS HD1  H  N N 153 
HIS HD2  H  N N 154 
HIS HE1  H  N N 155 
HIS HE2  H  N N 156 
HIS HXT  H  N N 157 
ILE N    N  N N 158 
ILE CA   C  N S 159 
ILE C    C  N N 160 
ILE O    O  N N 161 
ILE CB   C  N S 162 
ILE CG1  C  N N 163 
ILE CG2  C  N N 164 
ILE CD1  C  N N 165 
ILE OXT  O  N N 166 
ILE H    H  N N 167 
ILE H2   H  N N 168 
ILE HA   H  N N 169 
ILE HB   H  N N 170 
ILE HG12 H  N N 171 
ILE HG13 H  N N 172 
ILE HG21 H  N N 173 
ILE HG22 H  N N 174 
ILE HG23 H  N N 175 
ILE HD11 H  N N 176 
ILE HD12 H  N N 177 
ILE HD13 H  N N 178 
ILE HXT  H  N N 179 
LEU N    N  N N 180 
LEU CA   C  N S 181 
LEU C    C  N N 182 
LEU O    O  N N 183 
LEU CB   C  N N 184 
LEU CG   C  N N 185 
LEU CD1  C  N N 186 
LEU CD2  C  N N 187 
LEU OXT  O  N N 188 
LEU H    H  N N 189 
LEU H2   H  N N 190 
LEU HA   H  N N 191 
LEU HB2  H  N N 192 
LEU HB3  H  N N 193 
LEU HG   H  N N 194 
LEU HD11 H  N N 195 
LEU HD12 H  N N 196 
LEU HD13 H  N N 197 
LEU HD21 H  N N 198 
LEU HD22 H  N N 199 
LEU HD23 H  N N 200 
LEU HXT  H  N N 201 
LYS N    N  N N 202 
LYS CA   C  N S 203 
LYS C    C  N N 204 
LYS O    O  N N 205 
LYS CB   C  N N 206 
LYS CG   C  N N 207 
LYS CD   C  N N 208 
LYS CE   C  N N 209 
LYS NZ   N  N N 210 
LYS OXT  O  N N 211 
LYS H    H  N N 212 
LYS H2   H  N N 213 
LYS HA   H  N N 214 
LYS HB2  H  N N 215 
LYS HB3  H  N N 216 
LYS HG2  H  N N 217 
LYS HG3  H  N N 218 
LYS HD2  H  N N 219 
LYS HD3  H  N N 220 
LYS HE2  H  N N 221 
LYS HE3  H  N N 222 
LYS HZ1  H  N N 223 
LYS HZ2  H  N N 224 
LYS HZ3  H  N N 225 
LYS HXT  H  N N 226 
MET N    N  N N 227 
MET CA   C  N S 228 
MET C    C  N N 229 
MET O    O  N N 230 
MET CB   C  N N 231 
MET CG   C  N N 232 
MET SD   S  N N 233 
MET CE   C  N N 234 
MET OXT  O  N N 235 
MET H    H  N N 236 
MET H2   H  N N 237 
MET HA   H  N N 238 
MET HB2  H  N N 239 
MET HB3  H  N N 240 
MET HG2  H  N N 241 
MET HG3  H  N N 242 
MET HE1  H  N N 243 
MET HE2  H  N N 244 
MET HE3  H  N N 245 
MET HXT  H  N N 246 
PHE N    N  N N 247 
PHE CA   C  N S 248 
PHE C    C  N N 249 
PHE O    O  N N 250 
PHE CB   C  N N 251 
PHE CG   C  Y N 252 
PHE CD1  C  Y N 253 
PHE CD2  C  Y N 254 
PHE CE1  C  Y N 255 
PHE CE2  C  Y N 256 
PHE CZ   C  Y N 257 
PHE OXT  O  N N 258 
PHE H    H  N N 259 
PHE H2   H  N N 260 
PHE HA   H  N N 261 
PHE HB2  H  N N 262 
PHE HB3  H  N N 263 
PHE HD1  H  N N 264 
PHE HD2  H  N N 265 
PHE HE1  H  N N 266 
PHE HE2  H  N N 267 
PHE HZ   H  N N 268 
PHE HXT  H  N N 269 
PRO N    N  N N 270 
PRO CA   C  N S 271 
PRO C    C  N N 272 
PRO O    O  N N 273 
PRO CB   C  N N 274 
PRO CG   C  N N 275 
PRO CD   C  N N 276 
PRO OXT  O  N N 277 
PRO H    H  N N 278 
PRO HA   H  N N 279 
PRO HB2  H  N N 280 
PRO HB3  H  N N 281 
PRO HG2  H  N N 282 
PRO HG3  H  N N 283 
PRO HD2  H  N N 284 
PRO HD3  H  N N 285 
PRO HXT  H  N N 286 
SER N    N  N N 287 
SER CA   C  N S 288 
SER C    C  N N 289 
SER O    O  N N 290 
SER CB   C  N N 291 
SER OG   O  N N 292 
SER OXT  O  N N 293 
SER H    H  N N 294 
SER H2   H  N N 295 
SER HA   H  N N 296 
SER HB2  H  N N 297 
SER HB3  H  N N 298 
SER HG   H  N N 299 
SER HXT  H  N N 300 
THR N    N  N N 301 
THR CA   C  N S 302 
THR C    C  N N 303 
THR O    O  N N 304 
THR CB   C  N R 305 
THR OG1  O  N N 306 
THR CG2  C  N N 307 
THR OXT  O  N N 308 
THR H    H  N N 309 
THR H2   H  N N 310 
THR HA   H  N N 311 
THR HB   H  N N 312 
THR HG1  H  N N 313 
THR HG21 H  N N 314 
THR HG22 H  N N 315 
THR HG23 H  N N 316 
THR HXT  H  N N 317 
TRP N    N  N N 318 
TRP CA   C  N S 319 
TRP C    C  N N 320 
TRP O    O  N N 321 
TRP CB   C  N N 322 
TRP CG   C  Y N 323 
TRP CD1  C  Y N 324 
TRP CD2  C  Y N 325 
TRP NE1  N  Y N 326 
TRP CE2  C  Y N 327 
TRP CE3  C  Y N 328 
TRP CZ2  C  Y N 329 
TRP CZ3  C  Y N 330 
TRP CH2  C  Y N 331 
TRP OXT  O  N N 332 
TRP H    H  N N 333 
TRP H2   H  N N 334 
TRP HA   H  N N 335 
TRP HB2  H  N N 336 
TRP HB3  H  N N 337 
TRP HD1  H  N N 338 
TRP HE1  H  N N 339 
TRP HE3  H  N N 340 
TRP HZ2  H  N N 341 
TRP HZ3  H  N N 342 
TRP HH2  H  N N 343 
TRP HXT  H  N N 344 
VAL N    N  N N 345 
VAL CA   C  N S 346 
VAL C    C  N N 347 
VAL O    O  N N 348 
VAL CB   C  N N 349 
VAL CG1  C  N N 350 
VAL CG2  C  N N 351 
VAL OXT  O  N N 352 
VAL H    H  N N 353 
VAL H2   H  N N 354 
VAL HA   H  N N 355 
VAL HB   H  N N 356 
VAL HG11 H  N N 357 
VAL HG12 H  N N 358 
VAL HG13 H  N N 359 
VAL HG21 H  N N 360 
VAL HG22 H  N N 361 
VAL HG23 H  N N 362 
VAL HXT  H  N N 363 
ZN  ZN   ZN N N 364 
# 
loop_
_chem_comp_bond.comp_id 
_chem_comp_bond.atom_id_1 
_chem_comp_bond.atom_id_2 
_chem_comp_bond.value_order 
_chem_comp_bond.pdbx_aromatic_flag 
_chem_comp_bond.pdbx_stereo_config 
_chem_comp_bond.pdbx_ordinal 
ALA N   CA   sing N N 1   
ALA N   H    sing N N 2   
ALA N   H2   sing N N 3   
ALA CA  C    sing N N 4   
ALA CA  CB   sing N N 5   
ALA CA  HA   sing N N 6   
ALA C   O    doub N N 7   
ALA C   OXT  sing N N 8   
ALA CB  HB1  sing N N 9   
ALA CB  HB2  sing N N 10  
ALA CB  HB3  sing N N 11  
ALA OXT HXT  sing N N 12  
ARG N   CA   sing N N 13  
ARG N   H    sing N N 14  
ARG N   H2   sing N N 15  
ARG CA  C    sing N N 16  
ARG CA  CB   sing N N 17  
ARG CA  HA   sing N N 18  
ARG C   O    doub N N 19  
ARG C   OXT  sing N N 20  
ARG CB  CG   sing N N 21  
ARG CB  HB2  sing N N 22  
ARG CB  HB3  sing N N 23  
ARG CG  CD   sing N N 24  
ARG CG  HG2  sing N N 25  
ARG CG  HG3  sing N N 26  
ARG CD  NE   sing N N 27  
ARG CD  HD2  sing N N 28  
ARG CD  HD3  sing N N 29  
ARG NE  CZ   sing N N 30  
ARG NE  HE   sing N N 31  
ARG CZ  NH1  sing N N 32  
ARG CZ  NH2  doub N N 33  
ARG NH1 HH11 sing N N 34  
ARG NH1 HH12 sing N N 35  
ARG NH2 HH21 sing N N 36  
ARG NH2 HH22 sing N N 37  
ARG OXT HXT  sing N N 38  
ASN N   CA   sing N N 39  
ASN N   H    sing N N 40  
ASN N   H2   sing N N 41  
ASN CA  C    sing N N 42  
ASN CA  CB   sing N N 43  
ASN CA  HA   sing N N 44  
ASN C   O    doub N N 45  
ASN C   OXT  sing N N 46  
ASN CB  CG   sing N N 47  
ASN CB  HB2  sing N N 48  
ASN CB  HB3  sing N N 49  
ASN CG  OD1  doub N N 50  
ASN CG  ND2  sing N N 51  
ASN ND2 HD21 sing N N 52  
ASN ND2 HD22 sing N N 53  
ASN OXT HXT  sing N N 54  
ASP N   CA   sing N N 55  
ASP N   H    sing N N 56  
ASP N   H2   sing N N 57  
ASP CA  C    sing N N 58  
ASP CA  CB   sing N N 59  
ASP CA  HA   sing N N 60  
ASP C   O    doub N N 61  
ASP C   OXT  sing N N 62  
ASP CB  CG   sing N N 63  
ASP CB  HB2  sing N N 64  
ASP CB  HB3  sing N N 65  
ASP CG  OD1  doub N N 66  
ASP CG  OD2  sing N N 67  
ASP OD2 HD2  sing N N 68  
ASP OXT HXT  sing N N 69  
CYS N   CA   sing N N 70  
CYS N   H    sing N N 71  
CYS N   H2   sing N N 72  
CYS CA  C    sing N N 73  
CYS CA  CB   sing N N 74  
CYS CA  HA   sing N N 75  
CYS C   O    doub N N 76  
CYS C   OXT  sing N N 77  
CYS CB  SG   sing N N 78  
CYS CB  HB2  sing N N 79  
CYS CB  HB3  sing N N 80  
CYS SG  HG   sing N N 81  
CYS OXT HXT  sing N N 82  
GLN N   CA   sing N N 83  
GLN N   H    sing N N 84  
GLN N   H2   sing N N 85  
GLN CA  C    sing N N 86  
GLN CA  CB   sing N N 87  
GLN CA  HA   sing N N 88  
GLN C   O    doub N N 89  
GLN C   OXT  sing N N 90  
GLN CB  CG   sing N N 91  
GLN CB  HB2  sing N N 92  
GLN CB  HB3  sing N N 93  
GLN CG  CD   sing N N 94  
GLN CG  HG2  sing N N 95  
GLN CG  HG3  sing N N 96  
GLN CD  OE1  doub N N 97  
GLN CD  NE2  sing N N 98  
GLN NE2 HE21 sing N N 99  
GLN NE2 HE22 sing N N 100 
GLN OXT HXT  sing N N 101 
GLU N   CA   sing N N 102 
GLU N   H    sing N N 103 
GLU N   H2   sing N N 104 
GLU CA  C    sing N N 105 
GLU CA  CB   sing N N 106 
GLU CA  HA   sing N N 107 
GLU C   O    doub N N 108 
GLU C   OXT  sing N N 109 
GLU CB  CG   sing N N 110 
GLU CB  HB2  sing N N 111 
GLU CB  HB3  sing N N 112 
GLU CG  CD   sing N N 113 
GLU CG  HG2  sing N N 114 
GLU CG  HG3  sing N N 115 
GLU CD  OE1  doub N N 116 
GLU CD  OE2  sing N N 117 
GLU OE2 HE2  sing N N 118 
GLU OXT HXT  sing N N 119 
GLY N   CA   sing N N 120 
GLY N   H    sing N N 121 
GLY N   H2   sing N N 122 
GLY CA  C    sing N N 123 
GLY CA  HA2  sing N N 124 
GLY CA  HA3  sing N N 125 
GLY C   O    doub N N 126 
GLY C   OXT  sing N N 127 
GLY OXT HXT  sing N N 128 
HIS N   CA   sing N N 129 
HIS N   H    sing N N 130 
HIS N   H2   sing N N 131 
HIS CA  C    sing N N 132 
HIS CA  CB   sing N N 133 
HIS CA  HA   sing N N 134 
HIS C   O    doub N N 135 
HIS C   OXT  sing N N 136 
HIS CB  CG   sing N N 137 
HIS CB  HB2  sing N N 138 
HIS CB  HB3  sing N N 139 
HIS CG  ND1  sing Y N 140 
HIS CG  CD2  doub Y N 141 
HIS ND1 CE1  doub Y N 142 
HIS ND1 HD1  sing N N 143 
HIS CD2 NE2  sing Y N 144 
HIS CD2 HD2  sing N N 145 
HIS CE1 NE2  sing Y N 146 
HIS CE1 HE1  sing N N 147 
HIS NE2 HE2  sing N N 148 
HIS OXT HXT  sing N N 149 
ILE N   CA   sing N N 150 
ILE N   H    sing N N 151 
ILE N   H2   sing N N 152 
ILE CA  C    sing N N 153 
ILE CA  CB   sing N N 154 
ILE CA  HA   sing N N 155 
ILE C   O    doub N N 156 
ILE C   OXT  sing N N 157 
ILE CB  CG1  sing N N 158 
ILE CB  CG2  sing N N 159 
ILE CB  HB   sing N N 160 
ILE CG1 CD1  sing N N 161 
ILE CG1 HG12 sing N N 162 
ILE CG1 HG13 sing N N 163 
ILE CG2 HG21 sing N N 164 
ILE CG2 HG22 sing N N 165 
ILE CG2 HG23 sing N N 166 
ILE CD1 HD11 sing N N 167 
ILE CD1 HD12 sing N N 168 
ILE CD1 HD13 sing N N 169 
ILE OXT HXT  sing N N 170 
LEU N   CA   sing N N 171 
LEU N   H    sing N N 172 
LEU N   H2   sing N N 173 
LEU CA  C    sing N N 174 
LEU CA  CB   sing N N 175 
LEU CA  HA   sing N N 176 
LEU C   O    doub N N 177 
LEU C   OXT  sing N N 178 
LEU CB  CG   sing N N 179 
LEU CB  HB2  sing N N 180 
LEU CB  HB3  sing N N 181 
LEU CG  CD1  sing N N 182 
LEU CG  CD2  sing N N 183 
LEU CG  HG   sing N N 184 
LEU CD1 HD11 sing N N 185 
LEU CD1 HD12 sing N N 186 
LEU CD1 HD13 sing N N 187 
LEU CD2 HD21 sing N N 188 
LEU CD2 HD22 sing N N 189 
LEU CD2 HD23 sing N N 190 
LEU OXT HXT  sing N N 191 
LYS N   CA   sing N N 192 
LYS N   H    sing N N 193 
LYS N   H2   sing N N 194 
LYS CA  C    sing N N 195 
LYS CA  CB   sing N N 196 
LYS CA  HA   sing N N 197 
LYS C   O    doub N N 198 
LYS C   OXT  sing N N 199 
LYS CB  CG   sing N N 200 
LYS CB  HB2  sing N N 201 
LYS CB  HB3  sing N N 202 
LYS CG  CD   sing N N 203 
LYS CG  HG2  sing N N 204 
LYS CG  HG3  sing N N 205 
LYS CD  CE   sing N N 206 
LYS CD  HD2  sing N N 207 
LYS CD  HD3  sing N N 208 
LYS CE  NZ   sing N N 209 
LYS CE  HE2  sing N N 210 
LYS CE  HE3  sing N N 211 
LYS NZ  HZ1  sing N N 212 
LYS NZ  HZ2  sing N N 213 
LYS NZ  HZ3  sing N N 214 
LYS OXT HXT  sing N N 215 
MET N   CA   sing N N 216 
MET N   H    sing N N 217 
MET N   H2   sing N N 218 
MET CA  C    sing N N 219 
MET CA  CB   sing N N 220 
MET CA  HA   sing N N 221 
MET C   O    doub N N 222 
MET C   OXT  sing N N 223 
MET CB  CG   sing N N 224 
MET CB  HB2  sing N N 225 
MET CB  HB3  sing N N 226 
MET CG  SD   sing N N 227 
MET CG  HG2  sing N N 228 
MET CG  HG3  sing N N 229 
MET SD  CE   sing N N 230 
MET CE  HE1  sing N N 231 
MET CE  HE2  sing N N 232 
MET CE  HE3  sing N N 233 
MET OXT HXT  sing N N 234 
PHE N   CA   sing N N 235 
PHE N   H    sing N N 236 
PHE N   H2   sing N N 237 
PHE CA  C    sing N N 238 
PHE CA  CB   sing N N 239 
PHE CA  HA   sing N N 240 
PHE C   O    doub N N 241 
PHE C   OXT  sing N N 242 
PHE CB  CG   sing N N 243 
PHE CB  HB2  sing N N 244 
PHE CB  HB3  sing N N 245 
PHE CG  CD1  doub Y N 246 
PHE CG  CD2  sing Y N 247 
PHE CD1 CE1  sing Y N 248 
PHE CD1 HD1  sing N N 249 
PHE CD2 CE2  doub Y N 250 
PHE CD2 HD2  sing N N 251 
PHE CE1 CZ   doub Y N 252 
PHE CE1 HE1  sing N N 253 
PHE CE2 CZ   sing Y N 254 
PHE CE2 HE2  sing N N 255 
PHE CZ  HZ   sing N N 256 
PHE OXT HXT  sing N N 257 
PRO N   CA   sing N N 258 
PRO N   CD   sing N N 259 
PRO N   H    sing N N 260 
PRO CA  C    sing N N 261 
PRO CA  CB   sing N N 262 
PRO CA  HA   sing N N 263 
PRO C   O    doub N N 264 
PRO C   OXT  sing N N 265 
PRO CB  CG   sing N N 266 
PRO CB  HB2  sing N N 267 
PRO CB  HB3  sing N N 268 
PRO CG  CD   sing N N 269 
PRO CG  HG2  sing N N 270 
PRO CG  HG3  sing N N 271 
PRO CD  HD2  sing N N 272 
PRO CD  HD3  sing N N 273 
PRO OXT HXT  sing N N 274 
SER N   CA   sing N N 275 
SER N   H    sing N N 276 
SER N   H2   sing N N 277 
SER CA  C    sing N N 278 
SER CA  CB   sing N N 279 
SER CA  HA   sing N N 280 
SER C   O    doub N N 281 
SER C   OXT  sing N N 282 
SER CB  OG   sing N N 283 
SER CB  HB2  sing N N 284 
SER CB  HB3  sing N N 285 
SER OG  HG   sing N N 286 
SER OXT HXT  sing N N 287 
THR N   CA   sing N N 288 
THR N   H    sing N N 289 
THR N   H2   sing N N 290 
THR CA  C    sing N N 291 
THR CA  CB   sing N N 292 
THR CA  HA   sing N N 293 
THR C   O    doub N N 294 
THR C   OXT  sing N N 295 
THR CB  OG1  sing N N 296 
THR CB  CG2  sing N N 297 
THR CB  HB   sing N N 298 
THR OG1 HG1  sing N N 299 
THR CG2 HG21 sing N N 300 
THR CG2 HG22 sing N N 301 
THR CG2 HG23 sing N N 302 
THR OXT HXT  sing N N 303 
TRP N   CA   sing N N 304 
TRP N   H    sing N N 305 
TRP N   H2   sing N N 306 
TRP CA  C    sing N N 307 
TRP CA  CB   sing N N 308 
TRP CA  HA   sing N N 309 
TRP C   O    doub N N 310 
TRP C   OXT  sing N N 311 
TRP CB  CG   sing N N 312 
TRP CB  HB2  sing N N 313 
TRP CB  HB3  sing N N 314 
TRP CG  CD1  doub Y N 315 
TRP CG  CD2  sing Y N 316 
TRP CD1 NE1  sing Y N 317 
TRP CD1 HD1  sing N N 318 
TRP CD2 CE2  doub Y N 319 
TRP CD2 CE3  sing Y N 320 
TRP NE1 CE2  sing Y N 321 
TRP NE1 HE1  sing N N 322 
TRP CE2 CZ2  sing Y N 323 
TRP CE3 CZ3  doub Y N 324 
TRP CE3 HE3  sing N N 325 
TRP CZ2 CH2  doub Y N 326 
TRP CZ2 HZ2  sing N N 327 
TRP CZ3 CH2  sing Y N 328 
TRP CZ3 HZ3  sing N N 329 
TRP CH2 HH2  sing N N 330 
TRP OXT HXT  sing N N 331 
VAL N   CA   sing N N 332 
VAL N   H    sing N N 333 
VAL N   H2   sing N N 334 
VAL CA  C    sing N N 335 
VAL CA  CB   sing N N 336 
VAL CA  HA   sing N N 337 
VAL C   O    doub N N 338 
VAL C   OXT  sing N N 339 
VAL CB  CG1  sing N N 340 
VAL CB  CG2  sing N N 341 
VAL CB  HB   sing N N 342 
VAL CG1 HG11 sing N N 343 
VAL CG1 HG12 sing N N 344 
VAL CG1 HG13 sing N N 345 
VAL CG2 HG21 sing N N 346 
VAL CG2 HG22 sing N N 347 
VAL CG2 HG23 sing N N 348 
VAL OXT HXT  sing N N 349 
# 
_pdbx_nmr_spectrometer.spectrometer_id   1 
_pdbx_nmr_spectrometer.type              ? 
_pdbx_nmr_spectrometer.manufacturer      Bruker 
_pdbx_nmr_spectrometer.model             DRX 
_pdbx_nmr_spectrometer.field_strength    500 
# 
_atom_sites.entry_id                    1FP0 
_atom_sites.fract_transf_matrix[1][1]   1.000000 
_atom_sites.fract_transf_matrix[1][2]   0.000000 
_atom_sites.fract_transf_matrix[1][3]   0.000000 
_atom_sites.fract_transf_matrix[2][1]   0.000000 
_atom_sites.fract_transf_matrix[2][2]   1.000000 
_atom_sites.fract_transf_matrix[2][3]   0.000000 
_atom_sites.fract_transf_matrix[3][1]   0.000000 
_atom_sites.fract_transf_matrix[3][2]   0.000000 
_atom_sites.fract_transf_matrix[3][3]   1.000000 
_atom_sites.fract_transf_vector[1]      0.00000 
_atom_sites.fract_transf_vector[2]      0.00000 
_atom_sites.fract_transf_vector[3]      0.00000 
# 
loop_
_atom_type.symbol 
C  
H  
N  
O  
S  
ZN 
# 
loop_
_atom_site.group_PDB 
_atom_site.id 
_atom_site.type_symbol 
_atom_site.label_atom_id 
_atom_site.label_alt_id 
_atom_site.label_comp_id 
_atom_site.label_asym_id 
_atom_site.label_entity_id 
_atom_site.label_seq_id 
_atom_site.pdbx_PDB_ins_code 
_atom_site.Cartn_x 
_atom_site.Cartn_y 
_atom_site.Cartn_z 
_atom_site.occupancy 
_atom_site.B_iso_or_equiv 
_atom_site.pdbx_formal_charge 
_atom_site.auth_seq_id 
_atom_site.auth_comp_id 
_atom_site.auth_asym_id 
_atom_site.auth_atom_id 
_atom_site.pdbx_PDB_model_num 
ATOM   1    N  N    . MET A 1 1  ? 29.313  0.509   -13.450 1.00 0.00 ? 1  MET A N    1 
ATOM   2    C  CA   . MET A 1 1  ? 29.005  -0.872  -12.977 1.00 0.00 ? 1  MET A CA   1 
ATOM   3    C  C    . MET A 1 1  ? 29.495  -1.903  -13.998 1.00 0.00 ? 1  MET A C    1 
ATOM   4    O  O    . MET A 1 1  ? 30.369  -2.699  -13.719 1.00 0.00 ? 1  MET A O    1 
ATOM   5    C  CB   . MET A 1 1  ? 27.481  -0.920  -12.851 1.00 0.00 ? 1  MET A CB   1 
ATOM   6    C  CG   . MET A 1 1  ? 27.056  -2.292  -12.320 1.00 0.00 ? 1  MET A CG   1 
ATOM   7    S  SD   . MET A 1 1  ? 25.395  -2.180  -11.612 1.00 0.00 ? 1  MET A SD   1 
ATOM   8    C  CE   . MET A 1 1  ? 25.897  -2.057  -9.879  1.00 0.00 ? 1  MET A CE   1 
ATOM   9    H  H1   . MET A 1 1  ? 29.094  0.586   -14.464 1.00 0.00 ? 1  MET A H1   1 
ATOM   10   H  H2   . MET A 1 1  ? 30.322  0.712   -13.295 1.00 0.00 ? 1  MET A H2   1 
ATOM   11   H  H3   . MET A 1 1  ? 28.736  1.195   -12.921 1.00 0.00 ? 1  MET A H3   1 
ATOM   12   H  HA   . MET A 1 1  ? 29.459  -1.049  -12.014 1.00 0.00 ? 1  MET A HA   1 
ATOM   13   H  HB2  . MET A 1 1  ? 27.152  -0.150  -12.167 1.00 0.00 ? 1  MET A HB2  1 
ATOM   14   H  HB3  . MET A 1 1  ? 27.034  -0.757  -13.819 1.00 0.00 ? 1  MET A HB3  1 
ATOM   15   H  HG2  . MET A 1 1  ? 27.056  -3.007  -13.129 1.00 0.00 ? 1  MET A HG2  1 
ATOM   16   H  HG3  . MET A 1 1  ? 27.750  -2.611  -11.557 1.00 0.00 ? 1  MET A HG3  1 
ATOM   17   H  HE1  . MET A 1 1  ? 26.170  -1.034  -9.657  1.00 0.00 ? 1  MET A HE1  1 
ATOM   18   H  HE2  . MET A 1 1  ? 26.744  -2.700  -9.703  1.00 0.00 ? 1  MET A HE2  1 
ATOM   19   H  HE3  . MET A 1 1  ? 25.076  -2.362  -9.245  1.00 0.00 ? 1  MET A HE3  1 
ATOM   20   N  N    . ARG A 1 2  ? 28.942  -1.893  -15.180 1.00 0.00 ? 2  ARG A N    1 
ATOM   21   C  CA   . ARG A 1 2  ? 29.380  -2.871  -16.217 1.00 0.00 ? 2  ARG A CA   1 
ATOM   22   C  C    . ARG A 1 2  ? 29.982  -2.131  -17.416 1.00 0.00 ? 2  ARG A C    1 
ATOM   23   O  O    . ARG A 1 2  ? 30.201  -0.938  -17.373 1.00 0.00 ? 2  ARG A O    1 
ATOM   24   C  CB   . ARG A 1 2  ? 28.106  -3.617  -16.622 1.00 0.00 ? 2  ARG A CB   1 
ATOM   25   C  CG   . ARG A 1 2  ? 27.388  -4.117  -15.366 1.00 0.00 ? 2  ARG A CG   1 
ATOM   26   C  CD   . ARG A 1 2  ? 26.865  -5.535  -15.602 1.00 0.00 ? 2  ARG A CD   1 
ATOM   27   N  NE   . ARG A 1 2  ? 27.984  -6.430  -15.197 1.00 0.00 ? 2  ARG A NE   1 
ATOM   28   C  CZ   . ARG A 1 2  ? 28.056  -7.640  -15.679 1.00 0.00 ? 2  ARG A CZ   1 
ATOM   29   N  NH1  . ARG A 1 2  ? 28.206  -7.822  -16.962 1.00 0.00 ? 2  ARG A NH1  1 
ATOM   30   N  NH2  . ARG A 1 2  ? 27.981  -8.668  -14.878 1.00 0.00 ? 2  ARG A NH2  1 
ATOM   31   H  H    . ARG A 1 2  ? 28.239  -1.241  -15.387 1.00 0.00 ? 2  ARG A H    1 
ATOM   32   H  HA   . ARG A 1 2  ? 30.097  -3.562  -15.803 1.00 0.00 ? 2  ARG A HA   1 
ATOM   33   H  HB2  . ARG A 1 2  ? 27.456  -2.950  -17.167 1.00 0.00 ? 2  ARG A HB2  1 
ATOM   34   H  HB3  . ARG A 1 2  ? 28.364  -4.460  -17.245 1.00 0.00 ? 2  ARG A HB3  1 
ATOM   35   H  HG2  . ARG A 1 2  ? 28.080  -4.122  -14.535 1.00 0.00 ? 2  ARG A HG2  1 
ATOM   36   H  HG3  . ARG A 1 2  ? 26.561  -3.462  -15.141 1.00 0.00 ? 2  ARG A HG3  1 
ATOM   37   H  HD2  . ARG A 1 2  ? 25.992  -5.719  -14.990 1.00 0.00 ? 2  ARG A HD2  1 
ATOM   38   H  HD3  . ARG A 1 2  ? 26.633  -5.683  -16.646 1.00 0.00 ? 2  ARG A HD3  1 
ATOM   39   H  HE   . ARG A 1 2  ? 28.664  -6.110  -14.569 1.00 0.00 ? 2  ARG A HE   1 
ATOM   40   H  HH11 . ARG A 1 2  ? 28.263  -7.033  -17.575 1.00 0.00 ? 2  ARG A HH11 1 
ATOM   41   H  HH12 . ARG A 1 2  ? 28.262  -8.748  -17.333 1.00 0.00 ? 2  ARG A HH12 1 
ATOM   42   H  HH21 . ARG A 1 2  ? 27.866  -8.527  -13.895 1.00 0.00 ? 2  ARG A HH21 1 
ATOM   43   H  HH22 . ARG A 1 2  ? 28.036  -9.596  -15.247 1.00 0.00 ? 2  ARG A HH22 1 
ATOM   44   N  N    . GLY A 1 3  ? 30.253  -2.829  -18.485 1.00 0.00 ? 3  GLY A N    1 
ATOM   45   C  CA   . GLY A 1 3  ? 30.842  -2.160  -19.680 1.00 0.00 ? 3  GLY A CA   1 
ATOM   46   C  C    . GLY A 1 3  ? 30.636  -3.040  -20.913 1.00 0.00 ? 3  GLY A C    1 
ATOM   47   O  O    . GLY A 1 3  ? 30.072  -2.618  -21.902 1.00 0.00 ? 3  GLY A O    1 
ATOM   48   H  H    . GLY A 1 3  ? 30.072  -3.792  -18.502 1.00 0.00 ? 3  GLY A H    1 
ATOM   49   H  HA2  . GLY A 1 3  ? 30.359  -1.205  -19.832 1.00 0.00 ? 3  GLY A HA2  1 
ATOM   50   H  HA3  . GLY A 1 3  ? 31.900  -2.009  -19.523 1.00 0.00 ? 3  GLY A HA3  1 
ATOM   51   N  N    . SER A 1 4  ? 31.089  -4.263  -20.862 1.00 0.00 ? 4  SER A N    1 
ATOM   52   C  CA   . SER A 1 4  ? 30.917  -5.169  -22.034 1.00 0.00 ? 4  SER A CA   1 
ATOM   53   C  C    . SER A 1 4  ? 31.131  -6.624  -21.612 1.00 0.00 ? 4  SER A C    1 
ATOM   54   O  O    . SER A 1 4  ? 31.573  -7.449  -22.387 1.00 0.00 ? 4  SER A O    1 
ATOM   55   C  CB   . SER A 1 4  ? 31.989  -4.732  -23.029 1.00 0.00 ? 4  SER A CB   1 
ATOM   56   O  OG   . SER A 1 4  ? 31.545  -5.012  -24.350 1.00 0.00 ? 4  SER A OG   1 
ATOM   57   H  H    . SER A 1 4  ? 31.542  -4.585  -20.055 1.00 0.00 ? 4  SER A H    1 
ATOM   58   H  HA   . SER A 1 4  ? 29.938  -5.042  -22.468 1.00 0.00 ? 4  SER A HA   1 
ATOM   59   H  HB2  . SER A 1 4  ? 32.165  -3.674  -22.931 1.00 0.00 ? 4  SER A HB2  1 
ATOM   60   H  HB3  . SER A 1 4  ? 32.907  -5.268  -22.825 1.00 0.00 ? 4  SER A HB3  1 
ATOM   61   H  HG   . SER A 1 4  ? 32.308  -4.977  -24.932 1.00 0.00 ? 4  SER A HG   1 
ATOM   62   N  N    . HIS A 1 5  ? 30.816  -6.944  -20.388 1.00 0.00 ? 5  HIS A N    1 
ATOM   63   C  CA   . HIS A 1 5  ? 30.996  -8.346  -19.915 1.00 0.00 ? 5  HIS A CA   1 
ATOM   64   C  C    . HIS A 1 5  ? 29.669  -9.105  -20.004 1.00 0.00 ? 5  HIS A C    1 
ATOM   65   O  O    . HIS A 1 5  ? 29.576  -10.257 -19.633 1.00 0.00 ? 5  HIS A O    1 
ATOM   66   C  CB   . HIS A 1 5  ? 31.440  -8.214  -18.458 1.00 0.00 ? 5  HIS A CB   1 
ATOM   67   C  CG   . HIS A 1 5  ? 32.881  -8.628  -18.330 1.00 0.00 ? 5  HIS A CG   1 
ATOM   68   N  ND1  . HIS A 1 5  ? 33.841  -7.801  -17.765 1.00 0.00 ? 5  HIS A ND1  1 
ATOM   69   C  CD2  . HIS A 1 5  ? 33.540  -9.778  -18.687 1.00 0.00 ? 5  HIS A CD2  1 
ATOM   70   C  CE1  . HIS A 1 5  ? 35.013  -8.460  -17.798 1.00 0.00 ? 5  HIS A CE1  1 
ATOM   71   N  NE2  . HIS A 1 5  ? 34.887  -9.670  -18.350 1.00 0.00 ? 5  HIS A NE2  1 
ATOM   72   H  H    . HIS A 1 5  ? 30.459  -6.263  -19.781 1.00 0.00 ? 5  HIS A H    1 
ATOM   73   H  HA   . HIS A 1 5  ? 31.758  -8.845  -20.490 1.00 0.00 ? 5  HIS A HA   1 
ATOM   74   H  HB2  . HIS A 1 5  ? 31.330  -7.188  -18.139 1.00 0.00 ? 5  HIS A HB2  1 
ATOM   75   H  HB3  . HIS A 1 5  ? 30.828  -8.850  -17.836 1.00 0.00 ? 5  HIS A HB3  1 
ATOM   76   H  HD1  . HIS A 1 5  ? 33.693  -6.900  -17.410 1.00 0.00 ? 5  HIS A HD1  1 
ATOM   77   H  HD2  . HIS A 1 5  ? 33.085  -10.635 -19.158 1.00 0.00 ? 5  HIS A HD2  1 
ATOM   78   H  HE1  . HIS A 1 5  ? 35.943  -8.060  -17.421 1.00 0.00 ? 5  HIS A HE1  1 
ATOM   79   N  N    . HIS A 1 6  ? 28.640  -8.463  -20.489 1.00 0.00 ? 6  HIS A N    1 
ATOM   80   C  CA   . HIS A 1 6  ? 27.318  -9.148  -20.594 1.00 0.00 ? 6  HIS A CA   1 
ATOM   81   C  C    . HIS A 1 6  ? 26.760  -9.032  -22.017 1.00 0.00 ? 6  HIS A C    1 
ATOM   82   O  O    . HIS A 1 6  ? 25.921  -9.809  -22.428 1.00 0.00 ? 6  HIS A O    1 
ATOM   83   C  CB   . HIS A 1 6  ? 26.413  -8.408  -19.609 1.00 0.00 ? 6  HIS A CB   1 
ATOM   84   C  CG   . HIS A 1 6  ? 26.059  -9.321  -18.469 1.00 0.00 ? 6  HIS A CG   1 
ATOM   85   N  ND1  . HIS A 1 6  ? 25.927  -10.691 -18.631 1.00 0.00 ? 6  HIS A ND1  1 
ATOM   86   C  CD2  . HIS A 1 6  ? 25.807  -9.074  -17.141 1.00 0.00 ? 6  HIS A CD2  1 
ATOM   87   C  CE1  . HIS A 1 6  ? 25.608  -11.212 -17.433 1.00 0.00 ? 6  HIS A CE1  1 
ATOM   88   N  NE2  . HIS A 1 6  ? 25.522  -10.270 -16.490 1.00 0.00 ? 6  HIS A NE2  1 
ATOM   89   H  H    . HIS A 1 6  ? 28.736  -7.533  -20.777 1.00 0.00 ? 6  HIS A H    1 
ATOM   90   H  HA   . HIS A 1 6  ? 27.405  -10.183 -20.305 1.00 0.00 ? 6  HIS A HA   1 
ATOM   91   H  HB2  . HIS A 1 6  ? 26.931  -7.539  -19.228 1.00 0.00 ? 6  HIS A HB2  1 
ATOM   92   H  HB3  . HIS A 1 6  ? 25.511  -8.097  -20.113 1.00 0.00 ? 6  HIS A HB3  1 
ATOM   93   H  HD1  . HIS A 1 6  ? 26.046  -11.190 -19.466 1.00 0.00 ? 6  HIS A HD1  1 
ATOM   94   H  HD2  . HIS A 1 6  ? 25.827  -8.100  -16.675 1.00 0.00 ? 6  HIS A HD2  1 
ATOM   95   H  HE1  . HIS A 1 6  ? 25.441  -12.264 -17.255 1.00 0.00 ? 6  HIS A HE1  1 
ATOM   96   N  N    . HIS A 1 7  ? 27.211  -8.067  -22.770 1.00 0.00 ? 7  HIS A N    1 
ATOM   97   C  CA   . HIS A 1 7  ? 26.695  -7.909  -24.159 1.00 0.00 ? 7  HIS A CA   1 
ATOM   98   C  C    . HIS A 1 7  ? 25.175  -7.716  -24.133 1.00 0.00 ? 7  HIS A C    1 
ATOM   99   O  O    . HIS A 1 7  ? 24.469  -8.153  -25.018 1.00 0.00 ? 7  HIS A O    1 
ATOM   100  C  CB   . HIS A 1 7  ? 27.058  -9.214  -24.867 1.00 0.00 ? 7  HIS A CB   1 
ATOM   101  C  CG   . HIS A 1 7  ? 27.427  -8.924  -26.297 1.00 0.00 ? 7  HIS A CG   1 
ATOM   102  N  ND1  . HIS A 1 7  ? 26.949  -7.813  -26.974 1.00 0.00 ? 7  HIS A ND1  1 
ATOM   103  C  CD2  . HIS A 1 7  ? 28.224  -9.592  -27.193 1.00 0.00 ? 7  HIS A CD2  1 
ATOM   104  C  CE1  . HIS A 1 7  ? 27.458  -7.845  -28.218 1.00 0.00 ? 7  HIS A CE1  1 
ATOM   105  N  NE2  . HIS A 1 7  ? 28.242  -8.910  -28.404 1.00 0.00 ? 7  HIS A NE2  1 
ATOM   106  H  H    . HIS A 1 7  ? 27.884  -7.445  -22.423 1.00 0.00 ? 7  HIS A H    1 
ATOM   107  H  HA   . HIS A 1 7  ? 27.174  -7.076  -24.649 1.00 0.00 ? 7  HIS A HA   1 
ATOM   108  H  HB2  . HIS A 1 7  ? 27.895  -9.675  -24.365 1.00 0.00 ? 7  HIS A HB2  1 
ATOM   109  H  HB3  . HIS A 1 7  ? 26.211  -9.883  -24.845 1.00 0.00 ? 7  HIS A HB3  1 
ATOM   110  H  HD1  . HIS A 1 7  ? 26.349  -7.127  -26.611 1.00 0.00 ? 7  HIS A HD1  1 
ATOM   111  H  HD2  . HIS A 1 7  ? 28.757  -10.509 -26.986 1.00 0.00 ? 7  HIS A HD2  1 
ATOM   112  H  HE1  . HIS A 1 7  ? 27.257  -7.101  -28.976 1.00 0.00 ? 7  HIS A HE1  1 
ATOM   113  N  N    . HIS A 1 8  ? 24.671  -7.064  -23.121 1.00 0.00 ? 8  HIS A N    1 
ATOM   114  C  CA   . HIS A 1 8  ? 23.198  -6.842  -23.035 1.00 0.00 ? 8  HIS A CA   1 
ATOM   115  C  C    . HIS A 1 8  ? 22.451  -8.177  -23.101 1.00 0.00 ? 8  HIS A C    1 
ATOM   116  O  O    . HIS A 1 8  ? 23.041  -9.223  -23.285 1.00 0.00 ? 8  HIS A O    1 
ATOM   117  C  CB   . HIS A 1 8  ? 22.856  -5.977  -24.248 1.00 0.00 ? 8  HIS A CB   1 
ATOM   118  C  CG   . HIS A 1 8  ? 23.619  -4.685  -24.171 1.00 0.00 ? 8  HIS A CG   1 
ATOM   119  N  ND1  . HIS A 1 8  ? 24.952  -4.593  -24.537 1.00 0.00 ? 8  HIS A ND1  1 
ATOM   120  C  CD2  . HIS A 1 8  ? 23.252  -3.425  -23.769 1.00 0.00 ? 8  HIS A CD2  1 
ATOM   121  C  CE1  . HIS A 1 8  ? 25.336  -3.318  -24.350 1.00 0.00 ? 8  HIS A CE1  1 
ATOM   122  N  NE2  . HIS A 1 8  ? 24.338  -2.563  -23.882 1.00 0.00 ? 8  HIS A NE2  1 
ATOM   123  H  H    . HIS A 1 8  ? 25.258  -6.721  -22.416 1.00 0.00 ? 8  HIS A H    1 
ATOM   124  H  HA   . HIS A 1 8  ? 22.950  -6.316  -22.127 1.00 0.00 ? 8  HIS A HA   1 
ATOM   125  H  HB2  . HIS A 1 8  ? 23.127  -6.502  -25.153 1.00 0.00 ? 8  HIS A HB2  1 
ATOM   126  H  HB3  . HIS A 1 8  ? 21.797  -5.770  -24.256 1.00 0.00 ? 8  HIS A HB3  1 
ATOM   127  H  HD1  . HIS A 1 8  ? 25.512  -5.324  -24.870 1.00 0.00 ? 8  HIS A HD1  1 
ATOM   128  H  HD2  . HIS A 1 8  ? 22.270  -3.146  -23.419 1.00 0.00 ? 8  HIS A HD2  1 
ATOM   129  H  HE1  . HIS A 1 8  ? 26.330  -2.950  -24.553 1.00 0.00 ? 8  HIS A HE1  1 
ATOM   130  N  N    . HIS A 1 9  ? 21.155  -8.145  -22.950 1.00 0.00 ? 9  HIS A N    1 
ATOM   131  C  CA   . HIS A 1 9  ? 20.362  -9.406  -23.001 1.00 0.00 ? 9  HIS A CA   1 
ATOM   132  C  C    . HIS A 1 9  ? 18.986  -9.131  -23.623 1.00 0.00 ? 9  HIS A C    1 
ATOM   133  O  O    . HIS A 1 9  ? 18.860  -8.334  -24.532 1.00 0.00 ? 9  HIS A O    1 
ATOM   134  C  CB   . HIS A 1 9  ? 20.232  -9.844  -21.539 1.00 0.00 ? 9  HIS A CB   1 
ATOM   135  C  CG   . HIS A 1 9  ? 19.644  -8.720  -20.731 1.00 0.00 ? 9  HIS A CG   1 
ATOM   136  N  ND1  . HIS A 1 9  ? 20.425  -7.904  -19.929 1.00 0.00 ? 9  HIS A ND1  1 
ATOM   137  C  CD2  . HIS A 1 9  ? 18.358  -8.261  -20.593 1.00 0.00 ? 9  HIS A CD2  1 
ATOM   138  C  CE1  . HIS A 1 9  ? 19.610  -7.003  -19.350 1.00 0.00 ? 9  HIS A CE1  1 
ATOM   139  N  NE2  . HIS A 1 9  ? 18.338  -7.177  -19.721 1.00 0.00 ? 9  HIS A NE2  1 
ATOM   140  H  H    . HIS A 1 9  ? 20.702  -7.288  -22.801 1.00 0.00 ? 9  HIS A H    1 
ATOM   141  H  HA   . HIS A 1 9  ? 20.888  -10.159 -23.567 1.00 0.00 ? 9  HIS A HA   1 
ATOM   142  H  HB2  . HIS A 1 9  ? 19.594  -10.712 -21.473 1.00 0.00 ? 9  HIS A HB2  1 
ATOM   143  H  HB3  . HIS A 1 9  ? 21.209  -10.089 -21.150 1.00 0.00 ? 9  HIS A HB3  1 
ATOM   144  H  HD1  . HIS A 1 9  ? 21.395  -7.972  -19.805 1.00 0.00 ? 9  HIS A HD1  1 
ATOM   145  H  HD2  . HIS A 1 9  ? 17.493  -8.677  -21.089 1.00 0.00 ? 9  HIS A HD2  1 
ATOM   146  H  HE1  . HIS A 1 9  ? 19.944  -6.232  -18.671 1.00 0.00 ? 9  HIS A HE1  1 
ATOM   147  N  N    . HIS A 1 10 ? 17.957  -9.781  -23.147 1.00 0.00 ? 10 HIS A N    1 
ATOM   148  C  CA   . HIS A 1 10 ? 16.598  -9.551  -23.719 1.00 0.00 ? 10 HIS A CA   1 
ATOM   149  C  C    . HIS A 1 10 ? 16.373  -8.059  -23.972 1.00 0.00 ? 10 HIS A C    1 
ATOM   150  O  O    . HIS A 1 10 ? 16.537  -7.574  -25.074 1.00 0.00 ? 10 HIS A O    1 
ATOM   151  C  CB   . HIS A 1 10 ? 15.627  -10.063 -22.653 1.00 0.00 ? 10 HIS A CB   1 
ATOM   152  C  CG   . HIS A 1 10 ? 15.395  -11.536 -22.846 1.00 0.00 ? 10 HIS A CG   1 
ATOM   153  N  ND1  . HIS A 1 10 ? 14.338  -12.025 -23.598 1.00 0.00 ? 10 HIS A ND1  1 
ATOM   154  C  CD2  . HIS A 1 10 ? 16.072  -12.638 -22.387 1.00 0.00 ? 10 HIS A CD2  1 
ATOM   155  C  CE1  . HIS A 1 10 ? 14.408  -13.368 -23.568 1.00 0.00 ? 10 HIS A CE1  1 
ATOM   156  N  NE2  . HIS A 1 10 ? 15.447  -13.795 -22.844 1.00 0.00 ? 10 HIS A NE2  1 
ATOM   157  H  H    . HIS A 1 10 ? 18.075  -10.420 -22.417 1.00 0.00 ? 10 HIS A H    1 
ATOM   158  H  HA   . HIS A 1 10 ? 16.473  -10.112 -24.632 1.00 0.00 ? 10 HIS A HA   1 
ATOM   159  H  HB2  . HIS A 1 10 ? 16.046  -9.891  -21.673 1.00 0.00 ? 10 HIS A HB2  1 
ATOM   160  H  HB3  . HIS A 1 10 ? 14.688  -9.538  -22.742 1.00 0.00 ? 10 HIS A HB3  1 
ATOM   161  H  HD1  . HIS A 1 10 ? 13.663  -11.491 -24.064 1.00 0.00 ? 10 HIS A HD1  1 
ATOM   162  H  HD2  . HIS A 1 10 ? 16.954  -12.611 -21.766 1.00 0.00 ? 10 HIS A HD2  1 
ATOM   163  H  HE1  . HIS A 1 10 ? 13.710  -14.023 -24.069 1.00 0.00 ? 10 HIS A HE1  1 
ATOM   164  N  N    . GLY A 1 11 ? 15.998  -7.325  -22.960 1.00 0.00 ? 11 GLY A N    1 
ATOM   165  C  CA   . GLY A 1 11 ? 15.762  -5.865  -23.144 1.00 0.00 ? 11 GLY A CA   1 
ATOM   166  C  C    . GLY A 1 11 ? 17.003  -5.086  -22.708 1.00 0.00 ? 11 GLY A C    1 
ATOM   167  O  O    . GLY A 1 11 ? 17.981  -5.655  -22.265 1.00 0.00 ? 11 GLY A O    1 
ATOM   168  H  H    . GLY A 1 11 ? 15.871  -7.734  -22.078 1.00 0.00 ? 11 GLY A H    1 
ATOM   169  H  HA2  . GLY A 1 11 ? 15.558  -5.663  -24.186 1.00 0.00 ? 11 GLY A HA2  1 
ATOM   170  H  HA3  . GLY A 1 11 ? 14.918  -5.557  -22.546 1.00 0.00 ? 11 GLY A HA3  1 
ATOM   171  N  N    . SER A 1 12 ? 16.973  -3.787  -22.830 1.00 0.00 ? 12 SER A N    1 
ATOM   172  C  CA   . SER A 1 12 ? 18.155  -2.974  -22.420 1.00 0.00 ? 12 SER A CA   1 
ATOM   173  C  C    . SER A 1 12 ? 17.721  -1.848  -21.478 1.00 0.00 ? 12 SER A C    1 
ATOM   174  O  O    . SER A 1 12 ? 17.372  -0.767  -21.906 1.00 0.00 ? 12 SER A O    1 
ATOM   175  C  CB   . SER A 1 12 ? 18.712  -2.401  -23.723 1.00 0.00 ? 12 SER A CB   1 
ATOM   176  O  OG   . SER A 1 12 ? 19.925  -1.712  -23.450 1.00 0.00 ? 12 SER A OG   1 
ATOM   177  H  H    . SER A 1 12 ? 16.175  -3.346  -23.190 1.00 0.00 ? 12 SER A H    1 
ATOM   178  H  HA   . SER A 1 12 ? 18.896  -3.599  -21.946 1.00 0.00 ? 12 SER A HA   1 
ATOM   179  H  HB2  . SER A 1 12 ? 18.907  -3.200  -24.418 1.00 0.00 ? 12 SER A HB2  1 
ATOM   180  H  HB3  . SER A 1 12 ? 17.988  -1.721  -24.155 1.00 0.00 ? 12 SER A HB3  1 
ATOM   181  H  HG   . SER A 1 12 ? 20.617  -2.110  -23.984 1.00 0.00 ? 12 SER A HG   1 
ATOM   182  N  N    . ASP A 1 13 ? 17.743  -2.094  -20.196 1.00 0.00 ? 13 ASP A N    1 
ATOM   183  C  CA   . ASP A 1 13 ? 17.331  -1.039  -19.225 1.00 0.00 ? 13 ASP A CA   1 
ATOM   184  C  C    . ASP A 1 13 ? 17.398  -1.587  -17.795 1.00 0.00 ? 13 ASP A C    1 
ATOM   185  O  O    . ASP A 1 13 ? 17.983  -0.982  -16.919 1.00 0.00 ? 13 ASP A O    1 
ATOM   186  C  CB   . ASP A 1 13 ? 15.890  -0.687  -19.599 1.00 0.00 ? 13 ASP A CB   1 
ATOM   187  C  CG   . ASP A 1 13 ? 15.101  -1.970  -19.866 1.00 0.00 ? 13 ASP A CG   1 
ATOM   188  O  OD1  . ASP A 1 13 ? 14.717  -2.615  -18.905 1.00 0.00 ? 13 ASP A OD1  1 
ATOM   189  O  OD2  . ASP A 1 13 ? 14.893  -2.285  -21.026 1.00 0.00 ? 13 ASP A OD2  1 
ATOM   190  H  H    . ASP A 1 13 ? 18.028  -2.974  -19.871 1.00 0.00 ? 13 ASP A H    1 
ATOM   191  H  HA   . ASP A 1 13 ? 17.961  -0.170  -19.326 1.00 0.00 ? 13 ASP A HA   1 
ATOM   192  H  HB2  . ASP A 1 13 ? 15.431  -0.142  -18.788 1.00 0.00 ? 13 ASP A HB2  1 
ATOM   193  H  HB3  . ASP A 1 13 ? 15.889  -0.075  -20.489 1.00 0.00 ? 13 ASP A HB3  1 
ATOM   194  N  N    . ILE A 1 14 ? 16.799  -2.730  -17.564 1.00 0.00 ? 14 ILE A N    1 
ATOM   195  C  CA   . ILE A 1 14 ? 16.810  -3.355  -16.198 1.00 0.00 ? 14 ILE A CA   1 
ATOM   196  C  C    . ILE A 1 14 ? 15.760  -2.708  -15.278 1.00 0.00 ? 14 ILE A C    1 
ATOM   197  O  O    . ILE A 1 14 ? 15.296  -3.324  -14.339 1.00 0.00 ? 14 ILE A O    1 
ATOM   198  C  CB   . ILE A 1 14 ? 18.246  -3.171  -15.663 1.00 0.00 ? 14 ILE A CB   1 
ATOM   199  C  CG1  . ILE A 1 14 ? 18.714  -4.480  -15.023 1.00 0.00 ? 14 ILE A CG1  1 
ATOM   200  C  CG2  . ILE A 1 14 ? 18.308  -2.050  -14.616 1.00 0.00 ? 14 ILE A CG2  1 
ATOM   201  C  CD1  . ILE A 1 14 ? 20.105  -4.836  -15.548 1.00 0.00 ? 14 ILE A CD1  1 
ATOM   202  H  H    . ILE A 1 14 ? 16.337  -3.187  -18.297 1.00 0.00 ? 14 ILE A H    1 
ATOM   203  H  HA   . ILE A 1 14 ? 16.602  -4.410  -16.289 1.00 0.00 ? 14 ILE A HA   1 
ATOM   204  H  HB   . ILE A 1 14 ? 18.902  -2.924  -16.485 1.00 0.00 ? 14 ILE A HB   1 
ATOM   205  H  HG12 . ILE A 1 14 ? 18.750  -4.363  -13.949 1.00 0.00 ? 14 ILE A HG12 1 
ATOM   206  H  HG13 . ILE A 1 14 ? 18.024  -5.270  -15.275 1.00 0.00 ? 14 ILE A HG13 1 
ATOM   207  H  HG21 . ILE A 1 14 ? 17.593  -1.282  -14.869 1.00 0.00 ? 14 ILE A HG21 1 
ATOM   208  H  HG22 . ILE A 1 14 ? 19.301  -1.626  -14.601 1.00 0.00 ? 14 ILE A HG22 1 
ATOM   209  H  HG23 . ILE A 1 14 ? 18.074  -2.454  -13.642 1.00 0.00 ? 14 ILE A HG23 1 
ATOM   210  H  HD11 . ILE A 1 14 ? 20.558  -3.961  -15.989 1.00 0.00 ? 14 ILE A HD11 1 
ATOM   211  H  HD12 . ILE A 1 14 ? 20.021  -5.612  -16.295 1.00 0.00 ? 14 ILE A HD12 1 
ATOM   212  H  HD13 . ILE A 1 14 ? 20.718  -5.187  -14.732 1.00 0.00 ? 14 ILE A HD13 1 
ATOM   213  N  N    . ILE A 1 15 ? 15.378  -1.484  -15.537 1.00 0.00 ? 15 ILE A N    1 
ATOM   214  C  CA   . ILE A 1 15 ? 14.355  -0.818  -14.674 1.00 0.00 ? 15 ILE A CA   1 
ATOM   215  C  C    . ILE A 1 15 ? 14.817  -0.787  -13.212 1.00 0.00 ? 15 ILE A C    1 
ATOM   216  O  O    . ILE A 1 15 ? 15.063  -1.808  -12.603 1.00 0.00 ? 15 ILE A O    1 
ATOM   217  C  CB   . ILE A 1 15 ? 13.092  -1.669  -14.829 1.00 0.00 ? 15 ILE A CB   1 
ATOM   218  C  CG1  . ILE A 1 15 ? 12.414  -1.325  -16.158 1.00 0.00 ? 15 ILE A CG1  1 
ATOM   219  C  CG2  . ILE A 1 15 ? 12.125  -1.379  -13.679 1.00 0.00 ? 15 ILE A CG2  1 
ATOM   220  C  CD1  . ILE A 1 15 ? 11.410  -2.420  -16.519 1.00 0.00 ? 15 ILE A CD1  1 
ATOM   221  H  H    . ILE A 1 15 ? 15.757  -1.004  -16.299 1.00 0.00 ? 15 ILE A H    1 
ATOM   222  H  HA   . ILE A 1 15 ? 14.167  0.183   -15.026 1.00 0.00 ? 15 ILE A HA   1 
ATOM   223  H  HB   . ILE A 1 15 ? 13.357  -2.714  -14.819 1.00 0.00 ? 15 ILE A HB   1 
ATOM   224  H  HG12 . ILE A 1 15 ? 11.898  -0.380  -16.064 1.00 0.00 ? 15 ILE A HG12 1 
ATOM   225  H  HG13 . ILE A 1 15 ? 13.160  -1.253  -16.935 1.00 0.00 ? 15 ILE A HG13 1 
ATOM   226  H  HG21 . ILE A 1 15 ? 11.125  -1.668  -13.966 1.00 0.00 ? 15 ILE A HG21 1 
ATOM   227  H  HG22 . ILE A 1 15 ? 12.142  -0.323  -13.451 1.00 0.00 ? 15 ILE A HG22 1 
ATOM   228  H  HG23 . ILE A 1 15 ? 12.425  -1.941  -12.805 1.00 0.00 ? 15 ILE A HG23 1 
ATOM   229  H  HD11 . ILE A 1 15 ? 10.847  -2.119  -17.389 1.00 0.00 ? 15 ILE A HD11 1 
ATOM   230  H  HD12 . ILE A 1 15 ? 10.737  -2.579  -15.689 1.00 0.00 ? 15 ILE A HD12 1 
ATOM   231  H  HD13 . ILE A 1 15 ? 11.940  -3.337  -16.733 1.00 0.00 ? 15 ILE A HD13 1 
ATOM   232  N  N    . ASP A 1 16 ? 14.930  0.383   -12.643 1.00 0.00 ? 16 ASP A N    1 
ATOM   233  C  CA   . ASP A 1 16 ? 15.372  0.482   -11.221 1.00 0.00 ? 16 ASP A CA   1 
ATOM   234  C  C    . ASP A 1 16 ? 14.200  0.185   -10.279 1.00 0.00 ? 16 ASP A C    1 
ATOM   235  O  O    . ASP A 1 16 ? 13.095  -0.079  -10.709 1.00 0.00 ? 16 ASP A O    1 
ATOM   236  C  CB   . ASP A 1 16 ? 15.845  1.926   -11.051 1.00 0.00 ? 16 ASP A CB   1 
ATOM   237  C  CG   . ASP A 1 16 ? 17.312  2.034   -11.468 1.00 0.00 ? 16 ASP A CG   1 
ATOM   238  O  OD1  . ASP A 1 16 ? 17.831  1.061   -11.991 1.00 0.00 ? 16 ASP A OD1  1 
ATOM   239  O  OD2  . ASP A 1 16 ? 17.894  3.086   -11.257 1.00 0.00 ? 16 ASP A OD2  1 
ATOM   240  H  H    . ASP A 1 16 ? 14.724  1.197   -13.149 1.00 0.00 ? 16 ASP A H    1 
ATOM   241  H  HA   . ASP A 1 16 ? 16.188  -0.196  -11.033 1.00 0.00 ? 16 ASP A HA   1 
ATOM   242  H  HB2  . ASP A 1 16 ? 15.244  2.579   -11.668 1.00 0.00 ? 16 ASP A HB2  1 
ATOM   243  H  HB3  . ASP A 1 16 ? 15.745  2.218   -10.015 1.00 0.00 ? 16 ASP A HB3  1 
ATOM   244  N  N    . GLU A 1 17 ? 14.437  0.228   -8.996  1.00 0.00 ? 17 GLU A N    1 
ATOM   245  C  CA   . GLU A 1 17 ? 13.343  -0.053  -8.023  1.00 0.00 ? 17 GLU A CA   1 
ATOM   246  C  C    . GLU A 1 17 ? 12.115  0.803   -8.341  1.00 0.00 ? 17 GLU A C    1 
ATOM   247  O  O    . GLU A 1 17 ? 12.209  2.002   -8.516  1.00 0.00 ? 17 GLU A O    1 
ATOM   248  C  CB   . GLU A 1 17 ? 13.920  0.328   -6.660  1.00 0.00 ? 17 GLU A CB   1 
ATOM   249  C  CG   . GLU A 1 17 ? 14.502  1.742   -6.726  1.00 0.00 ? 17 GLU A CG   1 
ATOM   250  C  CD   . GLU A 1 17 ? 16.025  1.675   -6.607  1.00 0.00 ? 17 GLU A CD   1 
ATOM   251  O  OE1  . GLU A 1 17 ? 16.503  1.352   -5.532  1.00 0.00 ? 17 GLU A OE1  1 
ATOM   252  O  OE2  . GLU A 1 17 ? 16.690  1.949   -7.593  1.00 0.00 ? 17 GLU A OE2  1 
ATOM   253  H  H    . GLU A 1 17 ? 15.337  0.442   -8.671  1.00 0.00 ? 17 GLU A H    1 
ATOM   254  H  HA   . GLU A 1 17 ? 13.087  -1.101  -8.036  1.00 0.00 ? 17 GLU A HA   1 
ATOM   255  H  HB2  . GLU A 1 17 ? 13.138  0.294   -5.916  1.00 0.00 ? 17 GLU A HB2  1 
ATOM   256  H  HB3  . GLU A 1 17 ? 14.701  -0.368  -6.393  1.00 0.00 ? 17 GLU A HB3  1 
ATOM   257  H  HG2  . GLU A 1 17 ? 14.234  2.197   -7.669  1.00 0.00 ? 17 GLU A HG2  1 
ATOM   258  H  HG3  . GLU A 1 17 ? 14.105  2.332   -5.915  1.00 0.00 ? 17 GLU A HG3  1 
ATOM   259  N  N    . PHE A 1 18 ? 10.961  0.196   -8.416  1.00 0.00 ? 18 PHE A N    1 
ATOM   260  C  CA   . PHE A 1 18 ? 9.727   0.977   -8.719  1.00 0.00 ? 18 PHE A CA   1 
ATOM   261  C  C    . PHE A 1 18 ? 8.706   0.808   -7.591  1.00 0.00 ? 18 PHE A C    1 
ATOM   262  O  O    . PHE A 1 18 ? 8.626   -0.230  -6.963  1.00 0.00 ? 18 PHE A O    1 
ATOM   263  C  CB   . PHE A 1 18 ? 9.190   0.386   -10.022 1.00 0.00 ? 18 PHE A CB   1 
ATOM   264  C  CG   . PHE A 1 18 ? 8.075   1.259   -10.549 1.00 0.00 ? 18 PHE A CG   1 
ATOM   265  C  CD1  . PHE A 1 18 ? 8.379   2.436   -11.240 1.00 0.00 ? 18 PHE A CD1  1 
ATOM   266  C  CD2  . PHE A 1 18 ? 6.739   0.891   -10.345 1.00 0.00 ? 18 PHE A CD2  1 
ATOM   267  C  CE1  . PHE A 1 18 ? 7.349   3.248   -11.729 1.00 0.00 ? 18 PHE A CE1  1 
ATOM   268  C  CE2  . PHE A 1 18 ? 5.707   1.703   -10.834 1.00 0.00 ? 18 PHE A CE2  1 
ATOM   269  C  CZ   . PHE A 1 18 ? 6.012   2.882   -11.525 1.00 0.00 ? 18 PHE A CZ   1 
ATOM   270  H  H    . PHE A 1 18 ? 10.906  -0.771  -8.269  1.00 0.00 ? 18 PHE A H    1 
ATOM   271  H  HA   . PHE A 1 18 ? 9.968   2.019   -8.858  1.00 0.00 ? 18 PHE A HA   1 
ATOM   272  H  HB2  . PHE A 1 18 ? 9.985   0.340   -10.752 1.00 0.00 ? 18 PHE A HB2  1 
ATOM   273  H  HB3  . PHE A 1 18 ? 8.811   -0.609  -9.839  1.00 0.00 ? 18 PHE A HB3  1 
ATOM   274  H  HD1  . PHE A 1 18 ? 9.409   2.720   -11.397 1.00 0.00 ? 18 PHE A HD1  1 
ATOM   275  H  HD2  . PHE A 1 18 ? 6.503   -0.018  -9.811  1.00 0.00 ? 18 PHE A HD2  1 
ATOM   276  H  HE1  . PHE A 1 18 ? 7.585   4.157   -12.264 1.00 0.00 ? 18 PHE A HE1  1 
ATOM   277  H  HE2  . PHE A 1 18 ? 4.677   1.422   -10.677 1.00 0.00 ? 18 PHE A HE2  1 
ATOM   278  H  HZ   . PHE A 1 18 ? 5.216   3.508   -11.902 1.00 0.00 ? 18 PHE A HZ   1 
ATOM   279  N  N    . GLY A 1 19 ? 7.927   1.821   -7.328  1.00 0.00 ? 19 GLY A N    1 
ATOM   280  C  CA   . GLY A 1 19 ? 6.914   1.721   -6.240  1.00 0.00 ? 19 GLY A CA   1 
ATOM   281  C  C    . GLY A 1 19 ? 7.090   2.891   -5.271  1.00 0.00 ? 19 GLY A C    1 
ATOM   282  O  O    . GLY A 1 19 ? 6.159   3.617   -4.991  1.00 0.00 ? 19 GLY A O    1 
ATOM   283  H  H    . GLY A 1 19 ? 8.011   2.649   -7.845  1.00 0.00 ? 19 GLY A H    1 
ATOM   284  H  HA2  . GLY A 1 19 ? 5.922   1.752   -6.669  1.00 0.00 ? 19 GLY A HA2  1 
ATOM   285  H  HA3  . GLY A 1 19 ? 7.049   0.793   -5.705  1.00 0.00 ? 19 GLY A HA3  1 
ATOM   286  N  N    . THR A 1 20 ? 8.281   3.074   -4.764  1.00 0.00 ? 20 THR A N    1 
ATOM   287  C  CA   . THR A 1 20 ? 8.536   4.198   -3.815  1.00 0.00 ? 20 THR A CA   1 
ATOM   288  C  C    . THR A 1 20 ? 7.348   4.388   -2.871  1.00 0.00 ? 20 THR A C    1 
ATOM   289  O  O    . THR A 1 20 ? 7.023   5.492   -2.486  1.00 0.00 ? 20 THR A O    1 
ATOM   290  C  CB   . THR A 1 20 ? 8.723   5.433   -4.699  1.00 0.00 ? 20 THR A CB   1 
ATOM   291  O  OG1  . THR A 1 20 ? 9.204   6.510   -3.908  1.00 0.00 ? 20 THR A OG1  1 
ATOM   292  C  CG2  . THR A 1 20 ? 7.386   5.825   -5.333  1.00 0.00 ? 20 THR A CG2  1 
ATOM   293  H  H    . THR A 1 20 ? 9.013   2.471   -5.010  1.00 0.00 ? 20 THR A H    1 
ATOM   294  H  HA   . THR A 1 20 ? 9.437   4.014   -3.250  1.00 0.00 ? 20 THR A HA   1 
ATOM   295  H  HB   . THR A 1 20 ? 9.436   5.213   -5.479  1.00 0.00 ? 20 THR A HB   1 
ATOM   296  H  HG1  . THR A 1 20 ? 8.447   7.020   -3.609  1.00 0.00 ? 20 THR A HG1  1 
ATOM   297  H  HG21 . THR A 1 20 ? 7.132   5.113   -6.103  1.00 0.00 ? 20 THR A HG21 1 
ATOM   298  H  HG22 . THR A 1 20 ? 7.468   6.811   -5.767  1.00 0.00 ? 20 THR A HG22 1 
ATOM   299  H  HG23 . THR A 1 20 ? 6.616   5.827   -4.576  1.00 0.00 ? 20 THR A HG23 1 
ATOM   300  N  N    . LEU A 1 21 ? 6.695   3.323   -2.496  1.00 0.00 ? 21 LEU A N    1 
ATOM   301  C  CA   . LEU A 1 21 ? 5.528   3.460   -1.580  1.00 0.00 ? 21 LEU A CA   1 
ATOM   302  C  C    . LEU A 1 21 ? 5.527   2.339   -0.535  1.00 0.00 ? 21 LEU A C    1 
ATOM   303  O  O    . LEU A 1 21 ? 5.781   2.565   0.632   1.00 0.00 ? 21 LEU A O    1 
ATOM   304  C  CB   . LEU A 1 21 ? 4.303   3.349   -2.487  1.00 0.00 ? 21 LEU A CB   1 
ATOM   305  C  CG   . LEU A 1 21 ? 3.395   4.559   -2.270  1.00 0.00 ? 21 LEU A CG   1 
ATOM   306  C  CD1  . LEU A 1 21 ? 2.858   5.042   -3.618  1.00 0.00 ? 21 LEU A CD1  1 
ATOM   307  C  CD2  . LEU A 1 21 ? 2.224   4.157   -1.371  1.00 0.00 ? 21 LEU A CD2  1 
ATOM   308  H  H    . LEU A 1 21 ? 6.970   2.438   -2.816  1.00 0.00 ? 21 LEU A H    1 
ATOM   309  H  HA   . LEU A 1 21 ? 5.541   4.423   -1.097  1.00 0.00 ? 21 LEU A HA   1 
ATOM   310  H  HB2  . LEU A 1 21 ? 4.623   3.317   -3.519  1.00 0.00 ? 21 LEU A HB2  1 
ATOM   311  H  HB3  . LEU A 1 21 ? 3.761   2.446   -2.250  1.00 0.00 ? 21 LEU A HB3  1 
ATOM   312  H  HG   . LEU A 1 21 ? 3.956   5.353   -1.800  1.00 0.00 ? 21 LEU A HG   1 
ATOM   313  H  HD11 . LEU A 1 21 ? 1.778   5.037   -3.598  1.00 0.00 ? 21 LEU A HD11 1 
ATOM   314  H  HD12 . LEU A 1 21 ? 3.207   4.386   -4.400  1.00 0.00 ? 21 LEU A HD12 1 
ATOM   315  H  HD13 . LEU A 1 21 ? 3.210   6.047   -3.807  1.00 0.00 ? 21 LEU A HD13 1 
ATOM   316  H  HD21 . LEU A 1 21 ? 1.611   5.024   -1.171  1.00 0.00 ? 21 LEU A HD21 1 
ATOM   317  H  HD22 . LEU A 1 21 ? 2.602   3.761   -0.441  1.00 0.00 ? 21 LEU A HD22 1 
ATOM   318  H  HD23 . LEU A 1 21 ? 1.630   3.405   -1.869  1.00 0.00 ? 21 LEU A HD23 1 
ATOM   319  N  N    . ASP A 1 22 ? 5.237   1.133   -0.942  1.00 0.00 ? 22 ASP A N    1 
ATOM   320  C  CA   . ASP A 1 22 ? 5.212   0.003   0.031   1.00 0.00 ? 22 ASP A CA   1 
ATOM   321  C  C    . ASP A 1 22 ? 6.629   -0.523  0.279   1.00 0.00 ? 22 ASP A C    1 
ATOM   322  O  O    . ASP A 1 22 ? 7.597   0.206   0.194   1.00 0.00 ? 22 ASP A O    1 
ATOM   323  C  CB   . ASP A 1 22 ? 4.350   -1.071  -0.631  1.00 0.00 ? 22 ASP A CB   1 
ATOM   324  C  CG   . ASP A 1 22 ? 3.011   -0.464  -1.055  1.00 0.00 ? 22 ASP A CG   1 
ATOM   325  O  OD1  . ASP A 1 22 ? 2.278   -0.027  -0.183  1.00 0.00 ? 22 ASP A OD1  1 
ATOM   326  O  OD2  . ASP A 1 22 ? 2.744   -0.444  -2.246  1.00 0.00 ? 22 ASP A OD2  1 
ATOM   327  H  H    . ASP A 1 22 ? 5.030   0.972   -1.886  1.00 0.00 ? 22 ASP A H    1 
ATOM   328  H  HA   . ASP A 1 22 ? 4.760   0.317   0.959   1.00 0.00 ? 22 ASP A HA   1 
ATOM   329  H  HB2  . ASP A 1 22 ? 4.862   -1.459  -1.500  1.00 0.00 ? 22 ASP A HB2  1 
ATOM   330  H  HB3  . ASP A 1 22 ? 4.173   -1.873  0.070   1.00 0.00 ? 22 ASP A HB3  1 
ATOM   331  N  N    . ASP A 1 23 ? 6.752   -1.783  0.590   1.00 0.00 ? 23 ASP A N    1 
ATOM   332  C  CA   . ASP A 1 23 ? 8.102   -2.362  0.852   1.00 0.00 ? 23 ASP A CA   1 
ATOM   333  C  C    . ASP A 1 23 ? 8.811   -1.568  1.948   1.00 0.00 ? 23 ASP A C    1 
ATOM   334  O  O    . ASP A 1 23 ? 10.017  -1.617  2.084   1.00 0.00 ? 23 ASP A O    1 
ATOM   335  C  CB   . ASP A 1 23 ? 8.858   -2.242  -0.472  1.00 0.00 ? 23 ASP A CB   1 
ATOM   336  C  CG   . ASP A 1 23 ? 8.244   -3.189  -1.504  1.00 0.00 ? 23 ASP A CG   1 
ATOM   337  O  OD1  . ASP A 1 23 ? 7.039   -3.375  -1.467  1.00 0.00 ? 23 ASP A OD1  1 
ATOM   338  O  OD2  . ASP A 1 23 ? 8.991   -3.713  -2.315  1.00 0.00 ? 23 ASP A OD2  1 
ATOM   339  H  H    . ASP A 1 23 ? 5.957   -2.350  0.657   1.00 0.00 ? 23 ASP A H    1 
ATOM   340  H  HA   . ASP A 1 23 ? 8.016   -3.395  1.137   1.00 0.00 ? 23 ASP A HA   1 
ATOM   341  H  HB2  . ASP A 1 23 ? 8.794   -1.225  -0.833  1.00 0.00 ? 23 ASP A HB2  1 
ATOM   342  H  HB3  . ASP A 1 23 ? 9.895   -2.504  -0.319  1.00 0.00 ? 23 ASP A HB3  1 
ATOM   343  N  N    . SER A 1 24 ? 8.066   -0.840  2.728   1.00 0.00 ? 24 SER A N    1 
ATOM   344  C  CA   . SER A 1 24 ? 8.684   -0.037  3.822   1.00 0.00 ? 24 SER A CA   1 
ATOM   345  C  C    . SER A 1 24 ? 7.608   0.764   4.559   1.00 0.00 ? 24 SER A C    1 
ATOM   346  O  O    . SER A 1 24 ? 6.447   0.726   4.207   1.00 0.00 ? 24 SER A O    1 
ATOM   347  C  CB   . SER A 1 24 ? 9.659   0.908   3.116   1.00 0.00 ? 24 SER A CB   1 
ATOM   348  O  OG   . SER A 1 24 ? 8.959   1.644   2.122   1.00 0.00 ? 24 SER A OG   1 
ATOM   349  H  H    . SER A 1 24 ? 7.096   -0.823  2.594   1.00 0.00 ? 24 SER A H    1 
ATOM   350  H  HA   . SER A 1 24 ? 9.219   -0.676  4.507   1.00 0.00 ? 24 SER A HA   1 
ATOM   351  H  HB2  . SER A 1 24 ? 10.080  1.594   3.833   1.00 0.00 ? 24 SER A HB2  1 
ATOM   352  H  HB3  . SER A 1 24 ? 10.454  0.334   2.662   1.00 0.00 ? 24 SER A HB3  1 
ATOM   353  H  HG   . SER A 1 24 ? 9.508   1.677   1.335   1.00 0.00 ? 24 SER A HG   1 
ATOM   354  N  N    . ALA A 1 25 ? 7.987   1.498   5.572   1.00 0.00 ? 25 ALA A N    1 
ATOM   355  C  CA   . ALA A 1 25 ? 6.988   2.312   6.324   1.00 0.00 ? 25 ALA A CA   1 
ATOM   356  C  C    . ALA A 1 25 ? 6.059   1.414   7.149   1.00 0.00 ? 25 ALA A C    1 
ATOM   357  O  O    . ALA A 1 25 ? 6.497   0.504   7.827   1.00 0.00 ? 25 ALA A O    1 
ATOM   358  C  CB   . ALA A 1 25 ? 6.208   3.070   5.247   1.00 0.00 ? 25 ALA A CB   1 
ATOM   359  H  H    . ALA A 1 25 ? 8.931   1.520   5.833   1.00 0.00 ? 25 ALA A H    1 
ATOM   360  H  HA   . ALA A 1 25 ? 7.486   3.015   6.969   1.00 0.00 ? 25 ALA A HA   1 
ATOM   361  H  HB1  . ALA A 1 25 ? 5.768   3.959   5.677   1.00 0.00 ? 25 ALA A HB1  1 
ATOM   362  H  HB2  . ALA A 1 25 ? 5.427   2.437   4.853   1.00 0.00 ? 25 ALA A HB2  1 
ATOM   363  H  HB3  . ALA A 1 25 ? 6.878   3.352   4.449   1.00 0.00 ? 25 ALA A HB3  1 
ATOM   364  N  N    . THR A 1 26 ? 4.784   1.687   7.113   1.00 0.00 ? 26 THR A N    1 
ATOM   365  C  CA   . THR A 1 26 ? 3.799   0.888   7.899   1.00 0.00 ? 26 THR A CA   1 
ATOM   366  C  C    . THR A 1 26 ? 4.122   -0.609  7.883   1.00 0.00 ? 26 THR A C    1 
ATOM   367  O  O    . THR A 1 26 ? 4.970   -1.079  7.150   1.00 0.00 ? 26 THR A O    1 
ATOM   368  C  CB   . THR A 1 26 ? 2.458   1.145   7.212   1.00 0.00 ? 26 THR A CB   1 
ATOM   369  O  OG1  . THR A 1 26 ? 2.516   0.679   5.871   1.00 0.00 ? 26 THR A OG1  1 
ATOM   370  C  CG2  . THR A 1 26 ? 2.160   2.644   7.220   1.00 0.00 ? 26 THR A CG2  1 
ATOM   371  H  H    . THR A 1 26 ? 4.470   2.439   6.579   1.00 0.00 ? 26 THR A H    1 
ATOM   372  H  HA   . THR A 1 26 ? 3.756   1.247   8.915   1.00 0.00 ? 26 THR A HA   1 
ATOM   373  H  HB   . THR A 1 26 ? 1.676   0.625   7.743   1.00 0.00 ? 26 THR A HB   1 
ATOM   374  H  HG1  . THR A 1 26 ? 3.085   -0.095  5.848   1.00 0.00 ? 26 THR A HG1  1 
ATOM   375  H  HG21 . THR A 1 26 ? 2.427   3.061   8.181   1.00 0.00 ? 26 THR A HG21 1 
ATOM   376  H  HG22 . THR A 1 26 ? 1.108   2.803   7.038   1.00 0.00 ? 26 THR A HG22 1 
ATOM   377  H  HG23 . THR A 1 26 ? 2.737   3.130   6.445   1.00 0.00 ? 26 THR A HG23 1 
ATOM   378  N  N    . ILE A 1 27 ? 3.431   -1.355  8.700   1.00 0.00 ? 27 ILE A N    1 
ATOM   379  C  CA   . ILE A 1 27 ? 3.655   -2.830  8.778   1.00 0.00 ? 27 ILE A CA   1 
ATOM   380  C  C    . ILE A 1 27 ? 2.320   -3.569  8.643   1.00 0.00 ? 27 ILE A C    1 
ATOM   381  O  O    . ILE A 1 27 ? 1.275   -2.984  8.826   1.00 0.00 ? 27 ILE A O    1 
ATOM   382  C  CB   . ILE A 1 27 ? 4.239   -3.064  10.169  1.00 0.00 ? 27 ILE A CB   1 
ATOM   383  C  CG1  . ILE A 1 27 ? 3.537   -2.158  11.195  1.00 0.00 ? 27 ILE A CG1  1 
ATOM   384  C  CG2  . ILE A 1 27 ? 5.743   -2.776  10.151  1.00 0.00 ? 27 ILE A CG2  1 
ATOM   385  C  CD1  . ILE A 1 27 ? 4.164   -0.760  11.195  1.00 0.00 ? 27 ILE A CD1  1 
ATOM   386  H  H    . ILE A 1 27 ? 2.755   -0.938  9.272   1.00 0.00 ? 27 ILE A H    1 
ATOM   387  H  HA   . ILE A 1 27 ? 4.352   -3.153  8.022   1.00 0.00 ? 27 ILE A HA   1 
ATOM   388  H  HB   . ILE A 1 27 ? 4.077   -4.091  10.440  1.00 0.00 ? 27 ILE A HB   1 
ATOM   389  H  HG12 . ILE A 1 27 ? 2.490   -2.080  10.942  1.00 0.00 ? 27 ILE A HG12 1 
ATOM   390  H  HG13 . ILE A 1 27 ? 3.634   -2.591  12.179  1.00 0.00 ? 27 ILE A HG13 1 
ATOM   391  H  HG21 . ILE A 1 27 ? 5.907   -1.723  9.979   1.00 0.00 ? 27 ILE A HG21 1 
ATOM   392  H  HG22 . ILE A 1 27 ? 6.207   -3.344  9.360   1.00 0.00 ? 27 ILE A HG22 1 
ATOM   393  H  HG23 . ILE A 1 27 ? 6.175   -3.058  11.100  1.00 0.00 ? 27 ILE A HG23 1 
ATOM   394  H  HD11 . ILE A 1 27 ? 4.782   -0.642  10.317  1.00 0.00 ? 27 ILE A HD11 1 
ATOM   395  H  HD12 . ILE A 1 27 ? 4.769   -0.636  12.080  1.00 0.00 ? 27 ILE A HD12 1 
ATOM   396  H  HD13 . ILE A 1 27 ? 3.383   -0.015  11.186  1.00 0.00 ? 27 ILE A HD13 1 
ATOM   397  N  N    . CYS A 1 28 ? 2.330   -4.848  8.333   1.00 0.00 ? 28 CYS A N    1 
ATOM   398  C  CA   . CYS A 1 28 ? 1.031   -5.577  8.197   1.00 0.00 ? 28 CYS A CA   1 
ATOM   399  C  C    . CYS A 1 28 ? 0.346   -5.737  9.555   1.00 0.00 ? 28 CYS A C    1 
ATOM   400  O  O    . CYS A 1 28 ? -0.858  -5.622  9.668   1.00 0.00 ? 28 CYS A O    1 
ATOM   401  C  CB   . CYS A 1 28 ? 1.385   -6.952  7.648   1.00 0.00 ? 28 CYS A CB   1 
ATOM   402  S  SG   . CYS A 1 28 ? -0.112  -7.964  7.581   1.00 0.00 ? 28 CYS A SG   1 
ATOM   403  H  H    . CYS A 1 28 ? 3.183   -5.325  8.191   1.00 0.00 ? 28 CYS A H    1 
ATOM   404  H  HA   . CYS A 1 28 ? 0.383   -5.065  7.506   1.00 0.00 ? 28 CYS A HA   1 
ATOM   405  H  HB2  . CYS A 1 28 ? 1.806   -6.855  6.659   1.00 0.00 ? 28 CYS A HB2  1 
ATOM   406  H  HB3  . CYS A 1 28 ? 2.096   -7.423  8.303   1.00 0.00 ? 28 CYS A HB3  1 
ATOM   407  N  N    . ARG A 1 29 ? 1.102   -6.025  10.580  1.00 0.00 ? 29 ARG A N    1 
ATOM   408  C  CA   . ARG A 1 29 ? 0.500   -6.218  11.932  1.00 0.00 ? 29 ARG A CA   1 
ATOM   409  C  C    . ARG A 1 29 ? -0.307  -7.521  11.968  1.00 0.00 ? 29 ARG A C    1 
ATOM   410  O  O    . ARG A 1 29 ? -0.954  -7.831  12.948  1.00 0.00 ? 29 ARG A O    1 
ATOM   411  C  CB   . ARG A 1 29 ? -0.417  -5.012  12.152  1.00 0.00 ? 29 ARG A CB   1 
ATOM   412  C  CG   . ARG A 1 29 ? -0.720  -4.867  13.645  1.00 0.00 ? 29 ARG A CG   1 
ATOM   413  C  CD   . ARG A 1 29 ? -0.117  -3.562  14.164  1.00 0.00 ? 29 ARG A CD   1 
ATOM   414  N  NE   . ARG A 1 29 ? -0.788  -2.493  13.375  1.00 0.00 ? 29 ARG A NE   1 
ATOM   415  C  CZ   . ARG A 1 29 ? -0.312  -1.279  13.386  1.00 0.00 ? 29 ARG A CZ   1 
ATOM   416  N  NH1  . ARG A 1 29 ? -0.716  -0.429  14.288  1.00 0.00 ? 29 ARG A NH1  1 
ATOM   417  N  NH2  . ARG A 1 29 ? 0.568   -0.916  12.494  1.00 0.00 ? 29 ARG A NH2  1 
ATOM   418  H  H    . ARG A 1 29 ? 2.069   -6.128  10.457  1.00 0.00 ? 29 ARG A H    1 
ATOM   419  H  HA   . ARG A 1 29 ? 1.271   -6.234  12.686  1.00 0.00 ? 29 ARG A HA   1 
ATOM   420  H  HB2  . ARG A 1 29 ? 0.071   -4.119  11.793  1.00 0.00 ? 29 ARG A HB2  1 
ATOM   421  H  HB3  . ARG A 1 29 ? -1.342  -5.159  11.616  1.00 0.00 ? 29 ARG A HB3  1 
ATOM   422  H  HG2  . ARG A 1 29 ? -1.790  -4.855  13.794  1.00 0.00 ? 29 ARG A HG2  1 
ATOM   423  H  HG3  . ARG A 1 29 ? -0.292  -5.699  14.182  1.00 0.00 ? 29 ARG A HG3  1 
ATOM   424  H  HD2  . ARG A 1 29 ? -0.327  -3.444  15.218  1.00 0.00 ? 29 ARG A HD2  1 
ATOM   425  H  HD3  . ARG A 1 29 ? 0.947   -3.542  13.985  1.00 0.00 ? 29 ARG A HD3  1 
ATOM   426  H  HE   . ARG A 1 29 ? -1.587  -2.702  12.846  1.00 0.00 ? 29 ARG A HE   1 
ATOM   427  H  HH11 . ARG A 1 29 ? -1.392  -0.709  14.971  1.00 0.00 ? 29 ARG A HH11 1 
ATOM   428  H  HH12 . ARG A 1 29 ? -0.351  0.501   14.297  1.00 0.00 ? 29 ARG A HH12 1 
ATOM   429  H  HH21 . ARG A 1 29 ? 0.877   -1.569  11.802  1.00 0.00 ? 29 ARG A HH21 1 
ATOM   430  H  HH22 . ARG A 1 29 ? 0.931   0.014   12.500  1.00 0.00 ? 29 ARG A HH22 1 
ATOM   431  N  N    . VAL A 1 30 ? -0.280  -8.285  10.908  1.00 0.00 ? 30 VAL A N    1 
ATOM   432  C  CA   . VAL A 1 30 ? -1.056  -9.560  10.903  1.00 0.00 ? 30 VAL A CA   1 
ATOM   433  C  C    . VAL A 1 30 ? -0.182  -10.752 10.490  1.00 0.00 ? 30 VAL A C    1 
ATOM   434  O  O    . VAL A 1 30 ? -0.530  -11.889 10.741  1.00 0.00 ? 30 VAL A O    1 
ATOM   435  C  CB   . VAL A 1 30 ? -2.211  -9.326  9.902   1.00 0.00 ? 30 VAL A CB   1 
ATOM   436  C  CG1  . VAL A 1 30 ? -1.919  -9.965  8.530   1.00 0.00 ? 30 VAL A CG1  1 
ATOM   437  C  CG2  . VAL A 1 30 ? -3.493  -9.935  10.472  1.00 0.00 ? 30 VAL A CG2  1 
ATOM   438  H  H    . VAL A 1 30 ? 0.241   -8.020  10.123  1.00 0.00 ? 30 VAL A H    1 
ATOM   439  H  HA   . VAL A 1 30 ? -1.469  -9.737  11.883  1.00 0.00 ? 30 VAL A HA   1 
ATOM   440  H  HB   . VAL A 1 30 ? -2.353  -8.263  9.772   1.00 0.00 ? 30 VAL A HB   1 
ATOM   441  H  HG11 . VAL A 1 30 ? -2.233  -9.287  7.744   1.00 0.00 ? 30 VAL A HG11 1 
ATOM   442  H  HG12 . VAL A 1 30 ? -2.455  -10.892 8.434   1.00 0.00 ? 30 VAL A HG12 1 
ATOM   443  H  HG13 . VAL A 1 30 ? -0.860  -10.153 8.425   1.00 0.00 ? 30 VAL A HG13 1 
ATOM   444  H  HG21 . VAL A 1 30 ? -4.343  -9.358  10.142  1.00 0.00 ? 30 VAL A HG21 1 
ATOM   445  H  HG22 . VAL A 1 30 ? -3.447  -9.926  11.551  1.00 0.00 ? 30 VAL A HG22 1 
ATOM   446  H  HG23 . VAL A 1 30 ? -3.592  -10.954 10.125  1.00 0.00 ? 30 VAL A HG23 1 
ATOM   447  N  N    . CYS A 1 31 ? 0.931   -10.524 9.839   1.00 0.00 ? 31 CYS A N    1 
ATOM   448  C  CA   . CYS A 1 31 ? 1.757   -11.689 9.414   1.00 0.00 ? 31 CYS A CA   1 
ATOM   449  C  C    . CYS A 1 31 ? 3.220   -11.304 9.110   1.00 0.00 ? 31 CYS A C    1 
ATOM   450  O  O    . CYS A 1 31 ? 4.136   -12.033 9.440   1.00 0.00 ? 31 CYS A O    1 
ATOM   451  C  CB   . CYS A 1 31 ? 1.042   -12.199 8.153   1.00 0.00 ? 31 CYS A CB   1 
ATOM   452  S  SG   . CYS A 1 31 ? 1.620   -11.295 6.687   1.00 0.00 ? 31 CYS A SG   1 
ATOM   453  H  H    . CYS A 1 31 ? 1.206   -9.613  9.616   1.00 0.00 ? 31 CYS A H    1 
ATOM   454  H  HA   . CYS A 1 31 ? 1.726   -12.454 10.173  1.00 0.00 ? 31 CYS A HA   1 
ATOM   455  H  HB2  . CYS A 1 31 ? 1.248   -13.251 8.027   1.00 0.00 ? 31 CYS A HB2  1 
ATOM   456  H  HB3  . CYS A 1 31 ? -0.023  -12.056 8.265   1.00 0.00 ? 31 CYS A HB3  1 
ATOM   457  N  N    . GLN A 1 32 ? 3.453   -10.190 8.462   1.00 0.00 ? 32 GLN A N    1 
ATOM   458  C  CA   . GLN A 1 32 ? 4.847   -9.806  8.121   1.00 0.00 ? 32 GLN A CA   1 
ATOM   459  C  C    . GLN A 1 32 ? 4.985   -8.287  8.095   1.00 0.00 ? 32 GLN A C    1 
ATOM   460  O  O    . GLN A 1 32 ? 4.022   -7.551  8.026   1.00 0.00 ? 32 GLN A O    1 
ATOM   461  C  CB   . GLN A 1 32 ? 5.085   -10.390 6.728   1.00 0.00 ? 32 GLN A CB   1 
ATOM   462  C  CG   . GLN A 1 32 ? 6.031   -11.589 6.827   1.00 0.00 ? 32 GLN A CG   1 
ATOM   463  C  CD   . GLN A 1 32 ? 5.222   -12.886 6.742   1.00 0.00 ? 32 GLN A CD   1 
ATOM   464  O  OE1  . GLN A 1 32 ? 5.235   -13.685 7.658   1.00 0.00 ? 32 GLN A OE1  1 
ATOM   465  N  NE2  . GLN A 1 32 ? 4.515   -13.131 5.672   1.00 0.00 ? 32 GLN A NE2  1 
ATOM   466  H  H    . GLN A 1 32 ? 2.716   -9.617  8.184   1.00 0.00 ? 32 GLN A H    1 
ATOM   467  H  HA   . GLN A 1 32 ? 5.542   -10.238 8.824   1.00 0.00 ? 32 GLN A HA   1 
ATOM   468  H  HB2  . GLN A 1 32 ? 4.142   -10.709 6.308   1.00 0.00 ? 32 GLN A HB2  1 
ATOM   469  H  HB3  . GLN A 1 32 ? 5.525   -9.638  6.091   1.00 0.00 ? 32 GLN A HB3  1 
ATOM   470  H  HG2  . GLN A 1 32 ? 6.742   -11.554 6.015   1.00 0.00 ? 32 GLN A HG2  1 
ATOM   471  H  HG3  . GLN A 1 32 ? 6.557   -11.557 7.769   1.00 0.00 ? 32 GLN A HG3  1 
ATOM   472  H  HE21 . GLN A 1 32 ? 4.505   -12.488 4.934   1.00 0.00 ? 32 GLN A HE21 1 
ATOM   473  H  HE22 . GLN A 1 32 ? 3.993   -13.958 5.609   1.00 0.00 ? 32 GLN A HE22 1 
ATOM   474  N  N    . LYS A 1 33 ? 6.175   -7.804  8.168   1.00 0.00 ? 33 LYS A N    1 
ATOM   475  C  CA   . LYS A 1 33 ? 6.356   -6.334  8.174   1.00 0.00 ? 33 LYS A CA   1 
ATOM   476  C  C    . LYS A 1 33 ? 7.583   -5.909  7.343   1.00 0.00 ? 33 LYS A C    1 
ATOM   477  O  O    . LYS A 1 33 ? 7.424   -5.270  6.322   1.00 0.00 ? 33 LYS A O    1 
ATOM   478  C  CB   . LYS A 1 33 ? 6.493   -6.003  9.662   1.00 0.00 ? 33 LYS A CB   1 
ATOM   479  C  CG   . LYS A 1 33 ? 5.123   -6.135  10.330  1.00 0.00 ? 33 LYS A CG   1 
ATOM   480  C  CD   . LYS A 1 33 ? 4.976   -7.539  10.920  1.00 0.00 ? 33 LYS A CD   1 
ATOM   481  C  CE   . LYS A 1 33 ? 3.506   -7.962  10.876  1.00 0.00 ? 33 LYS A CE   1 
ATOM   482  N  NZ   . LYS A 1 33 ? 3.509   -9.388  11.308  1.00 0.00 ? 33 LYS A NZ   1 
ATOM   483  H  H    . LYS A 1 33 ? 6.939   -8.403  8.236   1.00 0.00 ? 33 LYS A H    1 
ATOM   484  H  HA   . LYS A 1 33 ? 5.470   -5.856  7.782   1.00 0.00 ? 33 LYS A HA   1 
ATOM   485  H  HB2  . LYS A 1 33 ? 7.169   -6.698  10.127  1.00 0.00 ? 33 LYS A HB2  1 
ATOM   486  H  HB3  . LYS A 1 33 ? 6.860   -4.997  9.786   1.00 0.00 ? 33 LYS A HB3  1 
ATOM   487  H  HG2  . LYS A 1 33 ? 5.037   -5.406  11.121  1.00 0.00 ? 33 LYS A HG2  1 
ATOM   488  H  HG3  . LYS A 1 33 ? 4.344   -5.974  9.594   1.00 0.00 ? 33 LYS A HG3  1 
ATOM   489  H  HD2  . LYS A 1 33 ? 5.571   -8.235  10.348  1.00 0.00 ? 33 LYS A HD2  1 
ATOM   490  H  HD3  . LYS A 1 33 ? 5.316   -7.534  11.945  1.00 0.00 ? 33 LYS A HD3  1 
ATOM   491  H  HE2  . LYS A 1 33 ? 2.923   -7.361  11.561  1.00 0.00 ? 33 LYS A HE2  1 
ATOM   492  H  HE3  . LYS A 1 33 ? 3.116   -7.877  9.871   1.00 0.00 ? 33 LYS A HE3  1 
ATOM   493  H  HZ1  . LYS A 1 33 ? 3.671   -9.439  12.334  1.00 0.00 ? 33 LYS A HZ1  1 
ATOM   494  H  HZ2  . LYS A 1 33 ? 4.267   -9.898  10.811  1.00 0.00 ? 33 LYS A HZ2  1 
ATOM   495  H  HZ3  . LYS A 1 33 ? 2.592   -9.819  11.082  1.00 0.00 ? 33 LYS A HZ3  1 
ATOM   496  N  N    . PRO A 1 34 ? 8.768   -6.264  7.783   1.00 0.00 ? 34 PRO A N    1 
ATOM   497  C  CA   . PRO A 1 34 ? 9.990   -5.886  7.023   1.00 0.00 ? 34 PRO A CA   1 
ATOM   498  C  C    . PRO A 1 34 ? 10.126  -6.716  5.741   1.00 0.00 ? 34 PRO A C    1 
ATOM   499  O  O    . PRO A 1 34 ? 11.172  -7.275  5.472   1.00 0.00 ? 34 PRO A O    1 
ATOM   500  C  CB   . PRO A 1 34 ? 11.126  -6.219  7.985   1.00 0.00 ? 34 PRO A CB   1 
ATOM   501  C  CG   . PRO A 1 34 ? 10.572  -7.281  8.877   1.00 0.00 ? 34 PRO A CG   1 
ATOM   502  C  CD   . PRO A 1 34 ? 9.095   -7.024  8.996   1.00 0.00 ? 34 PRO A CD   1 
ATOM   503  H  HA   . PRO A 1 34 ? 9.993   -4.832  6.801   1.00 0.00 ? 34 PRO A HA   1 
ATOM   504  H  HB2  . PRO A 1 34 ? 11.983  -6.591  7.439   1.00 0.00 ? 34 PRO A HB2  1 
ATOM   505  H  HB3  . PRO A 1 34 ? 11.395  -5.352  8.566   1.00 0.00 ? 34 PRO A HB3  1 
ATOM   506  H  HG2  . PRO A 1 34 ? 10.745  -8.256  8.440   1.00 0.00 ? 34 PRO A HG2  1 
ATOM   507  H  HG3  . PRO A 1 34 ? 11.031  -7.223  9.851   1.00 0.00 ? 34 PRO A HG3  1 
ATOM   508  H  HD2  . PRO A 1 34 ? 8.549   -7.956  9.028   1.00 0.00 ? 34 PRO A HD2  1 
ATOM   509  H  HD3  . PRO A 1 34 ? 8.893   -6.429  9.871   1.00 0.00 ? 34 PRO A HD3  1 
ATOM   510  N  N    . GLY A 1 35 ? 9.095   -6.804  4.941   1.00 0.00 ? 35 GLY A N    1 
ATOM   511  C  CA   . GLY A 1 35 ? 9.214   -7.599  3.687   1.00 0.00 ? 35 GLY A CA   1 
ATOM   512  C  C    . GLY A 1 35 ? 7.830   -7.988  3.153   1.00 0.00 ? 35 GLY A C    1 
ATOM   513  O  O    . GLY A 1 35 ? 7.000   -8.518  3.865   1.00 0.00 ? 35 GLY A O    1 
ATOM   514  H  H    . GLY A 1 35 ? 8.258   -6.346  5.161   1.00 0.00 ? 35 GLY A H    1 
ATOM   515  H  HA2  . GLY A 1 35 ? 9.731   -7.012  2.942   1.00 0.00 ? 35 GLY A HA2  1 
ATOM   516  H  HA3  . GLY A 1 35 ? 9.781   -8.496  3.889   1.00 0.00 ? 35 GLY A HA3  1 
ATOM   517  N  N    . ASP A 1 36 ? 7.592   -7.745  1.890   1.00 0.00 ? 36 ASP A N    1 
ATOM   518  C  CA   . ASP A 1 36 ? 6.282   -8.109  1.265   1.00 0.00 ? 36 ASP A CA   1 
ATOM   519  C  C    . ASP A 1 36 ? 5.093   -7.726  2.159   1.00 0.00 ? 36 ASP A C    1 
ATOM   520  O  O    . ASP A 1 36 ? 4.794   -8.393  3.129   1.00 0.00 ? 36 ASP A O    1 
ATOM   521  C  CB   . ASP A 1 36 ? 6.346   -9.628  1.091   1.00 0.00 ? 36 ASP A CB   1 
ATOM   522  C  CG   . ASP A 1 36 ? 7.538   -9.991  0.204   1.00 0.00 ? 36 ASP A CG   1 
ATOM   523  O  OD1  . ASP A 1 36 ? 8.351   -9.118  -0.048  1.00 0.00 ? 36 ASP A OD1  1 
ATOM   524  O  OD2  . ASP A 1 36 ? 7.618   -11.137 -0.208  1.00 0.00 ? 36 ASP A OD2  1 
ATOM   525  H  H    . ASP A 1 36 ? 8.292   -7.332  1.340   1.00 0.00 ? 36 ASP A H    1 
ATOM   526  H  HA   . ASP A 1 36 ? 6.187   -7.640  0.300   1.00 0.00 ? 36 ASP A HA   1 
ATOM   527  H  HB2  . ASP A 1 36 ? 6.460   -10.097 2.058   1.00 0.00 ? 36 ASP A HB2  1 
ATOM   528  H  HB3  . ASP A 1 36 ? 5.435   -9.976  0.627   1.00 0.00 ? 36 ASP A HB3  1 
ATOM   529  N  N    . LEU A 1 37 ? 4.400   -6.668  1.823   1.00 0.00 ? 37 LEU A N    1 
ATOM   530  C  CA   . LEU A 1 37 ? 3.219   -6.255  2.628   1.00 0.00 ? 37 LEU A CA   1 
ATOM   531  C  C    . LEU A 1 37 ? 2.425   -5.181  1.872   1.00 0.00 ? 37 LEU A C    1 
ATOM   532  O  O    . LEU A 1 37 ? 2.832   -4.038  1.785   1.00 0.00 ? 37 LEU A O    1 
ATOM   533  C  CB   . LEU A 1 37 ? 3.807   -5.698  3.928   1.00 0.00 ? 37 LEU A CB   1 
ATOM   534  C  CG   . LEU A 1 37 ? 2.716   -5.092  4.830   1.00 0.00 ? 37 LEU A CG   1 
ATOM   535  C  CD1  . LEU A 1 37 ? 2.631   -3.588  4.593   1.00 0.00 ? 37 LEU A CD1  1 
ATOM   536  C  CD2  . LEU A 1 37 ? 1.342   -5.723  4.563   1.00 0.00 ? 37 LEU A CD2  1 
ATOM   537  H  H    . LEU A 1 37 ? 4.648   -6.153  1.035   1.00 0.00 ? 37 LEU A H    1 
ATOM   538  H  HA   . LEU A 1 37 ? 2.597   -7.108  2.837   1.00 0.00 ? 37 LEU A HA   1 
ATOM   539  H  HB2  . LEU A 1 37 ? 4.301   -6.498  4.461   1.00 0.00 ? 37 LEU A HB2  1 
ATOM   540  H  HB3  . LEU A 1 37 ? 4.532   -4.934  3.688   1.00 0.00 ? 37 LEU A HB3  1 
ATOM   541  H  HG   . LEU A 1 37 ? 2.988   -5.265  5.852   1.00 0.00 ? 37 LEU A HG   1 
ATOM   542  H  HD11 . LEU A 1 37 ? 3.499   -3.261  4.041   1.00 0.00 ? 37 LEU A HD11 1 
ATOM   543  H  HD12 . LEU A 1 37 ? 2.597   -3.079  5.545   1.00 0.00 ? 37 LEU A HD12 1 
ATOM   544  H  HD13 . LEU A 1 37 ? 1.739   -3.361  4.030   1.00 0.00 ? 37 LEU A HD13 1 
ATOM   545  H  HD21 . LEU A 1 37 ? 0.800   -5.119  3.853   1.00 0.00 ? 37 LEU A HD21 1 
ATOM   546  H  HD22 . LEU A 1 37 ? 0.786   -5.776  5.488   1.00 0.00 ? 37 LEU A HD22 1 
ATOM   547  H  HD23 . LEU A 1 37 ? 1.468   -6.717  4.168   1.00 0.00 ? 37 LEU A HD23 1 
ATOM   548  N  N    . VAL A 1 38 ? 1.293   -5.541  1.326   1.00 0.00 ? 38 VAL A N    1 
ATOM   549  C  CA   . VAL A 1 38 ? 0.467   -4.549  0.572   1.00 0.00 ? 38 VAL A CA   1 
ATOM   550  C  C    . VAL A 1 38 ? -0.507  -3.845  1.533   1.00 0.00 ? 38 VAL A C    1 
ATOM   551  O  O    . VAL A 1 38 ? -1.204  -4.474  2.303   1.00 0.00 ? 38 VAL A O    1 
ATOM   552  C  CB   . VAL A 1 38 ? -0.264  -5.371  -0.503  1.00 0.00 ? 38 VAL A CB   1 
ATOM   553  C  CG1  . VAL A 1 38 ? 0.717   -6.354  -1.143  1.00 0.00 ? 38 VAL A CG1  1 
ATOM   554  C  CG2  . VAL A 1 38 ? -1.427  -6.150  0.108   1.00 0.00 ? 38 VAL A CG2  1 
ATOM   555  H  H    . VAL A 1 38 ? 0.984   -6.469  1.411   1.00 0.00 ? 38 VAL A H    1 
ATOM   556  H  HA   . VAL A 1 38 ? 1.108   -3.821  0.100   1.00 0.00 ? 38 VAL A HA   1 
ATOM   557  H  HB   . VAL A 1 38 ? -0.641  -4.709  -1.258  1.00 0.00 ? 38 VAL A HB   1 
ATOM   558  H  HG11 . VAL A 1 38 ? 0.541   -6.399  -2.207  1.00 0.00 ? 38 VAL A HG11 1 
ATOM   559  H  HG12 . VAL A 1 38 ? 0.578   -7.335  -0.714  1.00 0.00 ? 38 VAL A HG12 1 
ATOM   560  H  HG13 . VAL A 1 38 ? 1.729   -6.023  -0.960  1.00 0.00 ? 38 VAL A HG13 1 
ATOM   561  H  HG21 . VAL A 1 38 ? -2.344  -5.605  -0.043  1.00 0.00 ? 38 VAL A HG21 1 
ATOM   562  H  HG22 . VAL A 1 38 ? -1.256  -6.280  1.156   1.00 0.00 ? 38 VAL A HG22 1 
ATOM   563  H  HG23 . VAL A 1 38 ? -1.505  -7.117  -0.367  1.00 0.00 ? 38 VAL A HG23 1 
ATOM   564  N  N    . MET A 1 39 ? -0.521  -2.536  1.518   1.00 0.00 ? 39 MET A N    1 
ATOM   565  C  CA   . MET A 1 39 ? -1.401  -1.770  2.459   1.00 0.00 ? 39 MET A CA   1 
ATOM   566  C  C    . MET A 1 39 ? -2.756  -1.409  1.833   1.00 0.00 ? 39 MET A C    1 
ATOM   567  O  O    . MET A 1 39 ? -2.965  -1.540  0.643   1.00 0.00 ? 39 MET A O    1 
ATOM   568  C  CB   . MET A 1 39 ? -0.605  -0.498  2.751   1.00 0.00 ? 39 MET A CB   1 
ATOM   569  C  CG   . MET A 1 39 ? -1.134  0.168   4.020   1.00 0.00 ? 39 MET A CG   1 
ATOM   570  S  SD   . MET A 1 39 ? -0.115  1.615   4.407   1.00 0.00 ? 39 MET A SD   1 
ATOM   571  C  CE   . MET A 1 39 ? -1.194  2.864   3.664   1.00 0.00 ? 39 MET A CE   1 
ATOM   572  H  H    . MET A 1 39 ? 0.075   -2.052  0.909   1.00 0.00 ? 39 MET A H    1 
ATOM   573  H  HA   . MET A 1 39 ? -1.546  -2.323  3.373   1.00 0.00 ? 39 MET A HA   1 
ATOM   574  H  HB2  . MET A 1 39 ? 0.437   -0.751  2.885   1.00 0.00 ? 39 MET A HB2  1 
ATOM   575  H  HB3  . MET A 1 39 ? -0.704  0.185   1.921   1.00 0.00 ? 39 MET A HB3  1 
ATOM   576  H  HG2  . MET A 1 39 ? -2.157  0.478   3.864   1.00 0.00 ? 39 MET A HG2  1 
ATOM   577  H  HG3  . MET A 1 39 ? -1.091  -0.532  4.839   1.00 0.00 ? 39 MET A HG3  1 
ATOM   578  H  HE1  . MET A 1 39 ? -2.054  3.020   4.301   1.00 0.00 ? 39 MET A HE1  1 
ATOM   579  H  HE2  . MET A 1 39 ? -1.524  2.528   2.694   1.00 0.00 ? 39 MET A HE2  1 
ATOM   580  H  HE3  . MET A 1 39 ? -0.648  3.791   3.555   1.00 0.00 ? 39 MET A HE3  1 
ATOM   581  N  N    . CYS A 1 40 ? -3.671  -0.938  2.647   1.00 0.00 ? 40 CYS A N    1 
ATOM   582  C  CA   . CYS A 1 40 ? -5.020  -0.542  2.140   1.00 0.00 ? 40 CYS A CA   1 
ATOM   583  C  C    . CYS A 1 40 ? -5.016  0.978   1.832   1.00 0.00 ? 40 CYS A C    1 
ATOM   584  O  O    . CYS A 1 40 ? -5.036  1.824   2.717   1.00 0.00 ? 40 CYS A O    1 
ATOM   585  C  CB   . CYS A 1 40 ? -5.983  -0.947  3.289   1.00 0.00 ? 40 CYS A CB   1 
ATOM   586  S  SG   . CYS A 1 40 ? -6.903  0.477   3.917   1.00 0.00 ? 40 CYS A SG   1 
ATOM   587  H  H    . CYS A 1 40 ? -3.465  -0.836  3.599   1.00 0.00 ? 40 CYS A H    1 
ATOM   588  H  HA   . CYS A 1 40 ? -5.258  -1.100  1.247   1.00 0.00 ? 40 CYS A HA   1 
ATOM   589  H  HB2  . CYS A 1 40 ? -6.677  -1.685  2.940   1.00 0.00 ? 40 CYS A HB2  1 
ATOM   590  H  HB3  . CYS A 1 40 ? -5.401  -1.372  4.094   1.00 0.00 ? 40 CYS A HB3  1 
ATOM   591  N  N    . ASN A 1 41 ? -4.966  1.334   0.580   1.00 0.00 ? 41 ASN A N    1 
ATOM   592  C  CA   . ASN A 1 41 ? -4.928  2.783   0.219   1.00 0.00 ? 41 ASN A CA   1 
ATOM   593  C  C    . ASN A 1 41 ? -6.256  3.488   0.519   1.00 0.00 ? 41 ASN A C    1 
ATOM   594  O  O    . ASN A 1 41 ? -6.429  4.642   0.179   1.00 0.00 ? 41 ASN A O    1 
ATOM   595  C  CB   . ASN A 1 41 ? -4.648  2.808   -1.283  1.00 0.00 ? 41 ASN A CB   1 
ATOM   596  C  CG   . ASN A 1 41 ? -3.569  3.852   -1.582  1.00 0.00 ? 41 ASN A CG   1 
ATOM   597  O  OD1  . ASN A 1 41 ? -3.796  4.781   -2.332  1.00 0.00 ? 41 ASN A OD1  1 
ATOM   598  N  ND2  . ASN A 1 41 ? -2.398  3.738   -1.021  1.00 0.00 ? 41 ASN A ND2  1 
ATOM   599  H  H    . ASN A 1 41 ? -4.932  0.651   -0.122  1.00 0.00 ? 41 ASN A H    1 
ATOM   600  H  HA   . ASN A 1 41 ? -4.124  3.273   0.741   1.00 0.00 ? 41 ASN A HA   1 
ATOM   601  H  HB2  . ASN A 1 41 ? -4.306  1.834   -1.603  1.00 0.00 ? 41 ASN A HB2  1 
ATOM   602  H  HB3  . ASN A 1 41 ? -5.552  3.066   -1.815  1.00 0.00 ? 41 ASN A HB3  1 
ATOM   603  H  HD21 . ASN A 1 41 ? -2.215  2.989   -0.416  1.00 0.00 ? 41 ASN A HD21 1 
ATOM   604  H  HD22 . ASN A 1 41 ? -1.700  4.400   -1.206  1.00 0.00 ? 41 ASN A HD22 1 
ATOM   605  N  N    . GLN A 1 42 ? -7.204  2.830   1.132   1.00 0.00 ? 42 GLN A N    1 
ATOM   606  C  CA   . GLN A 1 42 ? -8.496  3.521   1.404   1.00 0.00 ? 42 GLN A CA   1 
ATOM   607  C  C    . GLN A 1 42 ? -8.622  3.938   2.867   1.00 0.00 ? 42 GLN A C    1 
ATOM   608  O  O    . GLN A 1 42 ? -9.499  4.702   3.220   1.00 0.00 ? 42 GLN A O    1 
ATOM   609  C  CB   . GLN A 1 42 ? -9.548  2.480   1.083   1.00 0.00 ? 42 GLN A CB   1 
ATOM   610  C  CG   . GLN A 1 42 ? -10.622 3.084   0.178   1.00 0.00 ? 42 GLN A CG   1 
ATOM   611  C  CD   . GLN A 1 42 ? -11.895 3.335   0.988   1.00 0.00 ? 42 GLN A CD   1 
ATOM   612  O  OE1  . GLN A 1 42 ? -11.835 3.815   2.102   1.00 0.00 ? 42 GLN A OE1  1 
ATOM   613  N  NE2  . GLN A 1 42 ? -13.054 3.029   0.468   1.00 0.00 ? 42 GLN A NE2  1 
ATOM   614  H  H    . GLN A 1 42 ? -7.082  1.887   1.398   1.00 0.00 ? 42 GLN A H    1 
ATOM   615  H  HA   . GLN A 1 42 ? -8.616  4.374   0.753   1.00 0.00 ? 42 GLN A HA   1 
ATOM   616  H  HB2  . GLN A 1 42 ? -9.074  1.656   0.582   1.00 0.00 ? 42 GLN A HB2  1 
ATOM   617  H  HB3  . GLN A 1 42 ? -9.997  2.134   2.004   1.00 0.00 ? 42 GLN A HB3  1 
ATOM   618  H  HG2  . GLN A 1 42 ? -10.264 4.018   -0.232  1.00 0.00 ? 42 GLN A HG2  1 
ATOM   619  H  HG3  . GLN A 1 42 ? -10.841 2.398   -0.627  1.00 0.00 ? 42 GLN A HG3  1 
ATOM   620  H  HE21 . GLN A 1 42 ? -13.101 2.643   -0.431  1.00 0.00 ? 42 GLN A HE21 1 
ATOM   621  H  HE22 . GLN A 1 42 ? -13.876 3.189   0.977   1.00 0.00 ? 42 GLN A HE22 1 
ATOM   622  N  N    . CYS A 1 43 ? -7.778  3.447   3.735   1.00 0.00 ? 43 CYS A N    1 
ATOM   623  C  CA   . CYS A 1 43 ? -7.912  3.847   5.173   1.00 0.00 ? 43 CYS A CA   1 
ATOM   624  C  C    . CYS A 1 43 ? -6.560  3.740   5.895   1.00 0.00 ? 43 CYS A C    1 
ATOM   625  O  O    . CYS A 1 43 ? -5.845  4.714   6.022   1.00 0.00 ? 43 CYS A O    1 
ATOM   626  C  CB   . CYS A 1 43 ? -8.967  2.909   5.832   1.00 0.00 ? 43 CYS A CB   1 
ATOM   627  S  SG   . CYS A 1 43 ? -10.088 2.144   4.614   1.00 0.00 ? 43 CYS A SG   1 
ATOM   628  H  H    . CYS A 1 43 ? -7.067  2.832   3.448   1.00 0.00 ? 43 CYS A H    1 
ATOM   629  H  HA   . CYS A 1 43 ? -8.264  4.866   5.228   1.00 0.00 ? 43 CYS A HA   1 
ATOM   630  H  HB2  . CYS A 1 43 ? -8.465  2.128   6.374   1.00 0.00 ? 43 CYS A HB2  1 
ATOM   631  H  HB3  . CYS A 1 43 ? -9.556  3.489   6.531   1.00 0.00 ? 43 CYS A HB3  1 
ATOM   632  N  N    . GLU A 1 44 ? -6.197  2.577   6.375   1.00 0.00 ? 44 GLU A N    1 
ATOM   633  C  CA   . GLU A 1 44 ? -4.892  2.445   7.086   1.00 0.00 ? 44 GLU A CA   1 
ATOM   634  C  C    . GLU A 1 44 ? -4.636  0.985   7.469   1.00 0.00 ? 44 GLU A C    1 
ATOM   635  O  O    . GLU A 1 44 ? -4.037  0.698   8.486   1.00 0.00 ? 44 GLU A O    1 
ATOM   636  C  CB   . GLU A 1 44 ? -5.035  3.305   8.341   1.00 0.00 ? 44 GLU A CB   1 
ATOM   637  C  CG   . GLU A 1 44 ? -6.128  2.720   9.236   1.00 0.00 ? 44 GLU A CG   1 
ATOM   638  C  CD   . GLU A 1 44 ? -6.969  3.852   9.826   1.00 0.00 ? 44 GLU A CD   1 
ATOM   639  O  OE1  . GLU A 1 44 ? -6.399  4.881   10.148  1.00 0.00 ? 44 GLU A OE1  1 
ATOM   640  O  OE2  . GLU A 1 44 ? -8.170  3.671   9.947   1.00 0.00 ? 44 GLU A OE2  1 
ATOM   641  H  H    . GLU A 1 44 ? -6.775  1.798   6.270   1.00 0.00 ? 44 GLU A H    1 
ATOM   642  H  HA   . GLU A 1 44 ? -4.088  2.820   6.472   1.00 0.00 ? 44 GLU A HA   1 
ATOM   643  H  HB2  . GLU A 1 44 ? -4.097  3.319   8.877   1.00 0.00 ? 44 GLU A HB2  1 
ATOM   644  H  HB3  . GLU A 1 44 ? -5.304  4.312   8.058   1.00 0.00 ? 44 GLU A HB3  1 
ATOM   645  H  HG2  . GLU A 1 44 ? -6.761  2.067   8.650   1.00 0.00 ? 44 GLU A HG2  1 
ATOM   646  H  HG3  . GLU A 1 44 ? -5.674  2.156   10.037  1.00 0.00 ? 44 GLU A HG3  1 
ATOM   647  N  N    . PHE A 1 45 ? -5.081  0.061   6.664   1.00 0.00 ? 45 PHE A N    1 
ATOM   648  C  CA   . PHE A 1 45 ? -4.857  -1.377  6.989   1.00 0.00 ? 45 PHE A CA   1 
ATOM   649  C  C    . PHE A 1 45 ? -3.531  -1.841  6.386   1.00 0.00 ? 45 PHE A C    1 
ATOM   650  O  O    . PHE A 1 45 ? -2.952  -1.178  5.550   1.00 0.00 ? 45 PHE A O    1 
ATOM   651  C  CB   . PHE A 1 45 ? -6.027  -2.129  6.352   1.00 0.00 ? 45 PHE A CB   1 
ATOM   652  C  CG   . PHE A 1 45 ? -6.638  -3.073  7.364   1.00 0.00 ? 45 PHE A CG   1 
ATOM   653  C  CD1  . PHE A 1 45 ? -6.086  -4.346  7.565   1.00 0.00 ? 45 PHE A CD1  1 
ATOM   654  C  CD2  . PHE A 1 45 ? -7.763  -2.677  8.099   1.00 0.00 ? 45 PHE A CD2  1 
ATOM   655  C  CE1  . PHE A 1 45 ? -6.658  -5.218  8.500   1.00 0.00 ? 45 PHE A CE1  1 
ATOM   656  C  CE2  . PHE A 1 45 ? -8.335  -3.549  9.034   1.00 0.00 ? 45 PHE A CE2  1 
ATOM   657  C  CZ   . PHE A 1 45 ? -7.782  -4.821  9.233   1.00 0.00 ? 45 PHE A CZ   1 
ATOM   658  H  H    . PHE A 1 45 ? -5.560  0.311   5.849   1.00 0.00 ? 45 PHE A H    1 
ATOM   659  H  HA   . PHE A 1 45 ? -4.859  -1.527  8.057   1.00 0.00 ? 45 PHE A HA   1 
ATOM   660  H  HB2  . PHE A 1 45 ? -6.773  -1.421  6.023   1.00 0.00 ? 45 PHE A HB2  1 
ATOM   661  H  HB3  . PHE A 1 45 ? -5.671  -2.696  5.504   1.00 0.00 ? 45 PHE A HB3  1 
ATOM   662  H  HD1  . PHE A 1 45 ? -5.218  -4.655  7.001   1.00 0.00 ? 45 PHE A HD1  1 
ATOM   663  H  HD2  . PHE A 1 45 ? -8.188  -1.698  7.947   1.00 0.00 ? 45 PHE A HD2  1 
ATOM   664  H  HE1  . PHE A 1 45 ? -6.234  -6.198  8.655   1.00 0.00 ? 45 PHE A HE1  1 
ATOM   665  H  HE2  . PHE A 1 45 ? -9.201  -3.241  9.601   1.00 0.00 ? 45 PHE A HE2  1 
ATOM   666  H  HZ   . PHE A 1 45 ? -8.224  -5.494  9.954   1.00 0.00 ? 45 PHE A HZ   1 
ATOM   667  N  N    . CYS A 1 46 ? -3.041  -2.970  6.810   1.00 0.00 ? 46 CYS A N    1 
ATOM   668  C  CA   . CYS A 1 46 ? -1.750  -3.470  6.264   1.00 0.00 ? 46 CYS A CA   1 
ATOM   669  C  C    . CYS A 1 46 ? -1.763  -4.996  6.169   1.00 0.00 ? 46 CYS A C    1 
ATOM   670  O  O    . CYS A 1 46 ? -1.576  -5.693  7.146   1.00 0.00 ? 46 CYS A O    1 
ATOM   671  C  CB   . CYS A 1 46 ? -0.693  -3.008  7.260   1.00 0.00 ? 46 CYS A CB   1 
ATOM   672  S  SG   . CYS A 1 46 ? -0.886  -1.237  7.581   1.00 0.00 ? 46 CYS A SG   1 
ATOM   673  H  H    . CYS A 1 46 ? -3.520  -3.488  7.491   1.00 0.00 ? 46 CYS A H    1 
ATOM   674  H  HA   . CYS A 1 46 ? -1.550  -3.037  5.297   1.00 0.00 ? 46 CYS A HA   1 
ATOM   675  H  HB2  . CYS A 1 46 ? -0.805  -3.555  8.185   1.00 0.00 ? 46 CYS A HB2  1 
ATOM   676  H  HB3  . CYS A 1 46 ? 0.290   -3.193  6.852   1.00 0.00 ? 46 CYS A HB3  1 
ATOM   677  H  HG   . CYS A 1 46 ? -1.243  -1.133  8.466   1.00 0.00 ? 46 CYS A HG   1 
ATOM   678  N  N    . PHE A 1 47 ? -1.969  -5.516  4.994   1.00 0.00 ? 47 PHE A N    1 
ATOM   679  C  CA   . PHE A 1 47 ? -1.979  -6.995  4.814   1.00 0.00 ? 47 PHE A CA   1 
ATOM   680  C  C    . PHE A 1 47 ? -1.253  -7.335  3.530   1.00 0.00 ? 47 PHE A C    1 
ATOM   681  O  O    . PHE A 1 47 ? -0.496  -6.551  3.019   1.00 0.00 ? 47 PHE A O    1 
ATOM   682  C  CB   . PHE A 1 47 ? -3.463  -7.392  4.713   1.00 0.00 ? 47 PHE A CB   1 
ATOM   683  C  CG   . PHE A 1 47 ? -4.194  -6.565  3.663   1.00 0.00 ? 47 PHE A CG   1 
ATOM   684  C  CD1  . PHE A 1 47 ? -3.525  -5.995  2.557   1.00 0.00 ? 47 PHE A CD1  1 
ATOM   685  C  CD2  . PHE A 1 47 ? -5.562  -6.331  3.828   1.00 0.00 ? 47 PHE A CD2  1 
ATOM   686  C  CE1  . PHE A 1 47 ? -4.225  -5.207  1.647   1.00 0.00 ? 47 PHE A CE1  1 
ATOM   687  C  CE2  . PHE A 1 47 ? -6.260  -5.554  2.899   1.00 0.00 ? 47 PHE A CE2  1 
ATOM   688  C  CZ   . PHE A 1 47 ? -5.595  -4.988  1.809   1.00 0.00 ? 47 PHE A CZ   1 
ATOM   689  H  H    . PHE A 1 47 ? -2.108  -4.929  4.220   1.00 0.00 ? 47 PHE A H    1 
ATOM   690  H  HA   . PHE A 1 47 ? -1.519  -7.482  5.648   1.00 0.00 ? 47 PHE A HA   1 
ATOM   691  H  HB2  . PHE A 1 47 ? -3.544  -8.437  4.463   1.00 0.00 ? 47 PHE A HB2  1 
ATOM   692  H  HB3  . PHE A 1 47 ? -3.933  -7.231  5.673   1.00 0.00 ? 47 PHE A HB3  1 
ATOM   693  H  HD1  . PHE A 1 47 ? -2.484  -6.186  2.377   1.00 0.00 ? 47 PHE A HD1  1 
ATOM   694  H  HD2  . PHE A 1 47 ? -6.085  -6.764  4.669   1.00 0.00 ? 47 PHE A HD2  1 
ATOM   695  H  HE1  . PHE A 1 47 ? -3.704  -4.768  0.819   1.00 0.00 ? 47 PHE A HE1  1 
ATOM   696  H  HE2  . PHE A 1 47 ? -7.319  -5.417  3.004   1.00 0.00 ? 47 PHE A HE2  1 
ATOM   697  H  HZ   . PHE A 1 47 ? -6.142  -4.383  1.093   1.00 0.00 ? 47 PHE A HZ   1 
ATOM   698  N  N    . HIS A 1 48 ? -1.523  -8.464  2.972   1.00 0.00 ? 48 HIS A N    1 
ATOM   699  C  CA   . HIS A 1 48 ? -0.910  -8.819  1.678   1.00 0.00 ? 48 HIS A CA   1 
ATOM   700  C  C    . HIS A 1 48 ? -1.999  -9.474  0.845   1.00 0.00 ? 48 HIS A C    1 
ATOM   701  O  O    . HIS A 1 48 ? -3.014  -9.890  1.372   1.00 0.00 ? 48 HIS A O    1 
ATOM   702  C  CB   . HIS A 1 48 ? 0.166   -9.848  1.953   1.00 0.00 ? 48 HIS A CB   1 
ATOM   703  C  CG   . HIS A 1 48 ? 1.108   -9.424  3.048   1.00 0.00 ? 48 HIS A CG   1 
ATOM   704  N  ND1  . HIS A 1 48 ? 0.661   -8.974  4.274   1.00 0.00 ? 48 HIS A ND1  1 
ATOM   705  C  CD2  . HIS A 1 48 ? 2.474   -9.510  3.157   1.00 0.00 ? 48 HIS A CD2  1 
ATOM   706  C  CE1  . HIS A 1 48 ? 1.732   -8.832  5.072   1.00 0.00 ? 48 HIS A CE1  1 
ATOM   707  N  NE2  . HIS A 1 48 ? 2.866   -9.137  4.437   1.00 0.00 ? 48 HIS A NE2  1 
ATOM   708  H  H    . HIS A 1 48 ? -2.172  -9.069  3.378   1.00 0.00 ? 48 HIS A H    1 
ATOM   709  H  HA   . HIS A 1 48 ? -0.498  -7.955  1.187   1.00 0.00 ? 48 HIS A HA   1 
ATOM   710  H  HB2  . HIS A 1 48 ? -0.315  -10.760 2.243   1.00 0.00 ? 48 HIS A HB2  1 
ATOM   711  H  HB3  . HIS A 1 48 ? 0.723   -10.010 1.047   1.00 0.00 ? 48 HIS A HB3  1 
ATOM   712  H  HD2  . HIS A 1 48 ? 3.143   -9.820  2.367   1.00 0.00 ? 48 HIS A HD2  1 
ATOM   713  H  HE1  . HIS A 1 48 ? 1.671   -8.603  6.121   1.00 0.00 ? 48 HIS A HE1  1 
ATOM   714  N  N    . LEU A 1 49 ? -1.805  -9.625  -0.427  1.00 0.00 ? 49 LEU A N    1 
ATOM   715  C  CA   . LEU A 1 49 ? -2.855  -10.302 -1.232  1.00 0.00 ? 49 LEU A CA   1 
ATOM   716  C  C    . LEU A 1 49 ? -2.917  -11.796 -0.869  1.00 0.00 ? 49 LEU A C    1 
ATOM   717  O  O    . LEU A 1 49 ? -3.587  -12.567 -1.522  1.00 0.00 ? 49 LEU A O    1 
ATOM   718  C  CB   . LEU A 1 49 ? -2.438  -10.105 -2.687  1.00 0.00 ? 49 LEU A CB   1 
ATOM   719  C  CG   . LEU A 1 49 ? -3.390  -9.112  -3.358  1.00 0.00 ? 49 LEU A CG   1 
ATOM   720  C  CD1  . LEU A 1 49 ? -2.588  -8.174  -4.261  1.00 0.00 ? 49 LEU A CD1  1 
ATOM   721  C  CD2  . LEU A 1 49 ? -4.413  -9.882  -4.196  1.00 0.00 ? 49 LEU A CD2  1 
ATOM   722  H  H    . LEU A 1 49 ? -0.972  -9.323  -0.846  1.00 0.00 ? 49 LEU A H    1 
ATOM   723  H  HA   . LEU A 1 49 ? -3.813  -9.837  -1.059  1.00 0.00 ? 49 LEU A HA   1 
ATOM   724  H  HB2  . LEU A 1 49 ? -1.429  -9.718  -2.723  1.00 0.00 ? 49 LEU A HB2  1 
ATOM   725  H  HB3  . LEU A 1 49 ? -2.481  -11.050 -3.207  1.00 0.00 ? 49 LEU A HB3  1 
ATOM   726  H  HG   . LEU A 1 49 ? -3.906  -8.529  -2.604  1.00 0.00 ? 49 LEU A HG   1 
ATOM   727  H  HD11 . LEU A 1 49 ? -2.429  -7.235  -3.753  1.00 0.00 ? 49 LEU A HD11 1 
ATOM   728  H  HD12 . LEU A 1 49 ? -3.137  -8.000  -5.174  1.00 0.00 ? 49 LEU A HD12 1 
ATOM   729  H  HD13 . LEU A 1 49 ? -1.634  -8.624  -4.493  1.00 0.00 ? 49 LEU A HD13 1 
ATOM   730  H  HD21 . LEU A 1 49 ? -4.672  -9.304  -5.070  1.00 0.00 ? 49 LEU A HD21 1 
ATOM   731  H  HD22 . LEU A 1 49 ? -5.298  -10.065 -3.607  1.00 0.00 ? 49 LEU A HD22 1 
ATOM   732  H  HD23 . LEU A 1 49 ? -3.986  -10.827 -4.504  1.00 0.00 ? 49 LEU A HD23 1 
ATOM   733  N  N    . ASP A 1 50 ? -2.225  -12.222 0.164   1.00 0.00 ? 50 ASP A N    1 
ATOM   734  C  CA   . ASP A 1 50 ? -2.268  -13.662 0.539   1.00 0.00 ? 50 ASP A CA   1 
ATOM   735  C  C    . ASP A 1 50 ? -2.475  -13.843 2.054   1.00 0.00 ? 50 ASP A C    1 
ATOM   736  O  O    . ASP A 1 50 ? -2.504  -14.956 2.541   1.00 0.00 ? 50 ASP A O    1 
ATOM   737  C  CB   . ASP A 1 50 ? -0.908  -14.220 0.119   1.00 0.00 ? 50 ASP A CB   1 
ATOM   738  C  CG   . ASP A 1 50 ? -0.575  -13.750 -1.298  1.00 0.00 ? 50 ASP A CG   1 
ATOM   739  O  OD1  . ASP A 1 50 ? -1.298  -14.120 -2.209  1.00 0.00 ? 50 ASP A OD1  1 
ATOM   740  O  OD2  . ASP A 1 50 ? 0.396   -13.029 -1.450  1.00 0.00 ? 50 ASP A OD2  1 
ATOM   741  H  H    . ASP A 1 50 ? -1.683  -11.606 0.684   1.00 0.00 ? 50 ASP A H    1 
ATOM   742  H  HA   . ASP A 1 50 ? -3.050  -14.164 -0.007  1.00 0.00 ? 50 ASP A HA   1 
ATOM   743  H  HB2  . ASP A 1 50 ? -0.149  -13.869 0.804   1.00 0.00 ? 50 ASP A HB2  1 
ATOM   744  H  HB3  . ASP A 1 50 ? -0.941  -15.299 0.140   1.00 0.00 ? 50 ASP A HB3  1 
ATOM   745  N  N    . CYS A 1 51 ? -2.622  -12.782 2.817   1.00 0.00 ? 51 CYS A N    1 
ATOM   746  C  CA   . CYS A 1 51 ? -2.826  -12.981 4.288   1.00 0.00 ? 51 CYS A CA   1 
ATOM   747  C  C    . CYS A 1 51 ? -4.152  -12.359 4.743   1.00 0.00 ? 51 CYS A C    1 
ATOM   748  O  O    . CYS A 1 51 ? -4.335  -12.009 5.892   1.00 0.00 ? 51 CYS A O    1 
ATOM   749  C  CB   . CYS A 1 51 ? -1.594  -12.361 4.968   1.00 0.00 ? 51 CYS A CB   1 
ATOM   750  S  SG   . CYS A 1 51 ? -1.938  -10.730 5.682   1.00 0.00 ? 51 CYS A SG   1 
ATOM   751  H  H    . CYS A 1 51 ? -2.602  -11.876 2.434   1.00 0.00 ? 51 CYS A H    1 
ATOM   752  H  HA   . CYS A 1 51 ? -2.847  -14.040 4.499   1.00 0.00 ? 51 CYS A HA   1 
ATOM   753  H  HB2  . CYS A 1 51 ? -1.262  -13.019 5.756   1.00 0.00 ? 51 CYS A HB2  1 
ATOM   754  H  HB3  . CYS A 1 51 ? -0.803  -12.267 4.238   1.00 0.00 ? 51 CYS A HB3  1 
ATOM   755  N  N    . HIS A 1 52 ? -5.088  -12.271 3.844   1.00 0.00 ? 52 HIS A N    1 
ATOM   756  C  CA   . HIS A 1 52 ? -6.432  -11.729 4.184   1.00 0.00 ? 52 HIS A CA   1 
ATOM   757  C  C    . HIS A 1 52 ? -7.280  -12.917 4.660   1.00 0.00 ? 52 HIS A C    1 
ATOM   758  O  O    . HIS A 1 52 ? -7.301  -13.261 5.825   1.00 0.00 ? 52 HIS A O    1 
ATOM   759  C  CB   . HIS A 1 52 ? -6.914  -11.160 2.850   1.00 0.00 ? 52 HIS A CB   1 
ATOM   760  C  CG   . HIS A 1 52 ? -8.318  -10.621 2.939   1.00 0.00 ? 52 HIS A CG   1 
ATOM   761  N  ND1  . HIS A 1 52 ? -9.320  -11.025 2.072   1.00 0.00 ? 52 HIS A ND1  1 
ATOM   762  C  CD2  . HIS A 1 52 ? -8.887  -9.681  3.753   1.00 0.00 ? 52 HIS A CD2  1 
ATOM   763  C  CE1  . HIS A 1 52 ? -10.429 -10.335 2.382   1.00 0.00 ? 52 HIS A CE1  1 
ATOM   764  N  NE2  . HIS A 1 52 ? -10.222 -9.500  3.403   1.00 0.00 ? 52 HIS A NE2  1 
ATOM   765  H  H    . HIS A 1 52 ? -4.917  -12.596 2.937   1.00 0.00 ? 52 HIS A H    1 
ATOM   766  H  HA   . HIS A 1 52 ? -6.365  -10.947 4.927   1.00 0.00 ? 52 HIS A HA   1 
ATOM   767  H  HB2  . HIS A 1 52 ? -6.257  -10.362 2.577   1.00 0.00 ? 52 HIS A HB2  1 
ATOM   768  H  HB3  . HIS A 1 52 ? -6.872  -11.929 2.093   1.00 0.00 ? 52 HIS A HB3  1 
ATOM   769  H  HD1  . HIS A 1 52 ? -9.236  -11.692 1.360   1.00 0.00 ? 52 HIS A HD1  1 
ATOM   770  H  HD2  . HIS A 1 52 ? -8.367  -9.132  4.515   1.00 0.00 ? 52 HIS A HD2  1 
ATOM   771  H  HE1  . HIS A 1 52 ? -11.369 -10.437 1.864   1.00 0.00 ? 52 HIS A HE1  1 
ATOM   772  N  N    . LEU A 1 53 ? -7.907  -13.584 3.742   1.00 0.00 ? 53 LEU A N    1 
ATOM   773  C  CA   . LEU A 1 53 ? -8.691  -14.810 4.060   1.00 0.00 ? 53 LEU A CA   1 
ATOM   774  C  C    . LEU A 1 53 ? -8.651  -15.660 2.794   1.00 0.00 ? 53 LEU A C    1 
ATOM   775  O  O    . LEU A 1 53 ? -8.120  -15.209 1.800   1.00 0.00 ? 53 LEU A O    1 
ATOM   776  C  CB   . LEU A 1 53 ? -10.121 -14.358 4.410   1.00 0.00 ? 53 LEU A CB   1 
ATOM   777  C  CG   . LEU A 1 53 ? -10.572 -13.224 3.500   1.00 0.00 ? 53 LEU A CG   1 
ATOM   778  C  CD1  . LEU A 1 53 ? -11.611 -13.745 2.505   1.00 0.00 ? 53 LEU A CD1  1 
ATOM   779  C  CD2  . LEU A 1 53 ? -11.191 -12.118 4.356   1.00 0.00 ? 53 LEU A CD2  1 
ATOM   780  H  H    . LEU A 1 53 ? -7.819  -13.310 2.808   1.00 0.00 ? 53 LEU A H    1 
ATOM   781  H  HA   . LEU A 1 53 ? -8.244  -15.341 4.888   1.00 0.00 ? 53 LEU A HA   1 
ATOM   782  H  HB2  . LEU A 1 53 ? -10.800 -15.184 4.293   1.00 0.00 ? 53 LEU A HB2  1 
ATOM   783  H  HB3  . LEU A 1 53 ? -10.147 -14.021 5.435   1.00 0.00 ? 53 LEU A HB3  1 
ATOM   784  H  HG   . LEU A 1 53 ? -9.728  -12.840 2.962   1.00 0.00 ? 53 LEU A HG   1 
ATOM   785  H  HD11 . LEU A 1 53 ? -11.149 -13.878 1.538   1.00 0.00 ? 53 LEU A HD11 1 
ATOM   786  H  HD12 . LEU A 1 53 ? -12.421 -13.036 2.424   1.00 0.00 ? 53 LEU A HD12 1 
ATOM   787  H  HD13 . LEU A 1 53 ? -11.996 -14.693 2.853   1.00 0.00 ? 53 LEU A HD13 1 
ATOM   788  H  HD21 . LEU A 1 53 ? -11.604 -12.549 5.257   1.00 0.00 ? 53 LEU A HD21 1 
ATOM   789  H  HD22 . LEU A 1 53 ? -11.977 -11.628 3.800   1.00 0.00 ? 53 LEU A HD22 1 
ATOM   790  H  HD23 . LEU A 1 53 ? -10.432 -11.397 4.618   1.00 0.00 ? 53 LEU A HD23 1 
ATOM   791  N  N    . PRO A 1 54 ? -9.188  -16.846 2.832   1.00 0.00 ? 54 PRO A N    1 
ATOM   792  C  CA   . PRO A 1 54 ? -9.173  -17.689 1.613   1.00 0.00 ? 54 PRO A CA   1 
ATOM   793  C  C    . PRO A 1 54 ? -9.986  -17.020 0.497   1.00 0.00 ? 54 PRO A C    1 
ATOM   794  O  O    . PRO A 1 54 ? -10.992 -17.532 0.052   1.00 0.00 ? 54 PRO A O    1 
ATOM   795  C  CB   . PRO A 1 54 ? -9.795  -19.005 2.082   1.00 0.00 ? 54 PRO A CB   1 
ATOM   796  C  CG   . PRO A 1 54 ? -10.602 -18.635 3.283   1.00 0.00 ? 54 PRO A CG   1 
ATOM   797  C  CD   . PRO A 1 54 ? -9.850  -17.519 3.957   1.00 0.00 ? 54 PRO A CD   1 
ATOM   798  H  HA   . PRO A 1 54 ? -8.158  -17.860 1.289   1.00 0.00 ? 54 PRO A HA   1 
ATOM   799  H  HB2  . PRO A 1 54 ? -10.432 -19.415 1.309   1.00 0.00 ? 54 PRO A HB2  1 
ATOM   800  H  HB3  . PRO A 1 54 ? -9.027  -19.712 2.354   1.00 0.00 ? 54 PRO A HB3  1 
ATOM   801  H  HG2  . PRO A 1 54 ? -11.586 -18.301 2.985   1.00 0.00 ? 54 PRO A HG2  1 
ATOM   802  H  HG3  . PRO A 1 54 ? -10.679 -19.478 3.954   1.00 0.00 ? 54 PRO A HG3  1 
ATOM   803  H  HD2  . PRO A 1 54 ? -10.532 -16.861 4.466   1.00 0.00 ? 54 PRO A HD2  1 
ATOM   804  H  HD3  . PRO A 1 54 ? -9.114  -17.912 4.641   1.00 0.00 ? 54 PRO A HD3  1 
ATOM   805  N  N    . ALA A 1 55 ? -9.544  -15.867 0.042   1.00 0.00 ? 55 ALA A N    1 
ATOM   806  C  CA   . ALA A 1 55 ? -10.278 -15.154 -1.043  1.00 0.00 ? 55 ALA A CA   1 
ATOM   807  C  C    . ALA A 1 55 ? -9.625  -13.797 -1.370  1.00 0.00 ? 55 ALA A C    1 
ATOM   808  O  O    . ALA A 1 55 ? -10.305 -12.814 -1.585  1.00 0.00 ? 55 ALA A O    1 
ATOM   809  C  CB   . ALA A 1 55 ? -11.690 -14.947 -0.495  1.00 0.00 ? 55 ALA A CB   1 
ATOM   810  H  H    . ALA A 1 55 ? -8.728  -15.475 0.417   1.00 0.00 ? 55 ALA A H    1 
ATOM   811  H  HA   . ALA A 1 55 ? -10.317 -15.766 -1.927  1.00 0.00 ? 55 ALA A HA   1 
ATOM   812  H  HB1  . ALA A 1 55 ? -12.411 -15.250 -1.239  1.00 0.00 ? 55 ALA A HB1  1 
ATOM   813  H  HB2  . ALA A 1 55 ? -11.834 -13.903 -0.259  1.00 0.00 ? 55 ALA A HB2  1 
ATOM   814  H  HB3  . ALA A 1 55 ? -11.822 -15.539 0.398   1.00 0.00 ? 55 ALA A HB3  1 
ATOM   815  N  N    . LEU A 1 56 ? -8.320  -13.741 -1.440  1.00 0.00 ? 56 LEU A N    1 
ATOM   816  C  CA   . LEU A 1 56 ? -7.641  -12.446 -1.792  1.00 0.00 ? 56 LEU A CA   1 
ATOM   817  C  C    . LEU A 1 56 ? -6.678  -12.691 -2.963  1.00 0.00 ? 56 LEU A C    1 
ATOM   818  O  O    . LEU A 1 56 ? -5.477  -12.660 -2.797  1.00 0.00 ? 56 LEU A O    1 
ATOM   819  C  CB   . LEU A 1 56 ? -6.839  -12.014 -0.537  1.00 0.00 ? 56 LEU A CB   1 
ATOM   820  C  CG   . LEU A 1 56 ? -7.090  -10.527 -0.157  1.00 0.00 ? 56 LEU A CG   1 
ATOM   821  C  CD1  . LEU A 1 56 ? -5.806  -9.880  0.386   1.00 0.00 ? 56 LEU A CD1  1 
ATOM   822  C  CD2  . LEU A 1 56 ? -7.535  -9.703  -1.357  1.00 0.00 ? 56 LEU A CD2  1 
ATOM   823  H  H    . LEU A 1 56 ? -7.788  -14.549 -1.289  1.00 0.00 ? 56 LEU A H    1 
ATOM   824  H  HA   . LEU A 1 56 ? -8.375  -11.703 -2.051  1.00 0.00 ? 56 LEU A HA   1 
ATOM   825  H  HB2  . LEU A 1 56 ? -7.128  -12.639 0.294   1.00 0.00 ? 56 LEU A HB2  1 
ATOM   826  H  HB3  . LEU A 1 56 ? -5.786  -12.153 -0.731  1.00 0.00 ? 56 LEU A HB3  1 
ATOM   827  H  HG   . LEU A 1 56 ? -7.851  -10.481 0.605   1.00 0.00 ? 56 LEU A HG   1 
ATOM   828  H  HD11 . LEU A 1 56 ? -6.028  -9.339  1.292   1.00 0.00 ? 56 LEU A HD11 1 
ATOM   829  H  HD12 . LEU A 1 56 ? -5.415  -9.186  -0.346  1.00 0.00 ? 56 LEU A HD12 1 
ATOM   830  H  HD13 . LEU A 1 56 ? -5.071  -10.639 0.593   1.00 0.00 ? 56 LEU A HD13 1 
ATOM   831  H  HD21 . LEU A 1 56 ? -6.992  -8.778  -1.359  1.00 0.00 ? 56 LEU A HD21 1 
ATOM   832  H  HD22 . LEU A 1 56 ? -8.593  -9.503  -1.281  1.00 0.00 ? 56 LEU A HD22 1 
ATOM   833  H  HD23 . LEU A 1 56 ? -7.329  -10.236 -2.265  1.00 0.00 ? 56 LEU A HD23 1 
ATOM   834  N  N    . GLN A 1 57 ? -7.180  -12.958 -4.141  1.00 0.00 ? 57 GLN A N    1 
ATOM   835  C  CA   . GLN A 1 57 ? -6.255  -13.229 -5.289  1.00 0.00 ? 57 GLN A CA   1 
ATOM   836  C  C    . GLN A 1 57 ? -6.431  -12.192 -6.403  1.00 0.00 ? 57 GLN A C    1 
ATOM   837  O  O    . GLN A 1 57 ? -5.922  -12.357 -7.494  1.00 0.00 ? 57 GLN A O    1 
ATOM   838  C  CB   . GLN A 1 57 ? -6.630  -14.623 -5.813  1.00 0.00 ? 57 GLN A CB   1 
ATOM   839  C  CG   . GLN A 1 57 ? -7.141  -15.504 -4.669  1.00 0.00 ? 57 GLN A CG   1 
ATOM   840  C  CD   . GLN A 1 57 ? -8.669  -15.442 -4.626  1.00 0.00 ? 57 GLN A CD   1 
ATOM   841  O  OE1  . GLN A 1 57 ? -9.275  -14.647 -5.317  1.00 0.00 ? 57 GLN A OE1  1 
ATOM   842  N  NE2  . GLN A 1 57 ? -9.320  -16.252 -3.840  1.00 0.00 ? 57 GLN A NE2  1 
ATOM   843  H  H    . GLN A 1 57 ? -8.151  -12.999 -4.266  1.00 0.00 ? 57 GLN A H    1 
ATOM   844  H  HA   . GLN A 1 57 ? -5.233  -13.235 -4.948  1.00 0.00 ? 57 GLN A HA   1 
ATOM   845  H  HB2  . GLN A 1 57 ? -7.400  -14.527 -6.564  1.00 0.00 ? 57 GLN A HB2  1 
ATOM   846  H  HB3  . GLN A 1 57 ? -5.758  -15.083 -6.254  1.00 0.00 ? 57 GLN A HB3  1 
ATOM   847  H  HG2  . GLN A 1 57 ? -6.825  -16.524 -4.830  1.00 0.00 ? 57 GLN A HG2  1 
ATOM   848  H  HG3  . GLN A 1 57 ? -6.742  -15.145 -3.732  1.00 0.00 ? 57 GLN A HG3  1 
ATOM   849  H  HE21 . GLN A 1 57 ? -8.831  -16.893 -3.283  1.00 0.00 ? 57 GLN A HE21 1 
ATOM   850  H  HE22 . GLN A 1 57 ? -10.299 -16.218 -3.803  1.00 0.00 ? 57 GLN A HE22 1 
ATOM   851  N  N    . ASP A 1 58 ? -7.134  -11.127 -6.148  1.00 0.00 ? 58 ASP A N    1 
ATOM   852  C  CA   . ASP A 1 58 ? -7.320  -10.095 -7.209  1.00 0.00 ? 58 ASP A CA   1 
ATOM   853  C  C    . ASP A 1 58 ? -6.210  -9.046  -7.114  1.00 0.00 ? 58 ASP A C    1 
ATOM   854  O  O    . ASP A 1 58 ? -6.307  -8.102  -6.361  1.00 0.00 ? 58 ASP A O    1 
ATOM   855  C  CB   . ASP A 1 58 ? -8.684  -9.467  -6.920  1.00 0.00 ? 58 ASP A CB   1 
ATOM   856  C  CG   . ASP A 1 58 ? -8.653  -8.787  -5.550  1.00 0.00 ? 58 ASP A CG   1 
ATOM   857  O  OD1  . ASP A 1 58 ? -7.878  -9.221  -4.713  1.00 0.00 ? 58 ASP A OD1  1 
ATOM   858  O  OD2  . ASP A 1 58 ? -9.406  -7.845  -5.362  1.00 0.00 ? 58 ASP A OD2  1 
ATOM   859  H  H    . ASP A 1 58 ? -7.538  -11.003 -5.263  1.00 0.00 ? 58 ASP A H    1 
ATOM   860  H  HA   . ASP A 1 58 ? -7.324  -10.554 -8.186  1.00 0.00 ? 58 ASP A HA   1 
ATOM   861  H  HB2  . ASP A 1 58 ? -8.912  -8.736  -7.681  1.00 0.00 ? 58 ASP A HB2  1 
ATOM   862  H  HB3  . ASP A 1 58 ? -9.442  -10.236 -6.921  1.00 0.00 ? 58 ASP A HB3  1 
ATOM   863  N  N    . VAL A 1 59 ? -5.147  -9.215  -7.861  1.00 0.00 ? 59 VAL A N    1 
ATOM   864  C  CA   . VAL A 1 59 ? -4.019  -8.232  -7.807  1.00 0.00 ? 59 VAL A CA   1 
ATOM   865  C  C    . VAL A 1 59 ? -4.180  -7.136  -8.871  1.00 0.00 ? 59 VAL A C    1 
ATOM   866  O  O    . VAL A 1 59 ? -3.880  -7.357  -10.028 1.00 0.00 ? 59 VAL A O    1 
ATOM   867  C  CB   . VAL A 1 59 ? -2.762  -9.059  -8.090  1.00 0.00 ? 59 VAL A CB   1 
ATOM   868  C  CG1  . VAL A 1 59 ? -2.592  -10.129 -7.013  1.00 0.00 ? 59 VAL A CG1  1 
ATOM   869  C  CG2  . VAL A 1 59 ? -2.894  -9.740  -9.455  1.00 0.00 ? 59 VAL A CG2  1 
ATOM   870  H  H    . VAL A 1 59 ? -5.086  -9.994  -8.452  1.00 0.00 ? 59 VAL A H    1 
ATOM   871  H  HA   . VAL A 1 59 ? -3.953  -7.793  -6.825  1.00 0.00 ? 59 VAL A HA   1 
ATOM   872  H  HB   . VAL A 1 59 ? -1.898  -8.410  -8.092  1.00 0.00 ? 59 VAL A HB   1 
ATOM   873  H  HG11 . VAL A 1 59 ? -3.181  -9.865  -6.149  1.00 0.00 ? 59 VAL A HG11 1 
ATOM   874  H  HG12 . VAL A 1 59 ? -1.551  -10.195 -6.731  1.00 0.00 ? 59 VAL A HG12 1 
ATOM   875  H  HG13 . VAL A 1 59 ? -2.923  -11.083 -7.397  1.00 0.00 ? 59 VAL A HG13 1 
ATOM   876  H  HG21 . VAL A 1 59 ? -2.141  -9.351  -10.125 1.00 0.00 ? 59 VAL A HG21 1 
ATOM   877  H  HG22 . VAL A 1 59 ? -3.874  -9.545  -9.862  1.00 0.00 ? 59 VAL A HG22 1 
ATOM   878  H  HG23 . VAL A 1 59 ? -2.755  -10.805 -9.339  1.00 0.00 ? 59 VAL A HG23 1 
ATOM   879  N  N    . PRO A 1 60 ? -4.628  -5.978  -8.448  1.00 0.00 ? 60 PRO A N    1 
ATOM   880  C  CA   . PRO A 1 60 ? -4.795  -4.844  -9.389  1.00 0.00 ? 60 PRO A CA   1 
ATOM   881  C  C    . PRO A 1 60 ? -3.430  -4.227  -9.711  1.00 0.00 ? 60 PRO A C    1 
ATOM   882  O  O    . PRO A 1 60 ? -3.197  -3.736  -10.797 1.00 0.00 ? 60 PRO A O    1 
ATOM   883  C  CB   . PRO A 1 60 ? -5.648  -3.851  -8.609  1.00 0.00 ? 60 PRO A CB   1 
ATOM   884  C  CG   . PRO A 1 60 ? -5.379  -4.156  -7.170  1.00 0.00 ? 60 PRO A CG   1 
ATOM   885  C  CD   . PRO A 1 60 ? -5.019  -5.617  -7.080  1.00 0.00 ? 60 PRO A CD   1 
ATOM   886  H  HA   . PRO A 1 60 ? -5.304  -5.155  -10.287 1.00 0.00 ? 60 PRO A HA   1 
ATOM   887  H  HB2  . PRO A 1 60 ? -5.352  -2.838  -8.844  1.00 0.00 ? 60 PRO A HB2  1 
ATOM   888  H  HB3  . PRO A 1 60 ? -6.693  -3.999  -8.829  1.00 0.00 ? 60 PRO A HB3  1 
ATOM   889  H  HG2  . PRO A 1 60 ? -4.558  -3.550  -6.814  1.00 0.00 ? 60 PRO A HG2  1 
ATOM   890  H  HG3  . PRO A 1 60 ? -6.262  -3.962  -6.582  1.00 0.00 ? 60 PRO A HG3  1 
ATOM   891  H  HD2  . PRO A 1 60 ? -4.199  -5.764  -6.392  1.00 0.00 ? 60 PRO A HD2  1 
ATOM   892  H  HD3  . PRO A 1 60 ? -5.878  -6.189  -6.778  1.00 0.00 ? 60 PRO A HD3  1 
ATOM   893  N  N    . GLY A 1 61 ? -2.531  -4.247  -8.763  1.00 0.00 ? 61 GLY A N    1 
ATOM   894  C  CA   . GLY A 1 61 ? -1.182  -3.660  -8.994  1.00 0.00 ? 61 GLY A CA   1 
ATOM   895  C  C    . GLY A 1 61 ? -0.670  -3.040  -7.692  1.00 0.00 ? 61 GLY A C    1 
ATOM   896  O  O    . GLY A 1 61 ? -1.437  -2.721  -6.805  1.00 0.00 ? 61 GLY A O    1 
ATOM   897  H  H    . GLY A 1 61 ? -2.747  -4.646  -7.894  1.00 0.00 ? 61 GLY A H    1 
ATOM   898  H  HA2  . GLY A 1 61 ? -0.502  -4.435  -9.319  1.00 0.00 ? 61 GLY A HA2  1 
ATOM   899  H  HA3  . GLY A 1 61 ? -1.246  -2.894  -9.752  1.00 0.00 ? 61 GLY A HA3  1 
ATOM   900  N  N    . GLU A 1 62 ? 0.618   -2.868  -7.569  1.00 0.00 ? 62 GLU A N    1 
ATOM   901  C  CA   . GLU A 1 62 ? 1.177   -2.268  -6.322  1.00 0.00 ? 62 GLU A CA   1 
ATOM   902  C  C    . GLU A 1 62 ? 0.786   -3.119  -5.102  1.00 0.00 ? 62 GLU A C    1 
ATOM   903  O  O    . GLU A 1 62 ? 1.279   -4.214  -4.922  1.00 0.00 ? 62 GLU A O    1 
ATOM   904  C  CB   . GLU A 1 62 ? 0.560   -0.869  -6.247  1.00 0.00 ? 62 GLU A CB   1 
ATOM   905  C  CG   . GLU A 1 62 ? 0.943   -0.075  -7.498  1.00 0.00 ? 62 GLU A CG   1 
ATOM   906  C  CD   . GLU A 1 62 ? -0.318  0.505   -8.142  1.00 0.00 ? 62 GLU A CD   1 
ATOM   907  O  OE1  . GLU A 1 62 ? -1.370  -0.091  -7.981  1.00 0.00 ? 62 GLU A OE1  1 
ATOM   908  O  OE2  . GLU A 1 62 ? -0.210  1.536   -8.786  1.00 0.00 ? 62 GLU A OE2  1 
ATOM   909  H  H    . GLU A 1 62 ? 1.218   -3.133  -8.297  1.00 0.00 ? 62 GLU A H    1 
ATOM   910  H  HA   . GLU A 1 62 ? 2.250   -2.193  -6.395  1.00 0.00 ? 62 GLU A HA   1 
ATOM   911  H  HB2  . GLU A 1 62 ? -0.516  -0.950  -6.186  1.00 0.00 ? 62 GLU A HB2  1 
ATOM   912  H  HB3  . GLU A 1 62 ? 0.931   -0.358  -5.371  1.00 0.00 ? 62 GLU A HB3  1 
ATOM   913  H  HG2  . GLU A 1 62 ? 1.611   0.729   -7.224  1.00 0.00 ? 62 GLU A HG2  1 
ATOM   914  H  HG3  . GLU A 1 62 ? 1.435   -0.728  -8.202  1.00 0.00 ? 62 GLU A HG3  1 
ATOM   915  N  N    . GLU A 1 63 ? -0.095  -2.634  -4.266  1.00 0.00 ? 63 GLU A N    1 
ATOM   916  C  CA   . GLU A 1 63 ? -0.505  -3.424  -3.074  1.00 0.00 ? 63 GLU A CA   1 
ATOM   917  C  C    . GLU A 1 63 ? -1.842  -4.115  -3.354  1.00 0.00 ? 63 GLU A C    1 
ATOM   918  O  O    . GLU A 1 63 ? -2.172  -4.391  -4.490  1.00 0.00 ? 63 GLU A O    1 
ATOM   919  C  CB   . GLU A 1 63 ? -0.654  -2.389  -1.958  1.00 0.00 ? 63 GLU A CB   1 
ATOM   920  C  CG   . GLU A 1 63 ? -1.907  -1.550  -2.211  1.00 0.00 ? 63 GLU A CG   1 
ATOM   921  C  CD   . GLU A 1 63 ? -1.811  -0.232  -1.438  1.00 0.00 ? 63 GLU A CD   1 
ATOM   922  O  OE1  . GLU A 1 63 ? -1.020  -0.168  -0.512  1.00 0.00 ? 63 GLU A OE1  1 
ATOM   923  O  OE2  . GLU A 1 63 ? -2.528  0.690   -1.787  1.00 0.00 ? 63 GLU A OE2  1 
ATOM   924  H  H    . GLU A 1 63 ? -0.493  -1.755  -4.417  1.00 0.00 ? 63 GLU A H    1 
ATOM   925  H  HA   . GLU A 1 63 ? 0.253   -4.147  -2.816  1.00 0.00 ? 63 GLU A HA   1 
ATOM   926  H  HB2  . GLU A 1 63 ? -0.741  -2.892  -1.005  1.00 0.00 ? 63 GLU A HB2  1 
ATOM   927  H  HB3  . GLU A 1 63 ? 0.212   -1.745  -1.947  1.00 0.00 ? 63 GLU A HB3  1 
ATOM   928  H  HG2  . GLU A 1 63 ? -1.992  -1.342  -3.268  1.00 0.00 ? 63 GLU A HG2  1 
ATOM   929  H  HG3  . GLU A 1 63 ? -2.779  -2.095  -1.881  1.00 0.00 ? 63 GLU A HG3  1 
ATOM   930  N  N    . TRP A 1 64 ? -2.641  -4.366  -2.346  1.00 0.00 ? 64 TRP A N    1 
ATOM   931  C  CA   . TRP A 1 64 ? -3.961  -4.997  -2.624  1.00 0.00 ? 64 TRP A CA   1 
ATOM   932  C  C    . TRP A 1 64 ? -4.854  -3.896  -3.224  1.00 0.00 ? 64 TRP A C    1 
ATOM   933  O  O    . TRP A 1 64 ? -4.751  -3.554  -4.386  1.00 0.00 ? 64 TRP A O    1 
ATOM   934  C  CB   . TRP A 1 64 ? -4.528  -5.500  -1.261  1.00 0.00 ? 64 TRP A CB   1 
ATOM   935  C  CG   . TRP A 1 64 ? -5.965  -5.985  -1.438  1.00 0.00 ? 64 TRP A CG   1 
ATOM   936  C  CD1  . TRP A 1 64 ? -6.714  -5.802  -2.558  1.00 0.00 ? 64 TRP A CD1  1 
ATOM   937  C  CD2  . TRP A 1 64 ? -6.851  -6.702  -0.499  1.00 0.00 ? 64 TRP A CD2  1 
ATOM   938  N  NE1  . TRP A 1 64 ? -7.988  -6.261  -2.340  1.00 0.00 ? 64 TRP A NE1  1 
ATOM   939  C  CE2  . TRP A 1 64 ? -8.129  -6.833  -1.108  1.00 0.00 ? 64 TRP A CE2  1 
ATOM   940  C  CE3  . TRP A 1 64 ? -6.706  -7.228  0.803   1.00 0.00 ? 64 TRP A CE3  1 
ATOM   941  C  CZ2  . TRP A 1 64 ? -9.200  -7.440  -0.459  1.00 0.00 ? 64 TRP A CZ2  1 
ATOM   942  C  CZ3  . TRP A 1 64 ? -7.783  -7.845  1.451   1.00 0.00 ? 64 TRP A CZ3  1 
ATOM   943  C  CH2  . TRP A 1 64 ? -9.029  -7.943  0.824   1.00 0.00 ? 64 TRP A CH2  1 
ATOM   944  H  H    . TRP A 1 64 ? -2.393  -4.107  -1.434  1.00 0.00 ? 64 TRP A H    1 
ATOM   945  H  HA   . TRP A 1 64 ? -3.850  -5.818  -3.316  1.00 0.00 ? 64 TRP A HA   1 
ATOM   946  H  HB2  . TRP A 1 64 ? -3.900  -6.283  -0.830  1.00 0.00 ? 64 TRP A HB2  1 
ATOM   947  H  HB3  . TRP A 1 64 ? -4.540  -4.660  -0.588  1.00 0.00 ? 64 TRP A HB3  1 
ATOM   948  H  HD1  . TRP A 1 64 ? -6.382  -5.339  -3.464  1.00 0.00 ? 64 TRP A HD1  1 
ATOM   949  H  HE1  . TRP A 1 64 ? -8.719  -6.204  -2.981  1.00 0.00 ? 64 TRP A HE1  1 
ATOM   950  H  HE3  . TRP A 1 64 ? -5.750  -7.187  1.307   1.00 0.00 ? 64 TRP A HE3  1 
ATOM   951  H  HZ2  . TRP A 1 64 ? -10.160 -7.512  -0.947  1.00 0.00 ? 64 TRP A HZ2  1 
ATOM   952  H  HZ3  . TRP A 1 64 ? -7.652  -8.234  2.448   1.00 0.00 ? 64 TRP A HZ3  1 
ATOM   953  H  HH2  . TRP A 1 64 ? -9.854  -8.411  1.330   1.00 0.00 ? 64 TRP A HH2  1 
ATOM   954  N  N    . SER A 1 65 ? -5.734  -3.358  -2.429  1.00 0.00 ? 65 SER A N    1 
ATOM   955  C  CA   . SER A 1 65 ? -6.665  -2.295  -2.891  1.00 0.00 ? 65 SER A CA   1 
ATOM   956  C  C    . SER A 1 65 ? -7.650  -2.055  -1.752  1.00 0.00 ? 65 SER A C    1 
ATOM   957  O  O    . SER A 1 65 ? -8.833  -1.853  -1.946  1.00 0.00 ? 65 SER A O    1 
ATOM   958  C  CB   . SER A 1 65 ? -7.371  -2.876  -4.117  1.00 0.00 ? 65 SER A CB   1 
ATOM   959  O  OG   . SER A 1 65 ? -8.581  -2.166  -4.344  1.00 0.00 ? 65 SER A OG   1 
ATOM   960  H  H    . SER A 1 65 ? -5.793  -3.665  -1.507  1.00 0.00 ? 65 SER A H    1 
ATOM   961  H  HA   . SER A 1 65 ? -6.131  -1.390  -3.143  1.00 0.00 ? 65 SER A HA   1 
ATOM   962  H  HB2  . SER A 1 65 ? -6.735  -2.779  -4.981  1.00 0.00 ? 65 SER A HB2  1 
ATOM   963  H  HB3  . SER A 1 65 ? -7.583  -3.923  -3.945  1.00 0.00 ? 65 SER A HB3  1 
ATOM   964  H  HG   . SER A 1 65 ? -8.601  -1.901  -5.267  1.00 0.00 ? 65 SER A HG   1 
ATOM   965  N  N    . CYS A 1 66 ? -7.142  -2.122  -0.552  1.00 0.00 ? 66 CYS A N    1 
ATOM   966  C  CA   . CYS A 1 66 ? -7.980  -1.955  0.658   1.00 0.00 ? 66 CYS A CA   1 
ATOM   967  C  C    . CYS A 1 66 ? -9.107  -2.981  0.672   1.00 0.00 ? 66 CYS A C    1 
ATOM   968  O  O    . CYS A 1 66 ? -9.422  -3.600  -0.325  1.00 0.00 ? 66 CYS A O    1 
ATOM   969  C  CB   . CYS A 1 66 ? -8.525  -0.528  0.618   1.00 0.00 ? 66 CYS A CB   1 
ATOM   970  S  SG   . CYS A 1 66 ? -9.914  -0.360  1.782   1.00 0.00 ? 66 CYS A SG   1 
ATOM   971  H  H    . CYS A 1 66 ? -6.188  -2.308  -0.446  1.00 0.00 ? 66 CYS A H    1 
ATOM   972  H  HA   . CYS A 1 66 ? -7.366  -2.085  1.524   1.00 0.00 ? 66 CYS A HA   1 
ATOM   973  H  HB2  . CYS A 1 66 ? -7.741  0.162   0.892   1.00 0.00 ? 66 CYS A HB2  1 
ATOM   974  H  HB3  . CYS A 1 66 ? -8.866  -0.304  -0.382  1.00 0.00 ? 66 CYS A HB3  1 
ATOM   975  N  N    . SER A 1 67 ? -9.706  -3.163  1.810   1.00 0.00 ? 67 SER A N    1 
ATOM   976  C  CA   . SER A 1 67 ? -10.815 -4.152  1.929   1.00 0.00 ? 67 SER A CA   1 
ATOM   977  C  C    . SER A 1 67 ? -11.979 -3.545  2.721   1.00 0.00 ? 67 SER A C    1 
ATOM   978  O  O    . SER A 1 67 ? -12.286 -2.378  2.585   1.00 0.00 ? 67 SER A O    1 
ATOM   979  C  CB   . SER A 1 67 ? -10.196 -5.328  2.682   1.00 0.00 ? 67 SER A CB   1 
ATOM   980  O  OG   . SER A 1 67 ? -10.393 -5.146  4.077   1.00 0.00 ? 67 SER A OG   1 
ATOM   981  H  H    . SER A 1 67 ? -9.418  -2.646  2.595   1.00 0.00 ? 67 SER A H    1 
ATOM   982  H  HA   . SER A 1 67 ? -11.144 -4.471  0.953   1.00 0.00 ? 67 SER A HA   1 
ATOM   983  H  HB2  . SER A 1 67 ? -10.663 -6.244  2.372   1.00 0.00 ? 67 SER A HB2  1 
ATOM   984  H  HB3  . SER A 1 67 ? -9.137  -5.376  2.462   1.00 0.00 ? 67 SER A HB3  1 
ATOM   985  H  HG   . SER A 1 67 ? -10.015 -4.297  4.322   1.00 0.00 ? 67 SER A HG   1 
ATOM   986  N  N    . LEU A 1 68 ? -12.625 -4.322  3.551   1.00 0.00 ? 68 LEU A N    1 
ATOM   987  C  CA   . LEU A 1 68 ? -13.763 -3.764  4.349   1.00 0.00 ? 68 LEU A CA   1 
ATOM   988  C  C    . LEU A 1 68 ? -13.271 -3.304  5.723   1.00 0.00 ? 68 LEU A C    1 
ATOM   989  O  O    . LEU A 1 68 ? -13.673 -3.820  6.747   1.00 0.00 ? 68 LEU A O    1 
ATOM   990  C  CB   . LEU A 1 68 ? -14.804 -4.885  4.495   1.00 0.00 ? 68 LEU A CB   1 
ATOM   991  C  CG   . LEU A 1 68 ? -14.137 -6.249  4.717   1.00 0.00 ? 68 LEU A CG   1 
ATOM   992  C  CD1  . LEU A 1 68 ? -13.035 -6.144  5.775   1.00 0.00 ? 68 LEU A CD1  1 
ATOM   993  C  CD2  . LEU A 1 68 ? -15.193 -7.249  5.194   1.00 0.00 ? 68 LEU A CD2  1 
ATOM   994  H  H    . LEU A 1 68 ? -12.356 -5.256  3.652   1.00 0.00 ? 68 LEU A H    1 
ATOM   995  H  HA   . LEU A 1 68 ? -14.203 -2.930  3.823   1.00 0.00 ? 68 LEU A HA   1 
ATOM   996  H  HB2  . LEU A 1 68 ? -15.444 -4.664  5.336   1.00 0.00 ? 68 LEU A HB2  1 
ATOM   997  H  HB3  . LEU A 1 68 ? -15.405 -4.928  3.597   1.00 0.00 ? 68 LEU A HB3  1 
ATOM   998  H  HG   . LEU A 1 68 ? -13.714 -6.595  3.788   1.00 0.00 ? 68 LEU A HG   1 
ATOM   999  H  HD11 . LEU A 1 68 ? -12.529 -7.095  5.859   1.00 0.00 ? 68 LEU A HD11 1 
ATOM   1000 H  HD12 . LEU A 1 68 ? -13.473 -5.889  6.728   1.00 0.00 ? 68 LEU A HD12 1 
ATOM   1001 H  HD13 . LEU A 1 68 ? -12.324 -5.386  5.489   1.00 0.00 ? 68 LEU A HD13 1 
ATOM   1002 H  HD21 . LEU A 1 68 ? -16.113 -6.724  5.412   1.00 0.00 ? 68 LEU A HD21 1 
ATOM   1003 H  HD22 . LEU A 1 68 ? -14.842 -7.743  6.087   1.00 0.00 ? 68 LEU A HD22 1 
ATOM   1004 H  HD23 . LEU A 1 68 ? -15.370 -7.982  4.422   1.00 0.00 ? 68 LEU A HD23 1 
ATOM   1005 N  N    . CYS A 1 69 ? -12.400 -2.338  5.747   1.00 0.00 ? 69 CYS A N    1 
ATOM   1006 C  CA   . CYS A 1 69 ? -11.870 -1.838  7.050   1.00 0.00 ? 69 CYS A CA   1 
ATOM   1007 C  C    . CYS A 1 69 ? -12.989 -1.177  7.862   1.00 0.00 ? 69 CYS A C    1 
ATOM   1008 O  O    . CYS A 1 69 ? -13.046 -1.296  9.070   1.00 0.00 ? 69 CYS A O    1 
ATOM   1009 C  CB   . CYS A 1 69 ? -10.800 -0.810  6.674   1.00 0.00 ? 69 CYS A CB   1 
ATOM   1010 S  SG   . CYS A 1 69 ? -9.710  -1.497  5.397   1.00 0.00 ? 69 CYS A SG   1 
ATOM   1011 H  H    . CYS A 1 69 ? -12.095 -1.942  4.907   1.00 0.00 ? 69 CYS A H    1 
ATOM   1012 H  HA   . CYS A 1 69 ? -11.424 -2.644  7.610   1.00 0.00 ? 69 CYS A HA   1 
ATOM   1013 H  HB2  . CYS A 1 69 ? -11.278 0.080   6.295   1.00 0.00 ? 69 CYS A HB2  1 
ATOM   1014 H  HB3  . CYS A 1 69 ? -10.217 -0.562  7.547   1.00 0.00 ? 69 CYS A HB3  1 
ATOM   1015 N  N    . HIS A 1 70 ? -13.877 -0.481  7.207   1.00 0.00 ? 70 HIS A N    1 
ATOM   1016 C  CA   . HIS A 1 70 ? -14.993 0.191   7.938   1.00 0.00 ? 70 HIS A CA   1 
ATOM   1017 C  C    . HIS A 1 70 ? -14.437 1.081   9.052   1.00 0.00 ? 70 HIS A C    1 
ATOM   1018 O  O    . HIS A 1 70 ? -14.590 0.798   10.223  1.00 0.00 ? 70 HIS A O    1 
ATOM   1019 C  CB   . HIS A 1 70 ? -15.835 -0.942  8.524   1.00 0.00 ? 70 HIS A CB   1 
ATOM   1020 C  CG   . HIS A 1 70 ? -17.143 -1.024  7.784   1.00 0.00 ? 70 HIS A CG   1 
ATOM   1021 N  ND1  . HIS A 1 70 ? -17.399 -2.010  6.846   1.00 0.00 ? 70 HIS A ND1  1 
ATOM   1022 C  CD2  . HIS A 1 70 ? -18.274 -0.247  7.832   1.00 0.00 ? 70 HIS A CD2  1 
ATOM   1023 C  CE1  . HIS A 1 70 ? -18.642 -1.804  6.371   1.00 0.00 ? 70 HIS A CE1  1 
ATOM   1024 N  NE2  . HIS A 1 70 ? -19.219 -0.742  6.938   1.00 0.00 ? 70 HIS A NE2  1 
ATOM   1025 H  H    . HIS A 1 70 ? -13.811 -0.397  6.233   1.00 0.00 ? 70 HIS A H    1 
ATOM   1026 H  HA   . HIS A 1 70 ? -15.588 0.776   7.254   1.00 0.00 ? 70 HIS A HA   1 
ATOM   1027 H  HB2  . HIS A 1 70 ? -15.305 -1.877  8.423   1.00 0.00 ? 70 HIS A HB2  1 
ATOM   1028 H  HB3  . HIS A 1 70 ? -16.026 -0.747  9.568   1.00 0.00 ? 70 HIS A HB3  1 
ATOM   1029 H  HD1  . HIS A 1 70 ? -16.787 -2.727  6.576   1.00 0.00 ? 70 HIS A HD1  1 
ATOM   1030 H  HD2  . HIS A 1 70 ? -18.407 0.619   8.463   1.00 0.00 ? 70 HIS A HD2  1 
ATOM   1031 H  HE1  . HIS A 1 70 ? -19.113 -2.421  5.620   1.00 0.00 ? 70 HIS A HE1  1 
ATOM   1032 N  N    . VAL A 1 71 ? -13.793 2.157   8.691   1.00 0.00 ? 71 VAL A N    1 
ATOM   1033 C  CA   . VAL A 1 71 ? -13.226 3.071   9.723   1.00 0.00 ? 71 VAL A CA   1 
ATOM   1034 C  C    . VAL A 1 71 ? -13.991 4.397   9.727   1.00 0.00 ? 71 VAL A C    1 
ATOM   1035 O  O    . VAL A 1 71 ? -13.411 5.461   9.627   1.00 0.00 ? 71 VAL A O    1 
ATOM   1036 C  CB   . VAL A 1 71 ? -11.777 3.292   9.294   1.00 0.00 ? 71 VAL A CB   1 
ATOM   1037 C  CG1  . VAL A 1 71 ? -11.058 1.944   9.221   1.00 0.00 ? 71 VAL A CG1  1 
ATOM   1038 C  CG2  . VAL A 1 71 ? -11.754 3.955   7.914   1.00 0.00 ? 71 VAL A CG2  1 
ATOM   1039 H  H    . VAL A 1 71 ? -13.683 2.366   7.740   1.00 0.00 ? 71 VAL A H    1 
ATOM   1040 H  HA   . VAL A 1 71 ? -13.257 2.611   10.698  1.00 0.00 ? 71 VAL A HA   1 
ATOM   1041 H  HB   . VAL A 1 71 ? -11.280 3.927   10.010  1.00 0.00 ? 71 VAL A HB   1 
ATOM   1042 H  HG11 . VAL A 1 71 ? -11.569 1.301   8.519   1.00 0.00 ? 71 VAL A HG11 1 
ATOM   1043 H  HG12 . VAL A 1 71 ? -11.059 1.484   10.198  1.00 0.00 ? 71 VAL A HG12 1 
ATOM   1044 H  HG13 . VAL A 1 71 ? -10.039 2.096   8.895   1.00 0.00 ? 71 VAL A HG13 1 
ATOM   1045 H  HG21 . VAL A 1 71 ? -10.810 4.460   7.773   1.00 0.00 ? 71 VAL A HG21 1 
ATOM   1046 H  HG22 . VAL A 1 71 ? -12.559 4.671   7.845   1.00 0.00 ? 71 VAL A HG22 1 
ATOM   1047 H  HG23 . VAL A 1 71 ? -11.876 3.201   7.150   1.00 0.00 ? 71 VAL A HG23 1 
ATOM   1048 N  N    . LEU A 1 72 ? -15.289 4.340   9.837   1.00 0.00 ? 72 LEU A N    1 
ATOM   1049 C  CA   . LEU A 1 72 ? -16.097 5.593   9.840   1.00 0.00 ? 72 LEU A CA   1 
ATOM   1050 C  C    . LEU A 1 72 ? -15.605 6.547   10.932  1.00 0.00 ? 72 LEU A C    1 
ATOM   1051 O  O    . LEU A 1 72 ? -15.772 6.286   12.107  1.00 0.00 ? 72 LEU A O    1 
ATOM   1052 C  CB   . LEU A 1 72 ? -17.527 5.137   10.130  1.00 0.00 ? 72 LEU A CB   1 
ATOM   1053 C  CG   . LEU A 1 72 ? -18.137 4.546   8.858   1.00 0.00 ? 72 LEU A CG   1 
ATOM   1054 C  CD1  . LEU A 1 72 ? -19.450 3.840   9.198   1.00 0.00 ? 72 LEU A CD1  1 
ATOM   1055 C  CD2  . LEU A 1 72 ? -18.408 5.670   7.856   1.00 0.00 ? 72 LEU A CD2  1 
ATOM   1056 H  H    . LEU A 1 72 ? -15.735 3.470   9.912   1.00 0.00 ? 72 LEU A H    1 
ATOM   1057 H  HA   . LEU A 1 72 ? -16.055 6.070   8.874   1.00 0.00 ? 72 LEU A HA   1 
ATOM   1058 H  HB2  . LEU A 1 72 ? -17.515 4.387   10.907  1.00 0.00 ? 72 LEU A HB2  1 
ATOM   1059 H  HB3  . LEU A 1 72 ? -18.117 5.982   10.451  1.00 0.00 ? 72 LEU A HB3  1 
ATOM   1060 H  HG   . LEU A 1 72 ? -17.447 3.835   8.426   1.00 0.00 ? 72 LEU A HG   1 
ATOM   1061 H  HD11 . LEU A 1 72 ? -19.245 2.825   9.506   1.00 0.00 ? 72 LEU A HD11 1 
ATOM   1062 H  HD12 . LEU A 1 72 ? -20.090 3.829   8.327   1.00 0.00 ? 72 LEU A HD12 1 
ATOM   1063 H  HD13 . LEU A 1 72 ? -19.945 4.367   10.000  1.00 0.00 ? 72 LEU A HD13 1 
ATOM   1064 H  HD21 . LEU A 1 72 ? -19.454 5.672   7.591   1.00 0.00 ? 72 LEU A HD21 1 
ATOM   1065 H  HD22 . LEU A 1 72 ? -17.810 5.515   6.971   1.00 0.00 ? 72 LEU A HD22 1 
ATOM   1066 H  HD23 . LEU A 1 72 ? -18.148 6.620   8.304   1.00 0.00 ? 72 LEU A HD23 1 
ATOM   1067 N  N    . PRO A 1 73 ? -15.018 7.631   10.501  1.00 0.00 ? 73 PRO A N    1 
ATOM   1068 C  CA   . PRO A 1 73 ? -14.500 8.647   11.451  1.00 0.00 ? 73 PRO A CA   1 
ATOM   1069 C  C    . PRO A 1 73 ? -15.659 9.430   12.078  1.00 0.00 ? 73 PRO A C    1 
ATOM   1070 O  O    . PRO A 1 73 ? -16.351 10.173  11.410  1.00 0.00 ? 73 PRO A O    1 
ATOM   1071 C  CB   . PRO A 1 73 ? -13.638 9.550   10.572  1.00 0.00 ? 73 PRO A CB   1 
ATOM   1072 C  CG   . PRO A 1 73 ? -14.188 9.392   9.190   1.00 0.00 ? 73 PRO A CG   1 
ATOM   1073 C  CD   . PRO A 1 73 ? -14.784 8.010   9.103   1.00 0.00 ? 73 PRO A CD   1 
ATOM   1074 H  HA   . PRO A 1 73 ? -13.895 8.183   12.214  1.00 0.00 ? 73 PRO A HA   1 
ATOM   1075 H  HB2  . PRO A 1 73 ? -13.724 10.577  10.897  1.00 0.00 ? 73 PRO A HB2  1 
ATOM   1076 H  HB3  . PRO A 1 73 ? -12.610 9.231   10.599  1.00 0.00 ? 73 PRO A HB3  1 
ATOM   1077 H  HG2  . PRO A 1 73 ? -14.951 10.136  9.010   1.00 0.00 ? 73 PRO A HG2  1 
ATOM   1078 H  HG3  . PRO A 1 73 ? -13.396 9.491   8.464   1.00 0.00 ? 73 PRO A HG3  1 
ATOM   1079 H  HD2  . PRO A 1 73 ? -15.715 8.036   8.552   1.00 0.00 ? 73 PRO A HD2  1 
ATOM   1080 H  HD3  . PRO A 1 73 ? -14.089 7.324   8.644   1.00 0.00 ? 73 PRO A HD3  1 
ATOM   1081 N  N    . ASP A 1 74 ? -15.878 9.262   13.354  1.00 0.00 ? 74 ASP A N    1 
ATOM   1082 C  CA   . ASP A 1 74 ? -16.996 9.991   14.024  1.00 0.00 ? 74 ASP A CA   1 
ATOM   1083 C  C    . ASP A 1 74 ? -16.450 11.137  14.881  1.00 0.00 ? 74 ASP A C    1 
ATOM   1084 O  O    . ASP A 1 74 ? -17.195 11.954  15.386  1.00 0.00 ? 74 ASP A O    1 
ATOM   1085 C  CB   . ASP A 1 74 ? -17.677 8.942   14.904  1.00 0.00 ? 74 ASP A CB   1 
ATOM   1086 C  CG   . ASP A 1 74 ? -19.174 8.902   14.590  1.00 0.00 ? 74 ASP A CG   1 
ATOM   1087 O  OD1  . ASP A 1 74 ? -19.725 9.948   14.289  1.00 0.00 ? 74 ASP A OD1  1 
ATOM   1088 O  OD2  . ASP A 1 74 ? -19.744 7.825   14.656  1.00 0.00 ? 74 ASP A OD2  1 
ATOM   1089 H  H    . ASP A 1 74 ? -15.311 8.655   13.873  1.00 0.00 ? 74 ASP A H    1 
ATOM   1090 H  HA   . ASP A 1 74 ? -17.693 10.366  13.291  1.00 0.00 ? 74 ASP A HA   1 
ATOM   1091 H  HB2  . ASP A 1 74 ? -17.243 7.973   14.709  1.00 0.00 ? 74 ASP A HB2  1 
ATOM   1092 H  HB3  . ASP A 1 74 ? -17.537 9.198   15.943  1.00 0.00 ? 74 ASP A HB3  1 
ATOM   1093 N  N    . LEU A 1 75 ? -15.159 11.206  15.052  1.00 0.00 ? 75 LEU A N    1 
ATOM   1094 C  CA   . LEU A 1 75 ? -14.576 12.304  15.879  1.00 0.00 ? 75 LEU A CA   1 
ATOM   1095 C  C    . LEU A 1 75 ? -13.498 13.051  15.088  1.00 0.00 ? 75 LEU A C    1 
ATOM   1096 O  O    . LEU A 1 75 ? -12.676 13.747  15.649  1.00 0.00 ? 75 LEU A O    1 
ATOM   1097 C  CB   . LEU A 1 75 ? -13.966 11.605  17.097  1.00 0.00 ? 75 LEU A CB   1 
ATOM   1098 C  CG   . LEU A 1 75 ? -15.083 11.134  18.032  1.00 0.00 ? 75 LEU A CG   1 
ATOM   1099 C  CD1  . LEU A 1 75 ? -14.568 9.986   18.899  1.00 0.00 ? 75 LEU A CD1  1 
ATOM   1100 C  CD2  . LEU A 1 75 ? -15.522 12.294  18.930  1.00 0.00 ? 75 LEU A CD2  1 
ATOM   1101 H  H    . LEU A 1 75 ? -14.572 10.540  14.637  1.00 0.00 ? 75 LEU A H    1 
ATOM   1102 H  HA   . LEU A 1 75 ? -15.350 12.985  16.196  1.00 0.00 ? 75 LEU A HA   1 
ATOM   1103 H  HB2  . LEU A 1 75 ? -13.387 10.753  16.770  1.00 0.00 ? 75 LEU A HB2  1 
ATOM   1104 H  HB3  . LEU A 1 75 ? -13.326 12.296  17.624  1.00 0.00 ? 75 LEU A HB3  1 
ATOM   1105 H  HG   . LEU A 1 75 ? -15.923 10.794  17.444  1.00 0.00 ? 75 LEU A HG   1 
ATOM   1106 H  HD11 . LEU A 1 75 ? -15.331 9.224   18.976  1.00 0.00 ? 75 LEU A HD11 1 
ATOM   1107 H  HD12 . LEU A 1 75 ? -14.331 10.357  19.885  1.00 0.00 ? 75 LEU A HD12 1 
ATOM   1108 H  HD13 . LEU A 1 75 ? -13.682 9.564   18.450  1.00 0.00 ? 75 LEU A HD13 1 
ATOM   1109 H  HD21 . LEU A 1 75 ? -16.361 11.984  19.535  1.00 0.00 ? 75 LEU A HD21 1 
ATOM   1110 H  HD22 . LEU A 1 75 ? -15.812 13.134  18.318  1.00 0.00 ? 75 LEU A HD22 1 
ATOM   1111 H  HD23 . LEU A 1 75 ? -14.702 12.582  19.572  1.00 0.00 ? 75 LEU A HD23 1 
ATOM   1112 N  N    . LYS A 1 76 ? -13.498 12.912  13.791  1.00 0.00 ? 76 LYS A N    1 
ATOM   1113 C  CA   . LYS A 1 76 ? -12.476 13.618  12.963  1.00 0.00 ? 76 LYS A CA   1 
ATOM   1114 C  C    . LYS A 1 76 ? -12.801 15.111  12.888  1.00 0.00 ? 76 LYS A C    1 
ATOM   1115 O  O    . LYS A 1 76 ? -13.938 15.500  12.713  1.00 0.00 ? 76 LYS A O    1 
ATOM   1116 C  CB   . LYS A 1 76 ? -12.582 12.984  11.576  1.00 0.00 ? 76 LYS A CB   1 
ATOM   1117 C  CG   . LYS A 1 76 ? -11.280 12.254  11.238  1.00 0.00 ? 76 LYS A CG   1 
ATOM   1118 C  CD   . LYS A 1 76 ? -10.973 12.423  9.748   1.00 0.00 ? 76 LYS A CD   1 
ATOM   1119 C  CE   . LYS A 1 76 ? -10.605 11.066  9.141   1.00 0.00 ? 76 LYS A CE   1 
ATOM   1120 N  NZ   . LYS A 1 76 ? -10.921 11.195  7.691   1.00 0.00 ? 76 LYS A NZ   1 
ATOM   1121 H  H    . LYS A 1 76 ? -14.171 12.347  13.358  1.00 0.00 ? 76 LYS A H    1 
ATOM   1122 H  HA   . LYS A 1 76 ? -11.488 13.463  13.367  1.00 0.00 ? 76 LYS A HA   1 
ATOM   1123 H  HB2  . LYS A 1 76 ? -13.402 12.282  11.566  1.00 0.00 ? 76 LYS A HB2  1 
ATOM   1124 H  HB3  . LYS A 1 76 ? -12.761 13.756  10.842  1.00 0.00 ? 76 LYS A HB3  1 
ATOM   1125 H  HG2  . LYS A 1 76 ? -10.472 12.670  11.824  1.00 0.00 ? 76 LYS A HG2  1 
ATOM   1126 H  HG3  . LYS A 1 76 ? -11.386 11.203  11.465  1.00 0.00 ? 76 LYS A HG3  1 
ATOM   1127 H  HD2  . LYS A 1 76 ? -11.844 12.819  9.245   1.00 0.00 ? 76 LYS A HD2  1 
ATOM   1128 H  HD3  . LYS A 1 76 ? -10.145 13.106  9.626   1.00 0.00 ? 76 LYS A HD3  1 
ATOM   1129 H  HE2  . LYS A 1 76 ? -9.551  10.866  9.284   1.00 0.00 ? 76 LYS A HE2  1 
ATOM   1130 H  HE3  . LYS A 1 76 ? -11.201 10.282  9.582   1.00 0.00 ? 76 LYS A HE3  1 
ATOM   1131 H  HZ1  . LYS A 1 76 ? -11.884 11.569  7.577   1.00 0.00 ? 76 LYS A HZ1  1 
ATOM   1132 H  HZ2  . LYS A 1 76 ? -10.856 10.259  7.238   1.00 0.00 ? 76 LYS A HZ2  1 
ATOM   1133 H  HZ3  . LYS A 1 76 ? -10.244 11.846  7.244   1.00 0.00 ? 76 LYS A HZ3  1 
ATOM   1134 N  N    . GLU A 1 77 ? -11.811 15.952  13.013  1.00 0.00 ? 77 GLU A N    1 
ATOM   1135 C  CA   . GLU A 1 77 ? -12.071 17.419  12.941  1.00 0.00 ? 77 GLU A CA   1 
ATOM   1136 C  C    . GLU A 1 77 ? -11.214 18.050  11.840  1.00 0.00 ? 77 GLU A C    1 
ATOM   1137 O  O    . GLU A 1 77 ? -10.009 17.893  11.811  1.00 0.00 ? 77 GLU A O    1 
ATOM   1138 C  CB   . GLU A 1 77 ? -11.687 17.961  14.322  1.00 0.00 ? 77 GLU A CB   1 
ATOM   1139 C  CG   . GLU A 1 77 ? -10.167 18.125  14.419  1.00 0.00 ? 77 GLU A CG   1 
ATOM   1140 C  CD   . GLU A 1 77 ? -9.771  19.515  13.915  1.00 0.00 ? 77 GLU A CD   1 
ATOM   1141 O  OE1  . GLU A 1 77 ? -10.298 20.484  14.437  1.00 0.00 ? 77 GLU A OE1  1 
ATOM   1142 O  OE2  . GLU A 1 77 ? -8.950  19.587  13.017  1.00 0.00 ? 77 GLU A OE2  1 
ATOM   1143 H  H    . GLU A 1 77 ? -10.900 15.621  13.149  1.00 0.00 ? 77 GLU A H    1 
ATOM   1144 H  HA   . GLU A 1 77 ? -13.117 17.603  12.752  1.00 0.00 ? 77 GLU A HA   1 
ATOM   1145 H  HB2  . GLU A 1 77 ? -12.161 18.919  14.473  1.00 0.00 ? 77 GLU A HB2  1 
ATOM   1146 H  HB3  . GLU A 1 77 ? -12.022 17.272  15.082  1.00 0.00 ? 77 GLU A HB3  1 
ATOM   1147 H  HG2  . GLU A 1 77 ? -9.859  18.014  15.449  1.00 0.00 ? 77 GLU A HG2  1 
ATOM   1148 H  HG3  . GLU A 1 77 ? -9.683  17.373  13.815  1.00 0.00 ? 77 GLU A HG3  1 
ATOM   1149 N  N    . GLU A 1 78 ? -11.825 18.760  10.933  1.00 0.00 ? 78 GLU A N    1 
ATOM   1150 C  CA   . GLU A 1 78 ? -11.043 19.395  9.833   1.00 0.00 ? 78 GLU A CA   1 
ATOM   1151 C  C    . GLU A 1 78 ? -11.228 20.915  9.862   1.00 0.00 ? 78 GLU A C    1 
ATOM   1152 O  O    . GLU A 1 78 ? -12.158 21.448  9.290   1.00 0.00 ? 78 GLU A O    1 
ATOM   1153 C  CB   . GLU A 1 78 ? -11.621 18.809  8.546   1.00 0.00 ? 78 GLU A CB   1 
ATOM   1154 C  CG   . GLU A 1 78 ? -10.939 19.455  7.339   1.00 0.00 ? 78 GLU A CG   1 
ATOM   1155 C  CD   . GLU A 1 78 ? -10.526 18.371  6.342   1.00 0.00 ? 78 GLU A CD   1 
ATOM   1156 O  OE1  . GLU A 1 78 ? -9.915  17.403  6.767   1.00 0.00 ? 78 GLU A OE1  1 
ATOM   1157 O  OE2  . GLU A 1 78 ? -10.825 18.527  5.169   1.00 0.00 ? 78 GLU A OE2  1 
ATOM   1158 H  H    . GLU A 1 78 ? -12.798 18.873  10.971  1.00 0.00 ? 78 GLU A H    1 
ATOM   1159 H  HA   . GLU A 1 78 ? -9.999  19.141  9.917   1.00 0.00 ? 78 GLU A HA   1 
ATOM   1160 H  HB2  . GLU A 1 78 ? -11.451 17.742  8.530   1.00 0.00 ? 78 GLU A HB2  1 
ATOM   1161 H  HB3  . GLU A 1 78 ? -12.683 19.005  8.506   1.00 0.00 ? 78 GLU A HB3  1 
ATOM   1162 H  HG2  . GLU A 1 78 ? -11.625 20.140  6.862   1.00 0.00 ? 78 GLU A HG2  1 
ATOM   1163 H  HG3  . GLU A 1 78 ? -10.062 19.993  7.666   1.00 0.00 ? 78 GLU A HG3  1 
ATOM   1164 N  N    . ASP A 1 79 ? -10.349 21.616  10.523  1.00 0.00 ? 79 ASP A N    1 
ATOM   1165 C  CA   . ASP A 1 79 ? -10.473 23.101  10.587  1.00 0.00 ? 79 ASP A CA   1 
ATOM   1166 C  C    . ASP A 1 79 ? -11.834 23.491  11.169  1.00 0.00 ? 79 ASP A C    1 
ATOM   1167 O  O    . ASP A 1 79 ? -12.445 24.454  10.752  1.00 0.00 ? 79 ASP A O    1 
ATOM   1168 C  CB   . ASP A 1 79 ? -10.355 23.573  9.137   1.00 0.00 ? 79 ASP A CB   1 
ATOM   1169 C  CG   . ASP A 1 79 ? -9.416  24.779  9.067   1.00 0.00 ? 79 ASP A CG   1 
ATOM   1170 O  OD1  . ASP A 1 79 ? -8.987  25.233  10.115  1.00 0.00 ? 79 ASP A OD1  1 
ATOM   1171 O  OD2  . ASP A 1 79 ? -9.142  25.228  7.966   1.00 0.00 ? 79 ASP A OD2  1 
ATOM   1172 H  H    . ASP A 1 79 ? -9.606  21.167  10.978  1.00 0.00 ? 79 ASP A H    1 
ATOM   1173 H  HA   . ASP A 1 79 ? -9.675  23.523  11.178  1.00 0.00 ? 79 ASP A HA   1 
ATOM   1174 H  HB2  . ASP A 1 79 ? -9.960  22.772  8.529   1.00 0.00 ? 79 ASP A HB2  1 
ATOM   1175 H  HB3  . ASP A 1 79 ? -11.330 23.856  8.771   1.00 0.00 ? 79 ASP A HB3  1 
ATOM   1176 N  N    . VAL A 1 80 ? -12.312 22.750  12.132  1.00 0.00 ? 80 VAL A N    1 
ATOM   1177 C  CA   . VAL A 1 80 ? -13.631 23.080  12.739  1.00 0.00 ? 80 VAL A CA   1 
ATOM   1178 C  C    . VAL A 1 80 ? -13.477 24.220  13.749  1.00 0.00 ? 80 VAL A C    1 
ATOM   1179 O  O    . VAL A 1 80 ? -13.796 24.080  14.912  1.00 0.00 ? 80 VAL A O    1 
ATOM   1180 C  CB   . VAL A 1 80 ? -14.077 21.798  13.440  1.00 0.00 ? 80 VAL A CB   1 
ATOM   1181 C  CG1  . VAL A 1 80 ? -15.553 21.914  13.826  1.00 0.00 ? 80 VAL A CG1  1 
ATOM   1182 C  CG2  . VAL A 1 80 ? -13.888 20.610  12.494  1.00 0.00 ? 80 VAL A CG2  1 
ATOM   1183 H  H    . VAL A 1 80 ? -11.802 21.978  12.455  1.00 0.00 ? 80 VAL A H    1 
ATOM   1184 H  HA   . VAL A 1 80 ? -14.341 23.348  11.972  1.00 0.00 ? 80 VAL A HA   1 
ATOM   1185 H  HB   . VAL A 1 80 ? -13.483 21.649  14.331  1.00 0.00 ? 80 VAL A HB   1 
ATOM   1186 H  HG11 . VAL A 1 80 ? -15.685 22.748  14.499  1.00 0.00 ? 80 VAL A HG11 1 
ATOM   1187 H  HG12 . VAL A 1 80 ? -15.872 21.005  14.314  1.00 0.00 ? 80 VAL A HG12 1 
ATOM   1188 H  HG13 . VAL A 1 80 ? -16.146 22.072  12.937  1.00 0.00 ? 80 VAL A HG13 1 
ATOM   1189 H  HG21 . VAL A 1 80 ? -14.820 20.071  12.404  1.00 0.00 ? 80 VAL A HG21 1 
ATOM   1190 H  HG22 . VAL A 1 80 ? -13.128 19.953  12.888  1.00 0.00 ? 80 VAL A HG22 1 
ATOM   1191 H  HG23 . VAL A 1 80 ? -13.585 20.970  11.522  1.00 0.00 ? 80 VAL A HG23 1 
ATOM   1192 N  N    . ASP A 1 81 ? -12.988 25.348  13.311  1.00 0.00 ? 81 ASP A N    1 
ATOM   1193 C  CA   . ASP A 1 81 ? -12.811 26.498  14.245  1.00 0.00 ? 81 ASP A CA   1 
ATOM   1194 C  C    . ASP A 1 81 ? -14.140 27.233  14.441  1.00 0.00 ? 81 ASP A C    1 
ATOM   1195 O  O    . ASP A 1 81 ? -14.460 27.673  15.527  1.00 0.00 ? 81 ASP A O    1 
ATOM   1196 C  CB   . ASP A 1 81 ? -11.791 27.410  13.562  1.00 0.00 ? 81 ASP A CB   1 
ATOM   1197 C  CG   . ASP A 1 81 ? -10.631 27.685  14.521  1.00 0.00 ? 81 ASP A CG   1 
ATOM   1198 O  OD1  . ASP A 1 81 ? -10.899 28.017  15.664  1.00 0.00 ? 81 ASP A OD1  1 
ATOM   1199 O  OD2  . ASP A 1 81 ? -9.495  27.558  14.096  1.00 0.00 ? 81 ASP A OD2  1 
ATOM   1200 H  H    . ASP A 1 81 ? -12.736 25.439  12.369  1.00 0.00 ? 81 ASP A H    1 
ATOM   1201 H  HA   . ASP A 1 81 ? -12.425 26.158  15.192  1.00 0.00 ? 81 ASP A HA   1 
ATOM   1202 H  HB2  . ASP A 1 81 ? -11.417 26.927  12.671  1.00 0.00 ? 81 ASP A HB2  1 
ATOM   1203 H  HB3  . ASP A 1 81 ? -12.263 28.343  13.295  1.00 0.00 ? 81 ASP A HB3  1 
ATOM   1204 N  N    . LEU A 1 82 ? -14.915 27.371  13.399  1.00 0.00 ? 82 LEU A N    1 
ATOM   1205 C  CA   . LEU A 1 82 ? -16.219 28.082  13.532  1.00 0.00 ? 82 LEU A CA   1 
ATOM   1206 C  C    . LEU A 1 82 ? -17.373 27.152  13.134  1.00 0.00 ? 82 LEU A C    1 
ATOM   1207 O  O    . LEU A 1 82 ? -17.325 26.487  12.118  1.00 0.00 ? 82 LEU A O    1 
ATOM   1208 C  CB   . LEU A 1 82 ? -16.114 29.271  12.568  1.00 0.00 ? 82 LEU A CB   1 
ATOM   1209 C  CG   . LEU A 1 82 ? -17.511 29.732  12.143  1.00 0.00 ? 82 LEU A CG   1 
ATOM   1210 C  CD1  . LEU A 1 82 ? -17.585 31.260  12.177  1.00 0.00 ? 82 LEU A CD1  1 
ATOM   1211 C  CD2  . LEU A 1 82 ? -17.792 29.241  10.722  1.00 0.00 ? 82 LEU A CD2  1 
ATOM   1212 H  H    . LEU A 1 82 ? -14.638 27.012  12.530  1.00 0.00 ? 82 LEU A H    1 
ATOM   1213 H  HA   . LEU A 1 82 ? -16.353 28.437  14.541  1.00 0.00 ? 82 LEU A HA   1 
ATOM   1214 H  HB2  . LEU A 1 82 ? -15.602 30.085  13.059  1.00 0.00 ? 82 LEU A HB2  1 
ATOM   1215 H  HB3  . LEU A 1 82 ? -15.555 28.973  11.693  1.00 0.00 ? 82 LEU A HB3  1 
ATOM   1216 H  HG   . LEU A 1 82 ? -18.246 29.320  12.820  1.00 0.00 ? 82 LEU A HG   1 
ATOM   1217 H  HD11 . LEU A 1 82 ? -17.196 31.619  13.117  1.00 0.00 ? 82 LEU A HD11 1 
ATOM   1218 H  HD12 . LEU A 1 82 ? -18.614 31.571  12.072  1.00 0.00 ? 82 LEU A HD12 1 
ATOM   1219 H  HD13 . LEU A 1 82 ? -17.002 31.667  11.365  1.00 0.00 ? 82 LEU A HD13 1 
ATOM   1220 H  HD21 . LEU A 1 82 ? -17.772 28.162  10.703  1.00 0.00 ? 82 LEU A HD21 1 
ATOM   1221 H  HD22 . LEU A 1 82 ? -17.037 29.627  10.051  1.00 0.00 ? 82 LEU A HD22 1 
ATOM   1222 H  HD23 . LEU A 1 82 ? -18.765 29.588  10.406  1.00 0.00 ? 82 LEU A HD23 1 
ATOM   1223 N  N    . GLN A 1 83 ? -18.411 27.107  13.924  1.00 0.00 ? 83 GLN A N    1 
ATOM   1224 C  CA   . GLN A 1 83 ? -19.567 26.227  13.587  1.00 0.00 ? 83 GLN A CA   1 
ATOM   1225 C  C    . GLN A 1 83 ? -20.461 26.915  12.551  1.00 0.00 ? 83 GLN A C    1 
ATOM   1226 O  O    . GLN A 1 83 ? -21.489 27.474  12.878  1.00 0.00 ? 83 GLN A O    1 
ATOM   1227 C  CB   . GLN A 1 83 ? -20.319 26.038  14.905  1.00 0.00 ? 83 GLN A CB   1 
ATOM   1228 C  CG   . GLN A 1 83 ? -20.038 24.640  15.457  1.00 0.00 ? 83 GLN A CG   1 
ATOM   1229 C  CD   . GLN A 1 83 ? -19.308 24.756  16.797  1.00 0.00 ? 83 GLN A CD   1 
ATOM   1230 O  OE1  . GLN A 1 83 ? -18.110 24.573  16.866  1.00 0.00 ? 83 GLN A OE1  1 
ATOM   1231 N  NE2  . GLN A 1 83 ? -19.986 25.057  17.871  1.00 0.00 ? 83 GLN A NE2  1 
ATOM   1232 H  H    . GLN A 1 83 ? -18.432 27.654  14.737  1.00 0.00 ? 83 GLN A H    1 
ATOM   1233 H  HA   . GLN A 1 83 ? -19.223 25.273  13.217  1.00 0.00 ? 83 GLN A HA   1 
ATOM   1234 H  HB2  . GLN A 1 83 ? -19.986 26.779  15.617  1.00 0.00 ? 83 GLN A HB2  1 
ATOM   1235 H  HB3  . GLN A 1 83 ? -21.379 26.150  14.736  1.00 0.00 ? 83 GLN A HB3  1 
ATOM   1236 H  HG2  . GLN A 1 83 ? -20.972 24.115  15.599  1.00 0.00 ? 83 GLN A HG2  1 
ATOM   1237 H  HG3  . GLN A 1 83 ? -19.421 24.095  14.760  1.00 0.00 ? 83 GLN A HG3  1 
ATOM   1238 H  HE21 . GLN A 1 83 ? -20.953 25.205  17.816  1.00 0.00 ? 83 GLN A HE21 1 
ATOM   1239 H  HE22 . GLN A 1 83 ? -19.527 25.132  18.734  1.00 0.00 ? 83 GLN A HE22 1 
ATOM   1240 N  N    . ALA A 1 84 ? -20.073 26.884  11.304  1.00 0.00 ? 84 ALA A N    1 
ATOM   1241 C  CA   . ALA A 1 84 ? -20.897 27.542  10.249  1.00 0.00 ? 84 ALA A CA   1 
ATOM   1242 C  C    . ALA A 1 84 ? -22.242 26.827  10.101  1.00 0.00 ? 84 ALA A C    1 
ATOM   1243 O  O    . ALA A 1 84 ? -23.283 27.379  10.393  1.00 0.00 ? 84 ALA A O    1 
ATOM   1244 C  CB   . ALA A 1 84 ? -20.076 27.413  8.966   1.00 0.00 ? 84 ALA A CB   1 
ATOM   1245 H  H    . ALA A 1 84 ? -19.239 26.431  11.062  1.00 0.00 ? 84 ALA A H    1 
ATOM   1246 H  HA   . ALA A 1 84 ? -21.047 28.584  10.486  1.00 0.00 ? 84 ALA A HA   1 
ATOM   1247 H  HB1  . ALA A 1 84 ? -20.451 28.107  8.228   1.00 0.00 ? 84 ALA A HB1  1 
ATOM   1248 H  HB2  . ALA A 1 84 ? -20.159 26.405  8.587   1.00 0.00 ? 84 ALA A HB2  1 
ATOM   1249 H  HB3  . ALA A 1 84 ? -19.041 27.634  9.177   1.00 0.00 ? 84 ALA A HB3  1 
ATOM   1250 N  N    . CYS A 1 85 ? -22.225 25.606  9.644   1.00 0.00 ? 85 CYS A N    1 
ATOM   1251 C  CA   . CYS A 1 85 ? -23.504 24.856  9.472   1.00 0.00 ? 85 CYS A CA   1 
ATOM   1252 C  C    . CYS A 1 85 ? -24.239 24.740  10.809  1.00 0.00 ? 85 CYS A C    1 
ATOM   1253 O  O    . CYS A 1 85 ? -24.210 25.638  11.627  1.00 0.00 ? 85 CYS A O    1 
ATOM   1254 C  CB   . CYS A 1 85 ? -23.087 23.473  8.974   1.00 0.00 ? 85 CYS A CB   1 
ATOM   1255 S  SG   . CYS A 1 85 ? -22.071 23.648  7.487   1.00 0.00 ? 85 CYS A SG   1 
ATOM   1256 H  H    . CYS A 1 85 ? -21.373 25.180  9.410   1.00 0.00 ? 85 CYS A H    1 
ATOM   1257 H  HA   . CYS A 1 85 ? -24.128 25.339  8.738   1.00 0.00 ? 85 CYS A HA   1 
ATOM   1258 H  HB2  . CYS A 1 85 ? -22.518 22.969  9.742   1.00 0.00 ? 85 CYS A HB2  1 
ATOM   1259 H  HB3  . CYS A 1 85 ? -23.969 22.894  8.741   1.00 0.00 ? 85 CYS A HB3  1 
ATOM   1260 H  HG   . CYS A 1 85 ? -22.659 23.795  6.742   1.00 0.00 ? 85 CYS A HG   1 
ATOM   1261 N  N    . LYS A 1 86 ? -24.903 23.640  11.034  1.00 0.00 ? 86 LYS A N    1 
ATOM   1262 C  CA   . LYS A 1 86 ? -25.644 23.462  12.315  1.00 0.00 ? 86 LYS A CA   1 
ATOM   1263 C  C    . LYS A 1 86 ? -25.610 21.993  12.745  1.00 0.00 ? 86 LYS A C    1 
ATOM   1264 O  O    . LYS A 1 86 ? -26.629 21.335  12.826  1.00 0.00 ? 86 LYS A O    1 
ATOM   1265 C  CB   . LYS A 1 86 ? -27.076 23.897  12.004  1.00 0.00 ? 86 LYS A CB   1 
ATOM   1266 C  CG   . LYS A 1 86 ? -27.663 24.632  13.210  1.00 0.00 ? 86 LYS A CG   1 
ATOM   1267 C  CD   . LYS A 1 86 ? -28.943 23.927  13.663  1.00 0.00 ? 86 LYS A CD   1 
ATOM   1268 C  CE   . LYS A 1 86 ? -28.990 23.885  15.191  1.00 0.00 ? 86 LYS A CE   1 
ATOM   1269 N  NZ   . LYS A 1 86 ? -29.714 22.625  15.517  1.00 0.00 ? 86 LYS A NZ   1 
ATOM   1270 H  H    . LYS A 1 86 ? -24.914 22.929  10.359  1.00 0.00 ? 86 LYS A H    1 
ATOM   1271 H  HA   . LYS A 1 86 ? -25.226 24.091  13.084  1.00 0.00 ? 86 LYS A HA   1 
ATOM   1272 H  HB2  . LYS A 1 86 ? -27.073 24.555  11.148  1.00 0.00 ? 86 LYS A HB2  1 
ATOM   1273 H  HB3  . LYS A 1 86 ? -27.678 23.027  11.788  1.00 0.00 ? 86 LYS A HB3  1 
ATOM   1274 H  HG2  . LYS A 1 86 ? -26.946 24.631  14.018  1.00 0.00 ? 86 LYS A HG2  1 
ATOM   1275 H  HG3  . LYS A 1 86 ? -27.895 25.649  12.934  1.00 0.00 ? 86 LYS A HG3  1 
ATOM   1276 H  HD2  . LYS A 1 86 ? -29.802 24.465  13.288  1.00 0.00 ? 86 LYS A HD2  1 
ATOM   1277 H  HD3  . LYS A 1 86 ? -28.953 22.919  13.277  1.00 0.00 ? 86 LYS A HD3  1 
ATOM   1278 H  HE2  . LYS A 1 86 ? -27.988 23.862  15.597  1.00 0.00 ? 86 LYS A HE2  1 
ATOM   1279 H  HE3  . LYS A 1 86 ? -29.533 24.735  15.575  1.00 0.00 ? 86 LYS A HE3  1 
ATOM   1280 H  HZ1  . LYS A 1 86 ? -30.452 22.456  14.805  1.00 0.00 ? 86 LYS A HZ1  1 
ATOM   1281 H  HZ2  . LYS A 1 86 ? -30.151 22.710  16.459  1.00 0.00 ? 86 LYS A HZ2  1 
ATOM   1282 H  HZ3  . LYS A 1 86 ? -29.044 21.830  15.515  1.00 0.00 ? 86 LYS A HZ3  1 
ATOM   1283 N  N    . LEU A 1 87 ? -24.446 21.476  13.022  1.00 0.00 ? 87 LEU A N    1 
ATOM   1284 C  CA   . LEU A 1 87 ? -24.344 20.051  13.447  1.00 0.00 ? 87 LEU A CA   1 
ATOM   1285 C  C    . LEU A 1 87 ? -23.339 19.913  14.593  1.00 0.00 ? 87 LEU A C    1 
ATOM   1286 O  O    . LEU A 1 87 ? -22.164 19.690  14.379  1.00 0.00 ? 87 LEU A O    1 
ATOM   1287 C  CB   . LEU A 1 87 ? -23.850 19.302  12.209  1.00 0.00 ? 87 LEU A CB   1 
ATOM   1288 C  CG   . LEU A 1 87 ? -24.141 17.809  12.365  1.00 0.00 ? 87 LEU A CG   1 
ATOM   1289 C  CD1  . LEU A 1 87 ? -23.296 17.239  13.504  1.00 0.00 ? 87 LEU A CD1  1 
ATOM   1290 C  CD2  . LEU A 1 87 ? -25.624 17.612  12.685  1.00 0.00 ? 87 LEU A CD2  1 
ATOM   1291 H  H    . LEU A 1 87 ? -23.637 22.024  12.951  1.00 0.00 ? 87 LEU A H    1 
ATOM   1292 H  HA   . LEU A 1 87 ? -25.309 19.675  13.745  1.00 0.00 ? 87 LEU A HA   1 
ATOM   1293 H  HB2  . LEU A 1 87 ? -24.359 19.681  11.335  1.00 0.00 ? 87 LEU A HB2  1 
ATOM   1294 H  HB3  . LEU A 1 87 ? -22.786 19.450  12.100  1.00 0.00 ? 87 LEU A HB3  1 
ATOM   1295 H  HG   . LEU A 1 87 ? -23.898 17.297  11.446  1.00 0.00 ? 87 LEU A HG   1 
ATOM   1296 H  HD11 . LEU A 1 87 ? -23.811 17.386  14.443  1.00 0.00 ? 87 LEU A HD11 1 
ATOM   1297 H  HD12 . LEU A 1 87 ? -22.342 17.744  13.534  1.00 0.00 ? 87 LEU A HD12 1 
ATOM   1298 H  HD13 . LEU A 1 87 ? -23.138 16.183  13.342  1.00 0.00 ? 87 LEU A HD13 1 
ATOM   1299 H  HD21 . LEU A 1 87 ? -25.802 17.840  13.726  1.00 0.00 ? 87 LEU A HD21 1 
ATOM   1300 H  HD22 . LEU A 1 87 ? -25.903 16.588  12.489  1.00 0.00 ? 87 LEU A HD22 1 
ATOM   1301 H  HD23 . LEU A 1 87 ? -26.216 18.271  12.067  1.00 0.00 ? 87 LEU A HD23 1 
ATOM   1302 N  N    . ASN A 1 88 ? -23.792 20.047  15.809  1.00 0.00 ? 88 ASN A N    1 
ATOM   1303 C  CA   . ASN A 1 88 ? -22.864 19.924  16.970  1.00 0.00 ? 88 ASN A CA   1 
ATOM   1304 C  C    . ASN A 1 88 ? -21.906 18.749  16.759  1.00 0.00 ? 88 ASN A C    1 
ATOM   1305 O  O    . ASN A 1 88 ? -20.760 18.863  17.161  1.00 0.00 ? 88 ASN A O    1 
ATOM   1306 C  CB   . ASN A 1 88 ? -23.770 19.670  18.174  1.00 0.00 ? 88 ASN A CB   1 
ATOM   1307 C  CG   . ASN A 1 88 ? -24.320 18.245  18.110  1.00 0.00 ? 88 ASN A CG   1 
ATOM   1308 O  OD1  . ASN A 1 88 ? -23.640 17.302  18.466  1.00 0.00 ? 88 ASN A OD1  1 
ATOM   1309 N  ND2  . ASN A 1 88 ? -25.531 18.046  17.668  1.00 0.00 ? 88 ASN A ND2  1 
ATOM   1310 O  OXT  . ASN A 1 88 ? -22.334 17.755  16.197  1.00 0.00 ? 88 ASN A OXT  1 
ATOM   1311 H  H    . ASN A 1 88 ? -24.743 20.227  15.961  1.00 0.00 ? 88 ASN A H    1 
ATOM   1312 H  HA   . ASN A 1 88 ? -22.312 20.841  17.109  1.00 0.00 ? 88 ASN A HA   1 
ATOM   1313 H  HB2  . ASN A 1 88 ? -23.204 19.798  19.085  1.00 0.00 ? 88 ASN A HB2  1 
ATOM   1314 H  HB3  . ASN A 1 88 ? -24.592 20.370  18.160  1.00 0.00 ? 88 ASN A HB3  1 
ATOM   1315 H  HD21 . ASN A 1 88 ? -26.077 18.807  17.380  1.00 0.00 ? 88 ASN A HD21 1 
ATOM   1316 H  HD22 . ASN A 1 88 ? -25.894 17.137  17.622  1.00 0.00 ? 88 ASN A HD22 1 
HETATM 1317 ZN ZN   . ZN  B 2 .  ? -9.158  0.165   3.908   1.00 0.00 ? 89 ZN  A ZN   1 
HETATM 1318 ZN ZN   . ZN  C 2 .  ? 0.084   -9.701  6.020   1.00 0.00 ? 90 ZN  A ZN   1 
# 
